data_5MQZ
#
_entry.id   5MQZ
#
_cell.length_a   72.920
_cell.length_b   139.120
_cell.length_c   167.570
_cell.angle_alpha   90.00
_cell.angle_beta   90.00
_cell.angle_gamma   90.00
#
_symmetry.space_group_name_H-M   'P 21 21 21'
#
loop_
_entity.id
_entity.type
_entity.pdbx_description
1 polymer 'Putative branched-chain-amino-acid aminotransferase'
2 non-polymer 'CHLORIDE ION'
3 non-polymer DI(HYDROXYETHYL)ETHER
4 non-polymer TRIS(HYDROXYETHYL)AMINOMETHANE
5 non-polymer 1,2-ETHANEDIOL
6 water water
#
_entity_poly.entity_id   1
_entity_poly.type   'polypeptide(L)'
_entity_poly.pdbx_seq_one_letter_code
;MLYVYMDGEFVPENEAKVSIFDHGFLYGDGVFEGIRAYNGRVFRLKEHIDRLYDSAKAIDLEIPITKEEFMEIILETLRK
NNLRDAYIRPIVTRGIGDLGLDPRKCQNPSIIVITKPWGKLYGDLYEKGLTAITVAVRRNSFDALPPNI(LLP)SLNYLN
NILAKIEANAKGGDEAIFLDRNGYVSEGSGDNIFVVKNGAITTPPTINNLRGITREAVIEIINRLGIPFKETNIGLYDLY
TADEVFVTGTAAEIAPIVVIDGRKIGDGKPGEITRKLMEEFSKLTESEGVPIYE
;
_entity_poly.pdbx_strand_id   A,B,C,D,E,F
#
# COMPACT_ATOMS: atom_id res chain seq x y z
N MET A 1 0.67 -6.85 -50.98
CA MET A 1 -0.11 -8.12 -50.77
C MET A 1 -1.13 -8.14 -49.63
N LEU A 2 -0.75 -7.82 -48.39
CA LEU A 2 -1.75 -7.59 -47.35
C LEU A 2 -2.17 -6.14 -47.16
N TYR A 3 -3.48 -5.94 -47.13
CA TYR A 3 -4.03 -4.60 -46.97
C TYR A 3 -4.47 -4.39 -45.52
N VAL A 4 -4.34 -3.15 -45.09
CA VAL A 4 -4.75 -2.68 -43.78
C VAL A 4 -5.86 -1.66 -44.02
N TYR A 5 -6.95 -1.78 -43.30
CA TYR A 5 -7.95 -0.70 -43.28
C TYR A 5 -7.44 0.49 -42.49
N MET A 6 -7.43 1.66 -43.11
CA MET A 6 -6.98 2.90 -42.48
C MET A 6 -7.88 4.04 -42.90
N ASP A 7 -8.81 4.39 -42.01
CA ASP A 7 -9.70 5.53 -42.21
C ASP A 7 -10.48 5.53 -43.53
N GLY A 8 -11.07 4.39 -43.90
CA GLY A 8 -11.90 4.34 -45.08
C GLY A 8 -11.23 3.78 -46.33
N GLU A 9 -9.90 3.62 -46.32
CA GLU A 9 -9.18 3.06 -47.44
C GLU A 9 -8.38 1.82 -47.07
N PHE A 10 -8.24 0.91 -48.02
CA PHE A 10 -7.32 -0.20 -47.89
C PHE A 10 -5.93 0.18 -48.38
N VAL A 11 -4.93 -0.04 -47.54
CA VAL A 11 -3.58 0.44 -47.80
C VAL A 11 -2.67 -0.78 -47.61
N PRO A 12 -1.71 -0.97 -48.52
CA PRO A 12 -0.76 -2.07 -48.33
C PRO A 12 0.02 -1.90 -47.01
N GLU A 13 0.30 -3.01 -46.32
CA GLU A 13 1.04 -3.02 -45.05
CA GLU A 13 1.04 -3.02 -45.05
C GLU A 13 2.26 -2.11 -45.00
N ASN A 14 3.05 -2.13 -46.08
CA ASN A 14 4.30 -1.38 -46.16
CA ASN A 14 4.30 -1.38 -46.18
C ASN A 14 4.08 0.11 -46.23
N GLU A 15 2.84 0.52 -46.52
CA GLU A 15 2.50 1.93 -46.59
C GLU A 15 1.55 2.34 -45.48
N ALA A 16 1.15 1.38 -44.65
CA ALA A 16 0.21 1.65 -43.56
C ALA A 16 0.94 2.45 -42.46
N LYS A 17 0.74 3.77 -42.48
CA LYS A 17 1.45 4.68 -41.61
C LYS A 17 0.49 5.67 -40.98
N VAL A 18 0.85 6.19 -39.81
CA VAL A 18 -0.01 7.11 -39.06
C VAL A 18 0.82 8.37 -38.84
N SER A 19 0.18 9.53 -38.84
CA SER A 19 0.86 10.78 -38.57
C SER A 19 1.55 10.71 -37.19
N ILE A 20 2.79 11.19 -37.13
CA ILE A 20 3.48 11.26 -35.85
C ILE A 20 2.82 12.27 -34.90
N PHE A 21 1.87 13.06 -35.40
CA PHE A 21 1.16 14.02 -34.58
C PHE A 21 -0.13 13.45 -34.01
N ASP A 22 -0.46 12.20 -34.41
CA ASP A 22 -1.57 11.51 -33.78
C ASP A 22 -1.18 11.24 -32.31
N HIS A 23 -2.07 11.58 -31.39
CA HIS A 23 -1.87 11.34 -29.96
C HIS A 23 -1.75 9.85 -29.59
N GLY A 24 -2.32 8.99 -30.43
CA GLY A 24 -2.15 7.55 -30.34
C GLY A 24 -0.67 7.19 -30.44
N PHE A 25 0.09 7.93 -31.24
CA PHE A 25 1.51 7.70 -31.35
C PHE A 25 2.30 8.48 -30.26
N LEU A 26 2.04 9.77 -30.11
CA LEU A 26 2.76 10.62 -29.16
C LEU A 26 2.64 10.18 -27.69
N TYR A 27 1.46 9.68 -27.32
CA TYR A 27 1.11 9.42 -25.93
C TYR A 27 0.49 8.07 -25.67
N GLY A 28 0.44 7.21 -26.71
CA GLY A 28 -0.22 5.91 -26.63
C GLY A 28 -1.70 6.10 -26.37
N ASP A 29 -2.24 7.24 -26.80
CA ASP A 29 -3.61 7.59 -26.51
C ASP A 29 -4.55 6.95 -27.54
N GLY A 30 -4.90 5.72 -27.29
CA GLY A 30 -5.74 4.97 -28.20
C GLY A 30 -6.02 3.62 -27.59
N VAL A 31 -6.88 2.85 -28.23
CA VAL A 31 -7.32 1.53 -27.74
C VAL A 31 -7.18 0.52 -28.87
N PHE A 32 -7.08 -0.75 -28.53
CA PHE A 32 -6.97 -1.81 -29.50
C PHE A 32 -7.63 -3.10 -29.00
N GLU A 33 -7.79 -4.04 -29.90
CA GLU A 33 -8.28 -5.36 -29.61
C GLU A 33 -7.42 -6.37 -30.34
N GLY A 34 -7.55 -7.62 -29.92
CA GLY A 34 -6.91 -8.74 -30.60
C GLY A 34 -8.01 -9.74 -30.79
N ILE A 35 -8.26 -10.08 -32.06
CA ILE A 35 -9.39 -10.97 -32.43
C ILE A 35 -8.87 -12.08 -33.35
N ARG A 36 -9.43 -13.28 -33.20
CA ARG A 36 -9.06 -14.39 -34.07
CA ARG A 36 -9.06 -14.39 -34.07
C ARG A 36 -10.16 -14.87 -35.02
N ALA A 37 -9.76 -15.10 -36.26
CA ALA A 37 -10.60 -15.76 -37.29
C ALA A 37 -10.13 -17.20 -37.41
N TYR A 38 -11.07 -18.12 -37.26
CA TYR A 38 -10.81 -19.57 -37.43
C TYR A 38 -11.74 -20.12 -38.52
N ASN A 39 -11.16 -20.77 -39.53
CA ASN A 39 -11.92 -21.46 -40.58
CA ASN A 39 -11.92 -21.46 -40.59
C ASN A 39 -13.06 -20.59 -41.12
N GLY A 40 -12.75 -19.38 -41.55
CA GLY A 40 -13.76 -18.47 -42.06
C GLY A 40 -14.76 -17.85 -41.10
N ARG A 41 -14.61 -18.12 -39.81
CA ARG A 41 -15.42 -17.46 -38.76
CA ARG A 41 -15.42 -17.46 -38.76
C ARG A 41 -14.64 -16.50 -37.81
N VAL A 42 -15.22 -15.42 -37.27
CA VAL A 42 -14.48 -14.54 -36.40
C VAL A 42 -14.98 -14.89 -35.03
N PHE A 43 -14.06 -15.41 -34.21
CA PHE A 43 -14.42 -15.88 -32.86
C PHE A 43 -14.71 -14.71 -31.90
N ARG A 44 -15.93 -14.70 -31.36
CA ARG A 44 -16.39 -13.73 -30.34
CA ARG A 44 -16.39 -13.73 -30.34
C ARG A 44 -16.22 -12.28 -30.78
N LEU A 45 -16.50 -12.01 -32.04
CA LEU A 45 -16.35 -10.68 -32.61
C LEU A 45 -17.09 -9.58 -31.84
N LYS A 46 -18.33 -9.86 -31.49
CA LYS A 46 -19.19 -8.89 -30.82
CA LYS A 46 -19.18 -8.88 -30.81
C LYS A 46 -18.63 -8.55 -29.40
N GLU A 47 -18.19 -9.57 -28.67
CA GLU A 47 -17.56 -9.42 -27.36
C GLU A 47 -16.32 -8.53 -27.44
N HIS A 48 -15.47 -8.76 -28.45
CA HIS A 48 -14.28 -7.93 -28.63
C HIS A 48 -14.61 -6.50 -28.97
N ILE A 49 -15.63 -6.30 -29.80
CA ILE A 49 -16.05 -4.98 -30.19
C ILE A 49 -16.67 -4.26 -28.98
N ASP A 50 -17.41 -4.97 -28.15
CA ASP A 50 -17.96 -4.39 -26.92
C ASP A 50 -16.83 -3.90 -26.02
N ARG A 51 -15.79 -4.72 -25.89
CA ARG A 51 -14.66 -4.37 -25.05
C ARG A 51 -13.91 -3.18 -25.63
N LEU A 52 -13.76 -3.13 -26.96
CA LEU A 52 -13.11 -2.00 -27.62
C LEU A 52 -13.81 -0.69 -27.27
N TYR A 53 -15.14 -0.68 -27.33
CA TYR A 53 -15.93 0.49 -26.99
C TYR A 53 -15.84 0.83 -25.51
N ASP A 54 -15.75 -0.19 -24.67
CA ASP A 54 -15.54 0.00 -23.22
C ASP A 54 -14.18 0.62 -22.96
N SER A 55 -13.14 0.14 -23.64
CA SER A 55 -11.80 0.72 -23.49
C SER A 55 -11.84 2.18 -23.89
N ALA A 56 -12.52 2.49 -25.01
CA ALA A 56 -12.62 3.87 -25.50
C ALA A 56 -13.38 4.75 -24.49
N LYS A 57 -14.46 4.22 -23.95
CA LYS A 57 -15.26 4.94 -22.96
C LYS A 57 -14.39 5.25 -21.71
N ALA A 58 -13.59 4.28 -21.27
CA ALA A 58 -12.74 4.45 -20.11
C ALA A 58 -11.74 5.59 -20.29
N ILE A 59 -11.25 5.80 -21.51
CA ILE A 59 -10.33 6.90 -21.76
C ILE A 59 -11.02 8.13 -22.39
N ASP A 60 -12.34 8.15 -22.29
CA ASP A 60 -13.20 9.22 -22.82
C ASP A 60 -12.96 9.50 -24.31
N LEU A 61 -12.85 8.45 -25.09
CA LEU A 61 -12.62 8.57 -26.52
C LEU A 61 -13.89 8.13 -27.23
N GLU A 62 -14.42 8.97 -28.09
CA GLU A 62 -15.60 8.60 -28.86
C GLU A 62 -15.22 7.95 -30.18
N ILE A 63 -15.60 6.69 -30.36
CA ILE A 63 -15.28 5.97 -31.61
C ILE A 63 -16.26 6.54 -32.66
N PRO A 64 -15.74 7.06 -33.78
CA PRO A 64 -16.65 7.80 -34.66
C PRO A 64 -17.64 6.96 -35.49
N ILE A 65 -17.61 5.63 -35.38
CA ILE A 65 -18.57 4.76 -36.08
C ILE A 65 -19.30 3.86 -35.10
N THR A 66 -20.35 3.19 -35.56
CA THR A 66 -21.14 2.33 -34.68
C THR A 66 -20.47 0.96 -34.63
N LYS A 67 -20.87 0.15 -33.66
CA LYS A 67 -20.32 -1.19 -33.49
C LYS A 67 -20.58 -2.09 -34.71
N GLU A 68 -21.81 -1.98 -35.27
CA GLU A 68 -22.22 -2.72 -36.49
CA GLU A 68 -22.21 -2.71 -36.49
C GLU A 68 -21.29 -2.31 -37.65
N GLU A 69 -21.07 -1.00 -37.81
CA GLU A 69 -20.13 -0.54 -38.83
C GLU A 69 -18.72 -1.06 -38.60
N PHE A 70 -18.28 -1.11 -37.34
CA PHE A 70 -16.95 -1.59 -37.00
C PHE A 70 -16.81 -3.07 -37.34
N MET A 71 -17.84 -3.85 -37.00
CA MET A 71 -17.86 -5.27 -37.35
C MET A 71 -17.78 -5.49 -38.87
N GLU A 72 -18.54 -4.70 -39.64
CA GLU A 72 -18.52 -4.80 -41.09
CA GLU A 72 -18.52 -4.79 -41.10
C GLU A 72 -17.13 -4.47 -41.65
N ILE A 73 -16.48 -3.44 -41.10
CA ILE A 73 -15.11 -3.07 -41.53
C ILE A 73 -14.11 -4.19 -41.28
N ILE A 74 -14.28 -4.89 -40.16
CA ILE A 74 -13.39 -6.00 -39.84
C ILE A 74 -13.56 -7.13 -40.84
N LEU A 75 -14.81 -7.51 -41.12
CA LEU A 75 -15.15 -8.58 -42.08
C LEU A 75 -14.68 -8.24 -43.49
N GLU A 76 -14.93 -6.99 -43.91
CA GLU A 76 -14.44 -6.44 -45.17
C GLU A 76 -12.93 -6.53 -45.32
N THR A 77 -12.19 -6.27 -44.24
CA THR A 77 -10.74 -6.29 -44.29
C THR A 77 -10.25 -7.74 -44.45
N LEU A 78 -10.94 -8.67 -43.80
CA LEU A 78 -10.59 -10.08 -43.89
C LEU A 78 -10.90 -10.58 -45.32
N ARG A 79 -12.05 -10.15 -45.86
CA ARG A 79 -12.43 -10.44 -47.26
C ARG A 79 -11.42 -9.91 -48.28
N LYS A 80 -11.13 -8.61 -48.21
CA LYS A 80 -10.11 -8.02 -49.09
C LYS A 80 -8.79 -8.77 -49.10
N ASN A 81 -8.41 -9.41 -47.99
CA ASN A 81 -7.13 -10.14 -47.95
C ASN A 81 -7.33 -11.63 -48.15
N ASN A 82 -8.58 -12.03 -48.39
CA ASN A 82 -8.96 -13.43 -48.57
CA ASN A 82 -8.97 -13.44 -48.57
C ASN A 82 -8.48 -14.33 -47.44
N LEU A 83 -8.74 -13.95 -46.18
CA LEU A 83 -8.25 -14.75 -45.07
C LEU A 83 -9.37 -15.55 -44.50
N ARG A 84 -9.04 -16.71 -43.97
CA ARG A 84 -9.99 -17.57 -43.27
CA ARG A 84 -9.99 -17.57 -43.27
C ARG A 84 -9.51 -17.80 -41.84
N ASP A 85 -8.18 -17.82 -41.71
CA ASP A 85 -7.50 -18.01 -40.44
C ASP A 85 -6.57 -16.85 -40.22
N ALA A 86 -6.95 -15.96 -39.30
CA ALA A 86 -6.24 -14.69 -39.10
C ALA A 86 -6.26 -14.17 -37.66
N TYR A 87 -5.32 -13.26 -37.39
CA TYR A 87 -5.31 -12.40 -36.22
C TYR A 87 -5.69 -11.00 -36.68
N ILE A 88 -6.65 -10.43 -35.99
CA ILE A 88 -7.18 -9.10 -36.30
C ILE A 88 -6.86 -8.14 -35.15
N ARG A 89 -6.31 -6.98 -35.49
CA ARG A 89 -5.96 -5.94 -34.54
C ARG A 89 -6.64 -4.62 -34.95
N PRO A 90 -7.88 -4.40 -34.50
CA PRO A 90 -8.46 -3.08 -34.65
C PRO A 90 -7.81 -2.11 -33.66
N ILE A 91 -7.58 -0.89 -34.11
CA ILE A 91 -6.99 0.17 -33.32
C ILE A 91 -7.83 1.41 -33.56
N VAL A 92 -8.12 2.15 -32.48
CA VAL A 92 -8.72 3.47 -32.57
C VAL A 92 -7.81 4.43 -31.83
N THR A 93 -7.41 5.53 -32.50
CA THR A 93 -6.53 6.52 -31.89
C THR A 93 -7.30 7.76 -31.53
N ARG A 94 -6.75 8.60 -30.66
CA ARG A 94 -7.39 9.84 -30.27
C ARG A 94 -7.42 10.80 -31.50
N GLY A 95 -6.40 10.70 -32.35
CA GLY A 95 -6.30 11.52 -33.55
C GLY A 95 -5.27 12.62 -33.40
N ILE A 96 -5.08 13.36 -34.48
CA ILE A 96 -4.13 14.48 -34.54
C ILE A 96 -4.64 15.66 -33.72
N GLY A 97 -3.74 16.22 -32.92
CA GLY A 97 -3.97 17.43 -32.17
C GLY A 97 -2.63 18.15 -32.07
N ASP A 98 -2.54 19.11 -31.17
CA ASP A 98 -1.29 19.80 -30.87
CA ASP A 98 -1.28 19.80 -30.89
C ASP A 98 -0.29 18.94 -30.06
N LEU A 99 0.87 19.51 -29.75
CA LEU A 99 1.87 18.77 -29.03
C LEU A 99 1.67 18.66 -27.52
N GLY A 100 0.60 19.20 -26.98
CA GLY A 100 0.33 18.98 -25.55
C GLY A 100 -0.48 17.69 -25.35
N LEU A 101 -0.72 17.30 -24.12
CA LEU A 101 -1.44 16.06 -23.87
CA LEU A 101 -1.43 16.06 -23.86
C LEU A 101 -2.96 16.21 -23.83
N ASP A 102 -3.47 17.45 -23.79
CA ASP A 102 -4.90 17.69 -23.74
C ASP A 102 -5.68 17.03 -24.91
N PRO A 103 -6.58 16.06 -24.61
CA PRO A 103 -7.26 15.38 -25.70
C PRO A 103 -8.36 16.23 -26.34
N ARG A 104 -8.73 17.34 -25.73
CA ARG A 104 -9.69 18.28 -26.31
C ARG A 104 -9.22 18.93 -27.63
N LYS A 105 -7.94 19.07 -27.81
CA LYS A 105 -7.39 19.60 -29.05
CA LYS A 105 -7.39 19.60 -29.05
C LYS A 105 -7.30 18.55 -30.18
N CYS A 106 -7.72 17.33 -29.91
CA CYS A 106 -7.67 16.26 -30.91
C CYS A 106 -9.00 16.18 -31.64
N GLN A 107 -8.87 16.13 -32.96
N GLN A 107 -8.92 16.11 -32.95
CA GLN A 107 -9.94 15.95 -33.86
CA GLN A 107 -10.17 16.13 -33.73
C GLN A 107 -9.62 14.68 -34.66
C GLN A 107 -10.82 14.80 -34.20
N ASN A 108 -10.69 14.05 -35.08
N ASN A 108 -10.11 14.03 -35.02
CA ASN A 108 -10.74 12.88 -35.96
CA ASN A 108 -10.69 12.98 -35.80
C ASN A 108 -9.93 11.69 -35.50
C ASN A 108 -9.93 11.69 -35.48
N PRO A 109 -10.53 10.86 -34.60
CA PRO A 109 -9.90 9.60 -34.21
C PRO A 109 -9.61 8.74 -35.44
N SER A 110 -8.43 8.16 -35.57
CA SER A 110 -8.20 7.17 -36.64
C SER A 110 -8.73 5.80 -36.30
N ILE A 111 -9.30 5.14 -37.30
CA ILE A 111 -9.77 3.77 -37.22
C ILE A 111 -8.88 2.92 -38.13
N ILE A 112 -8.23 1.93 -37.55
CA ILE A 112 -7.26 1.06 -38.19
C ILE A 112 -7.65 -0.40 -37.96
N VAL A 113 -7.62 -1.23 -39.01
CA VAL A 113 -7.82 -2.67 -38.86
C VAL A 113 -6.70 -3.42 -39.57
N ILE A 114 -5.88 -4.10 -38.78
CA ILE A 114 -4.80 -4.97 -39.24
C ILE A 114 -5.30 -6.41 -39.22
N THR A 115 -5.05 -7.16 -40.30
CA THR A 115 -5.36 -8.60 -40.37
C THR A 115 -4.13 -9.29 -40.93
N LYS A 116 -3.66 -10.29 -40.21
CA LYS A 116 -2.44 -11.03 -40.55
C LYS A 116 -2.84 -12.48 -40.51
N PRO A 117 -2.33 -13.30 -41.46
CA PRO A 117 -2.62 -14.73 -41.44
C PRO A 117 -2.06 -15.38 -40.19
N TRP A 118 -2.81 -16.30 -39.60
CA TRP A 118 -2.44 -16.96 -38.38
C TRP A 118 -2.62 -18.40 -38.57
N GLY A 119 -1.56 -19.15 -38.88
CA GLY A 119 -1.71 -20.55 -39.33
C GLY A 119 -1.44 -21.62 -38.29
N GLY A 123 2.13 -25.20 -32.00
CA GLY A 123 2.10 -25.76 -30.67
C GLY A 123 3.19 -26.70 -30.21
N ASP A 124 4.45 -26.39 -30.54
CA ASP A 124 5.65 -27.09 -30.02
C ASP A 124 5.87 -26.78 -28.51
N LEU A 125 5.69 -25.51 -28.13
CA LEU A 125 5.71 -25.09 -26.74
C LEU A 125 4.50 -25.53 -25.94
N TYR A 126 3.41 -25.95 -26.60
CA TYR A 126 2.17 -26.41 -25.93
C TYR A 126 2.15 -27.87 -25.58
N GLU A 127 3.05 -28.66 -26.16
CA GLU A 127 3.17 -30.08 -25.81
C GLU A 127 4.07 -30.16 -24.60
N LYS A 128 5.09 -29.31 -24.59
CA LYS A 128 6.05 -29.26 -23.48
CA LYS A 128 6.05 -29.26 -23.49
C LYS A 128 5.59 -28.32 -22.35
N GLY A 129 4.87 -27.25 -22.71
CA GLY A 129 4.47 -26.18 -21.77
C GLY A 129 5.52 -25.07 -21.65
N LEU A 130 5.09 -23.93 -21.12
CA LEU A 130 5.97 -22.76 -21.01
C LEU A 130 6.58 -22.64 -19.64
N THR A 131 7.76 -22.02 -19.61
CA THR A 131 8.40 -21.57 -18.35
CA THR A 131 8.40 -21.55 -18.35
C THR A 131 7.99 -20.09 -18.05
N ALA A 132 7.56 -19.79 -16.80
CA ALA A 132 7.21 -18.45 -16.46
C ALA A 132 8.08 -17.96 -15.31
N ILE A 133 8.27 -16.64 -15.28
CA ILE A 133 8.91 -16.01 -14.14
C ILE A 133 8.01 -14.93 -13.61
N THR A 134 8.06 -14.71 -12.31
CA THR A 134 7.31 -13.60 -11.71
CA THR A 134 7.31 -13.60 -11.71
C THR A 134 8.22 -12.36 -11.79
N VAL A 135 7.68 -11.23 -12.19
CA VAL A 135 8.53 -10.03 -12.36
C VAL A 135 8.52 -9.12 -11.15
N ALA A 136 9.52 -8.26 -11.07
CA ALA A 136 9.61 -7.28 -9.99
C ALA A 136 8.63 -6.13 -10.19
N VAL A 137 8.41 -5.71 -11.44
CA VAL A 137 7.40 -4.68 -11.72
C VAL A 137 6.03 -5.18 -11.39
N ARG A 138 5.25 -4.34 -10.70
CA ARG A 138 3.86 -4.66 -10.44
C ARG A 138 3.05 -4.26 -11.69
N ARG A 139 1.87 -4.83 -11.81
CA ARG A 139 0.95 -4.47 -12.88
C ARG A 139 0.49 -3.01 -12.65
N ASN A 140 0.31 -2.26 -13.75
CA ASN A 140 -0.33 -0.93 -13.68
C ASN A 140 -1.53 -1.03 -12.75
N SER A 141 -1.66 -0.09 -11.84
CA SER A 141 -2.74 -0.09 -10.89
C SER A 141 -4.12 0.21 -11.51
N PHE A 142 -5.15 -0.46 -10.96
CA PHE A 142 -6.53 -0.22 -11.29
C PHE A 142 -7.01 1.16 -10.78
N ASP A 143 -6.16 1.88 -10.02
CA ASP A 143 -6.47 3.29 -9.66
C ASP A 143 -5.45 4.31 -10.26
N ALA A 144 -4.66 3.87 -11.27
CA ALA A 144 -3.64 4.70 -11.91
C ALA A 144 -3.80 4.65 -13.44
N LEU A 145 -3.64 3.47 -14.01
CA LEU A 145 -3.80 3.30 -15.43
C LEU A 145 -4.47 1.93 -15.55
N PRO A 146 -5.81 1.88 -15.39
CA PRO A 146 -6.48 0.61 -15.19
C PRO A 146 -6.15 -0.46 -16.25
N PRO A 147 -5.64 -1.63 -15.82
CA PRO A 147 -5.29 -2.64 -16.83
C PRO A 147 -6.51 -3.21 -17.58
N ASN A 148 -7.72 -2.98 -17.07
CA ASN A 148 -8.92 -3.36 -17.79
C ASN A 148 -9.06 -2.66 -19.16
N ILE A 149 -8.42 -1.48 -19.33
CA ILE A 149 -8.40 -0.74 -20.61
C ILE A 149 -7.35 -1.41 -21.50
N SER A 151 -5.30 -0.51 -23.97
CA SER A 151 -4.89 0.75 -24.59
C SER A 151 -3.55 0.57 -25.28
N LEU A 152 -3.10 1.59 -26.00
CA LEU A 152 -1.78 1.58 -26.61
C LEU A 152 -0.67 1.82 -25.56
N ASN A 153 -1.02 1.98 -24.28
CA ASN A 153 -0.02 2.08 -23.22
C ASN A 153 0.34 0.68 -22.75
N TYR A 154 1.30 0.03 -23.43
CA TYR A 154 1.69 -1.34 -23.07
C TYR A 154 3.11 -1.48 -22.56
N LEU A 155 3.71 -0.37 -22.18
CA LEU A 155 5.08 -0.44 -21.69
C LEU A 155 5.24 -1.21 -20.37
N ASN A 156 4.21 -1.21 -19.52
CA ASN A 156 4.25 -2.02 -18.27
C ASN A 156 4.44 -3.50 -18.66
N ASN A 157 3.69 -3.94 -19.66
CA ASN A 157 3.72 -5.33 -20.19
C ASN A 157 5.05 -5.63 -20.83
N ILE A 158 5.58 -4.65 -21.55
CA ILE A 158 6.90 -4.76 -22.22
C ILE A 158 8.03 -4.86 -21.22
N LEU A 159 7.99 -4.04 -20.17
CA LEU A 159 8.99 -4.17 -19.10
C LEU A 159 9.00 -5.55 -18.47
N ALA A 160 7.82 -6.12 -18.26
CA ALA A 160 7.68 -7.47 -17.71
C ALA A 160 8.27 -8.47 -18.71
N LYS A 161 7.95 -8.29 -19.99
CA LYS A 161 8.51 -9.15 -21.03
C LYS A 161 10.05 -9.05 -21.10
N ILE A 162 10.60 -7.84 -20.94
CA ILE A 162 12.04 -7.63 -20.94
C ILE A 162 12.65 -8.42 -19.77
N GLU A 163 12.02 -8.34 -18.60
CA GLU A 163 12.46 -9.10 -17.43
C GLU A 163 12.43 -10.59 -17.75
N ALA A 164 11.35 -11.09 -18.33
CA ALA A 164 11.23 -12.52 -18.67
C ALA A 164 12.34 -12.97 -19.66
N ASN A 165 12.59 -12.16 -20.71
CA ASN A 165 13.66 -12.42 -21.68
C ASN A 165 15.00 -12.53 -20.95
N ALA A 166 15.28 -11.65 -20.01
CA ALA A 166 16.55 -11.63 -19.30
C ALA A 166 16.63 -12.72 -18.25
N LYS A 167 15.50 -13.25 -17.81
CA LYS A 167 15.49 -14.10 -16.63
C LYS A 167 15.11 -15.53 -16.94
N GLY A 168 15.06 -15.87 -18.22
CA GLY A 168 14.82 -17.23 -18.66
C GLY A 168 13.38 -17.68 -18.64
N GLY A 169 12.43 -16.78 -18.78
CA GLY A 169 11.04 -17.22 -18.85
C GLY A 169 10.47 -16.95 -20.21
N ASP A 170 9.58 -17.84 -20.65
CA ASP A 170 8.82 -17.63 -21.88
C ASP A 170 7.75 -16.61 -21.62
N GLU A 171 7.28 -16.50 -20.39
CA GLU A 171 6.21 -15.59 -19.99
C GLU A 171 6.56 -14.95 -18.63
N ALA A 172 6.05 -13.76 -18.43
CA ALA A 172 6.17 -12.99 -17.20
C ALA A 172 4.85 -13.08 -16.44
N ILE A 173 4.91 -13.20 -15.11
CA ILE A 173 3.72 -13.12 -14.30
C ILE A 173 3.79 -11.89 -13.39
N PHE A 174 2.75 -11.06 -13.42
CA PHE A 174 2.65 -9.86 -12.61
C PHE A 174 1.92 -10.14 -11.29
N LEU A 175 2.35 -9.50 -10.23
CA LEU A 175 1.57 -9.23 -9.05
C LEU A 175 1.03 -7.81 -9.18
N ASP A 176 0.02 -7.47 -8.41
CA ASP A 176 -0.57 -6.12 -8.46
C ASP A 176 -0.03 -5.25 -7.31
N ARG A 177 -0.53 -4.00 -7.25
CA ARG A 177 -0.07 -3.00 -6.27
CA ARG A 177 -0.07 -3.00 -6.27
C ARG A 177 -0.32 -3.44 -4.81
N ASN A 178 -1.21 -4.42 -4.61
CA ASN A 178 -1.58 -4.91 -3.27
C ASN A 178 -0.97 -6.30 -2.97
N GLY A 179 -0.10 -6.78 -3.88
CA GLY A 179 0.60 -8.06 -3.72
C GLY A 179 -0.08 -9.31 -4.25
N TYR A 180 -1.26 -9.16 -4.86
CA TYR A 180 -2.02 -10.32 -5.41
C TYR A 180 -1.56 -10.61 -6.83
N VAL A 181 -1.67 -11.86 -7.24
CA VAL A 181 -1.39 -12.26 -8.62
C VAL A 181 -2.38 -11.55 -9.53
N SER A 182 -1.85 -11.04 -10.63
CA SER A 182 -2.66 -10.28 -11.55
C SER A 182 -2.86 -11.14 -12.83
N GLU A 183 -1.83 -11.26 -13.66
CA GLU A 183 -1.92 -11.92 -14.96
C GLU A 183 -0.53 -12.02 -15.54
N GLY A 184 -0.42 -12.63 -16.75
CA GLY A 184 0.84 -12.62 -17.52
C GLY A 184 0.94 -11.32 -18.28
N SER A 185 2.07 -11.08 -18.92
CA SER A 185 2.26 -9.82 -19.67
C SER A 185 1.25 -9.65 -20.81
N GLY A 186 0.74 -10.74 -21.37
CA GLY A 186 -0.30 -10.66 -22.41
C GLY A 186 -1.44 -11.65 -22.30
N ASP A 187 -1.76 -12.13 -21.09
CA ASP A 187 -2.78 -13.19 -20.90
C ASP A 187 -3.21 -13.37 -19.46
N ASN A 188 -4.43 -13.87 -19.25
CA ASN A 188 -4.98 -14.18 -17.92
C ASN A 188 -4.44 -15.47 -17.38
N ILE A 189 -4.48 -15.66 -16.07
CA ILE A 189 -3.82 -16.81 -15.43
C ILE A 189 -4.85 -17.64 -14.62
N PHE A 190 -4.72 -18.96 -14.68
CA PHE A 190 -5.60 -19.88 -13.94
C PHE A 190 -4.73 -20.85 -13.21
N VAL A 191 -5.18 -21.24 -12.03
CA VAL A 191 -4.43 -22.18 -11.19
C VAL A 191 -5.35 -23.37 -10.91
N VAL A 192 -4.79 -24.56 -11.01
CA VAL A 192 -5.52 -25.81 -10.77
C VAL A 192 -4.89 -26.47 -9.55
N LYS A 193 -5.70 -26.77 -8.55
CA LYS A 193 -5.20 -27.40 -7.34
C LYS A 193 -6.27 -28.34 -6.80
N ASN A 194 -5.90 -29.61 -6.62
CA ASN A 194 -6.80 -30.68 -6.16
C ASN A 194 -8.11 -30.73 -6.90
N GLY A 195 -8.03 -30.72 -8.23
CA GLY A 195 -9.22 -30.76 -9.06
C GLY A 195 -10.06 -29.50 -9.11
N ALA A 196 -9.69 -28.46 -8.37
CA ALA A 196 -10.44 -27.18 -8.43
C ALA A 196 -9.62 -26.08 -9.14
N ILE A 197 -10.32 -25.15 -9.78
CA ILE A 197 -9.65 -24.09 -10.54
C ILE A 197 -9.94 -22.73 -9.92
N THR A 198 -8.90 -21.91 -9.83
CA THR A 198 -9.06 -20.54 -9.37
C THR A 198 -8.42 -19.59 -10.38
N THR A 199 -8.96 -18.38 -10.45
CA THR A 199 -8.43 -17.33 -11.27
C THR A 199 -8.64 -16.00 -10.52
N PRO A 200 -7.72 -15.02 -10.69
CA PRO A 200 -7.94 -13.73 -10.01
C PRO A 200 -9.23 -13.03 -10.49
N PRO A 201 -9.86 -12.22 -9.63
CA PRO A 201 -10.96 -11.36 -10.14
C PRO A 201 -10.36 -10.45 -11.22
N THR A 202 -11.19 -9.81 -12.01
CA THR A 202 -10.65 -9.11 -13.19
C THR A 202 -10.19 -7.69 -12.95
N ILE A 203 -10.54 -7.10 -11.82
CA ILE A 203 -10.13 -5.72 -11.47
C ILE A 203 -8.61 -5.39 -11.66
N ASN A 204 -7.71 -6.31 -11.31
CA ASN A 204 -6.30 -6.00 -11.39
C ASN A 204 -5.65 -6.47 -12.69
N ASN A 205 -6.46 -7.00 -13.62
CA ASN A 205 -5.93 -7.54 -14.88
C ASN A 205 -6.86 -7.08 -16.06
N LEU A 206 -7.16 -7.92 -17.00
CA LEU A 206 -8.05 -7.57 -18.10
CA LEU A 206 -8.05 -7.57 -18.10
C LEU A 206 -9.16 -8.62 -18.15
N ARG A 207 -10.39 -8.18 -18.41
CA ARG A 207 -11.52 -9.10 -18.57
CA ARG A 207 -11.52 -9.11 -18.58
C ARG A 207 -11.36 -9.84 -19.90
N GLY A 208 -10.55 -10.89 -19.89
CA GLY A 208 -10.23 -11.68 -21.10
C GLY A 208 -11.48 -12.34 -21.68
N ILE A 209 -11.58 -12.27 -23.00
CA ILE A 209 -12.65 -12.97 -23.70
C ILE A 209 -12.34 -14.48 -23.73
N THR A 210 -11.08 -14.87 -23.89
CA THR A 210 -10.69 -16.26 -23.76
C THR A 210 -10.95 -16.74 -22.35
N ARG A 211 -10.59 -15.92 -21.35
CA ARG A 211 -10.82 -16.26 -19.96
C ARG A 211 -12.33 -16.56 -19.72
N GLU A 212 -13.19 -15.70 -20.25
CA GLU A 212 -14.65 -15.88 -20.13
CA GLU A 212 -14.65 -15.88 -20.13
C GLU A 212 -15.11 -17.20 -20.79
N ALA A 213 -14.60 -17.47 -21.99
CA ALA A 213 -14.94 -18.69 -22.73
C ALA A 213 -14.46 -19.92 -21.94
N VAL A 214 -13.26 -19.84 -21.37
CA VAL A 214 -12.71 -20.94 -20.61
C VAL A 214 -13.53 -21.18 -19.34
N ILE A 215 -14.01 -20.12 -18.70
CA ILE A 215 -14.85 -20.24 -17.51
C ILE A 215 -16.20 -20.93 -17.83
N GLU A 216 -16.79 -20.57 -18.98
CA GLU A 216 -18.00 -21.23 -19.49
C GLU A 216 -17.78 -22.74 -19.65
N ILE A 217 -16.65 -23.13 -20.24
CA ILE A 217 -16.29 -24.54 -20.38
C ILE A 217 -16.13 -25.20 -19.01
N ILE A 218 -15.41 -24.54 -18.12
CA ILE A 218 -15.17 -25.07 -16.77
C ILE A 218 -16.51 -25.35 -16.07
N ASN A 219 -17.44 -24.40 -16.15
CA ASN A 219 -18.74 -24.55 -15.52
C ASN A 219 -19.56 -25.67 -16.19
N ARG A 220 -19.50 -25.76 -17.51
CA ARG A 220 -20.22 -26.77 -18.27
CA ARG A 220 -20.22 -26.78 -18.28
C ARG A 220 -19.70 -28.16 -17.88
N LEU A 221 -18.39 -28.28 -17.64
CA LEU A 221 -17.81 -29.57 -17.27
C LEU A 221 -17.98 -29.85 -15.79
N GLY A 222 -18.56 -28.92 -15.04
CA GLY A 222 -18.70 -29.10 -13.61
C GLY A 222 -17.41 -29.19 -12.80
N ILE A 223 -16.32 -28.60 -13.28
CA ILE A 223 -15.09 -28.50 -12.47
C ILE A 223 -15.30 -27.40 -11.41
N PRO A 224 -15.02 -27.69 -10.13
CA PRO A 224 -15.21 -26.60 -9.14
C PRO A 224 -14.30 -25.38 -9.50
N PHE A 225 -14.90 -24.20 -9.47
CA PHE A 225 -14.27 -23.01 -9.96
C PHE A 225 -14.55 -21.88 -9.00
N LYS A 226 -13.54 -21.07 -8.72
CA LYS A 226 -13.69 -19.89 -7.86
CA LYS A 226 -13.69 -19.89 -7.86
C LYS A 226 -12.87 -18.73 -8.42
N GLU A 227 -13.48 -17.58 -8.50
CA GLU A 227 -12.80 -16.36 -8.83
C GLU A 227 -12.38 -15.73 -7.51
N THR A 228 -11.09 -15.67 -7.22
CA THR A 228 -10.62 -15.23 -5.92
C THR A 228 -9.13 -14.80 -6.03
N ASN A 229 -8.63 -14.02 -5.08
CA ASN A 229 -7.24 -13.65 -5.08
C ASN A 229 -6.32 -14.82 -4.88
N ILE A 230 -5.23 -14.80 -5.66
CA ILE A 230 -4.19 -15.82 -5.61
CA ILE A 230 -4.19 -15.83 -5.61
C ILE A 230 -2.85 -15.15 -5.31
N GLY A 231 -1.94 -15.89 -4.69
CA GLY A 231 -0.63 -15.40 -4.32
C GLY A 231 0.46 -16.23 -4.94
N LEU A 232 1.71 -15.80 -4.76
CA LEU A 232 2.89 -16.55 -5.17
C LEU A 232 2.80 -18.00 -4.70
N TYR A 233 2.43 -18.20 -3.44
CA TYR A 233 2.27 -19.54 -2.86
C TYR A 233 1.38 -20.46 -3.72
N ASP A 234 0.24 -19.93 -4.19
CA ASP A 234 -0.68 -20.70 -5.02
C ASP A 234 -0.08 -21.08 -6.36
N LEU A 235 0.72 -20.20 -6.93
CA LEU A 235 1.41 -20.48 -8.16
C LEU A 235 2.40 -21.61 -7.96
N TYR A 236 3.23 -21.49 -6.93
CA TYR A 236 4.33 -22.42 -6.71
C TYR A 236 3.83 -23.83 -6.36
N THR A 237 2.67 -23.93 -5.70
CA THR A 237 2.22 -25.22 -5.18
C THR A 237 1.05 -25.78 -6.01
N ALA A 238 0.74 -25.14 -7.14
CA ALA A 238 -0.33 -25.58 -8.03
C ALA A 238 -0.07 -26.96 -8.64
N ASP A 239 -1.15 -27.73 -8.88
CA ASP A 239 -1.06 -28.97 -9.68
C ASP A 239 -0.83 -28.60 -11.13
N GLU A 240 -1.49 -27.56 -11.59
CA GLU A 240 -1.34 -27.08 -12.97
C GLU A 240 -1.56 -25.57 -13.00
N VAL A 241 -0.96 -24.90 -13.97
CA VAL A 241 -1.16 -23.49 -14.21
C VAL A 241 -1.26 -23.36 -15.72
N PHE A 242 -2.16 -22.50 -16.15
CA PHE A 242 -2.22 -22.12 -17.56
C PHE A 242 -2.62 -20.65 -17.72
N VAL A 243 -2.25 -20.11 -18.87
CA VAL A 243 -2.60 -18.74 -19.26
C VAL A 243 -3.49 -18.76 -20.51
N THR A 244 -4.30 -17.72 -20.64
CA THR A 244 -5.32 -17.63 -21.65
C THR A 244 -5.28 -16.27 -22.32
N GLY A 245 -5.42 -16.28 -23.64
CA GLY A 245 -5.56 -15.07 -24.42
C GLY A 245 -5.87 -15.40 -25.84
N THR A 246 -6.24 -14.41 -26.64
CA THR A 246 -6.61 -14.59 -28.03
C THR A 246 -5.47 -15.24 -28.86
N ALA A 247 -4.25 -14.72 -28.74
CA ALA A 247 -3.11 -15.24 -29.46
C ALA A 247 -2.65 -16.56 -28.89
N ALA A 248 -2.58 -16.67 -27.58
CA ALA A 248 -2.04 -17.85 -26.92
C ALA A 248 -3.03 -19.01 -26.90
N GLU A 249 -4.32 -18.71 -26.95
CA GLU A 249 -5.40 -19.66 -26.64
C GLU A 249 -5.22 -20.12 -25.20
N ILE A 250 -4.90 -21.39 -24.97
CA ILE A 250 -4.63 -21.88 -23.65
C ILE A 250 -3.22 -22.43 -23.65
N ALA A 251 -2.35 -21.78 -22.89
CA ALA A 251 -0.96 -22.17 -22.84
C ALA A 251 -0.64 -22.72 -21.44
N PRO A 252 -0.18 -23.97 -21.36
CA PRO A 252 0.24 -24.52 -20.06
C PRO A 252 1.54 -23.87 -19.55
N ILE A 253 1.60 -23.65 -18.24
CA ILE A 253 2.80 -23.15 -17.60
C ILE A 253 3.27 -24.27 -16.72
N VAL A 254 4.48 -24.76 -16.98
CA VAL A 254 4.98 -25.97 -16.33
C VAL A 254 6.13 -25.72 -15.35
N VAL A 255 6.75 -24.52 -15.44
CA VAL A 255 7.80 -24.10 -14.50
C VAL A 255 7.51 -22.64 -14.11
N ILE A 256 7.53 -22.32 -12.82
CA ILE A 256 7.43 -20.94 -12.35
C ILE A 256 8.54 -20.70 -11.35
N ASP A 257 9.36 -19.69 -11.65
CA ASP A 257 10.49 -19.28 -10.82
C ASP A 257 11.36 -20.48 -10.43
N GLY A 258 11.73 -21.27 -11.43
CA GLY A 258 12.59 -22.41 -11.24
C GLY A 258 11.90 -23.63 -10.63
N ARG A 259 10.63 -23.56 -10.27
CA ARG A 259 9.93 -24.67 -9.67
C ARG A 259 9.04 -25.37 -10.68
N LYS A 260 9.17 -26.70 -10.74
CA LYS A 260 8.32 -27.53 -11.57
CA LYS A 260 8.33 -27.54 -11.58
C LYS A 260 6.90 -27.44 -11.05
N ILE A 261 5.95 -27.20 -11.95
CA ILE A 261 4.54 -27.18 -11.56
C ILE A 261 4.01 -28.62 -11.69
N GLY A 262 3.56 -29.20 -10.58
CA GLY A 262 3.12 -30.59 -10.53
C GLY A 262 4.23 -31.49 -11.07
N ASP A 263 3.95 -32.22 -12.13
CA ASP A 263 4.95 -33.13 -12.70
C ASP A 263 5.81 -32.45 -13.76
N GLY A 264 5.60 -31.16 -14.02
CA GLY A 264 6.43 -30.46 -15.00
C GLY A 264 5.97 -30.64 -16.44
N LYS A 265 4.79 -31.18 -16.63
CA LYS A 265 4.22 -31.40 -17.97
C LYS A 265 2.81 -30.79 -17.99
N PRO A 266 2.24 -30.45 -19.17
CA PRO A 266 0.90 -29.93 -19.14
C PRO A 266 -0.06 -30.89 -18.47
N GLY A 267 -0.90 -30.38 -17.57
CA GLY A 267 -1.77 -31.23 -16.77
C GLY A 267 -3.04 -31.70 -17.47
N GLU A 268 -3.71 -32.65 -16.84
CA GLU A 268 -4.90 -33.28 -17.38
CA GLU A 268 -4.89 -33.29 -17.37
C GLU A 268 -6.05 -32.31 -17.57
N ILE A 269 -6.29 -31.48 -16.55
CA ILE A 269 -7.35 -30.49 -16.64
C ILE A 269 -7.03 -29.44 -17.73
N THR A 270 -5.76 -29.01 -17.80
CA THR A 270 -5.33 -28.06 -18.83
C THR A 270 -5.59 -28.66 -20.23
N ARG A 271 -5.16 -29.92 -20.42
CA ARG A 271 -5.30 -30.61 -21.73
CA ARG A 271 -5.30 -30.61 -21.73
C ARG A 271 -6.76 -30.73 -22.12
N LYS A 272 -7.61 -31.08 -21.15
CA LYS A 272 -9.03 -31.17 -21.39
C LYS A 272 -9.60 -29.83 -21.82
N LEU A 273 -9.20 -28.74 -21.16
CA LEU A 273 -9.68 -27.40 -21.53
C LEU A 273 -9.16 -26.97 -22.89
N MET A 274 -7.91 -27.29 -23.21
CA MET A 274 -7.35 -27.04 -24.54
C MET A 274 -8.20 -27.70 -25.63
N GLU A 275 -8.61 -28.96 -25.43
CA GLU A 275 -9.45 -29.71 -26.39
CA GLU A 275 -9.45 -29.71 -26.39
C GLU A 275 -10.81 -29.04 -26.52
N GLU A 276 -11.44 -28.77 -25.38
CA GLU A 276 -12.74 -28.12 -25.39
C GLU A 276 -12.72 -26.76 -26.04
N PHE A 277 -11.64 -26.02 -25.82
CA PHE A 277 -11.53 -24.70 -26.40
C PHE A 277 -11.35 -24.78 -27.93
N SER A 278 -10.49 -25.70 -28.39
CA SER A 278 -10.33 -25.97 -29.83
C SER A 278 -11.64 -26.25 -30.52
N LYS A 279 -12.45 -27.09 -29.90
CA LYS A 279 -13.77 -27.43 -30.39
C LYS A 279 -14.61 -26.18 -30.55
N LEU A 280 -14.58 -25.32 -29.53
CA LEU A 280 -15.36 -24.11 -29.55
C LEU A 280 -14.97 -23.15 -30.69
N THR A 281 -13.69 -23.04 -30.95
CA THR A 281 -13.23 -22.14 -32.01
C THR A 281 -13.58 -22.66 -33.42
N GLU A 282 -13.70 -23.98 -33.55
CA GLU A 282 -14.03 -24.63 -34.80
C GLU A 282 -15.53 -24.56 -35.13
N SER A 283 -16.37 -24.38 -34.11
CA SER A 283 -17.79 -24.36 -34.32
C SER A 283 -18.54 -23.03 -34.03
N GLU A 284 -17.83 -21.95 -33.75
CA GLU A 284 -18.55 -20.73 -33.40
C GLU A 284 -17.88 -19.53 -34.02
N GLY A 285 -18.64 -18.47 -34.19
CA GLY A 285 -18.11 -17.27 -34.80
C GLY A 285 -18.97 -16.67 -35.89
N VAL A 286 -18.72 -15.39 -36.16
CA VAL A 286 -19.39 -14.66 -37.20
C VAL A 286 -18.75 -15.06 -38.54
N PRO A 287 -19.54 -15.59 -39.51
CA PRO A 287 -18.99 -16.00 -40.80
C PRO A 287 -18.46 -14.80 -41.58
N ILE A 288 -17.28 -14.95 -42.16
CA ILE A 288 -16.69 -13.90 -42.99
C ILE A 288 -17.32 -13.85 -44.41
N TYR A 289 -17.53 -15.03 -45.00
CA TYR A 289 -17.97 -15.19 -46.39
C TYR A 289 -19.41 -15.65 -46.53
N GLU A 290 -19.76 -16.69 -45.78
CA GLU A 290 -21.09 -17.33 -45.84
C GLU A 290 -22.26 -16.38 -45.48
N MET B 1 5.98 23.42 -45.41
CA MET B 1 6.69 24.53 -44.69
C MET B 1 7.54 24.10 -43.48
N LEU B 2 6.99 23.37 -42.50
CA LEU B 2 7.86 22.81 -41.47
C LEU B 2 8.29 21.37 -41.70
N TYR B 3 9.60 21.16 -41.54
CA TYR B 3 10.17 19.84 -41.75
C TYR B 3 10.41 19.16 -40.43
N VAL B 4 10.24 17.84 -40.46
CA VAL B 4 10.47 16.95 -39.33
C VAL B 4 11.66 16.06 -39.73
N TYR B 5 12.65 15.93 -38.85
CA TYR B 5 13.65 14.90 -39.06
C TYR B 5 13.07 13.51 -38.79
N MET B 6 13.19 12.61 -39.77
CA MET B 6 12.71 11.26 -39.66
C MET B 6 13.69 10.31 -40.30
N ASP B 7 14.49 9.64 -39.46
CA ASP B 7 15.41 8.61 -39.88
C ASP B 7 16.37 9.01 -41.02
N GLY B 8 16.98 10.19 -40.90
CA GLY B 8 17.96 10.62 -41.87
C GLY B 8 17.47 11.56 -42.97
N GLU B 9 16.16 11.77 -43.06
CA GLU B 9 15.62 12.73 -44.01
C GLU B 9 14.74 13.77 -43.36
N PHE B 10 14.69 14.96 -43.97
CA PHE B 10 13.69 15.96 -43.61
C PHE B 10 12.41 15.77 -44.39
N VAL B 11 11.30 15.71 -43.69
CA VAL B 11 10.01 15.35 -44.26
C VAL B 11 9.03 16.45 -43.83
N PRO B 12 8.19 16.93 -44.76
CA PRO B 12 7.19 17.92 -44.36
C PRO B 12 6.25 17.33 -43.28
N GLU B 13 5.85 18.15 -42.30
CA GLU B 13 4.92 17.74 -41.23
C GLU B 13 3.75 16.87 -41.66
N ASN B 14 3.12 17.26 -42.76
CA ASN B 14 1.92 16.59 -43.29
CA ASN B 14 1.92 16.59 -43.29
C ASN B 14 2.23 15.20 -43.82
N GLU B 15 3.49 14.91 -44.04
CA GLU B 15 3.90 13.60 -44.52
C GLU B 15 4.70 12.83 -43.47
N ALA B 16 4.95 13.45 -42.32
CA ALA B 16 5.73 12.83 -41.25
C ALA B 16 4.87 11.73 -40.60
N LYS B 17 5.12 10.49 -41.02
CA LYS B 17 4.32 9.35 -40.61
C LYS B 17 5.20 8.20 -40.17
N VAL B 18 4.68 7.34 -39.30
CA VAL B 18 5.43 6.19 -38.79
C VAL B 18 4.60 4.96 -39.11
N SER B 19 5.27 3.85 -39.40
CA SER B 19 4.57 2.59 -39.66
C SER B 19 3.70 2.22 -38.45
N ILE B 20 2.48 1.80 -38.71
CA ILE B 20 1.60 1.33 -37.65
C ILE B 20 2.14 0.05 -36.98
N PHE B 21 3.16 -0.57 -37.58
CA PHE B 21 3.76 -1.77 -37.03
C PHE B 21 4.93 -1.46 -36.12
N ASP B 22 5.32 -0.17 -36.06
CA ASP B 22 6.34 0.24 -35.10
C ASP B 22 5.73 0.03 -33.69
N HIS B 23 6.49 -0.61 -32.81
CA HIS B 23 6.07 -0.81 -31.42
C HIS B 23 5.86 0.48 -30.63
N GLY B 24 6.53 1.56 -31.08
CA GLY B 24 6.30 2.90 -30.56
C GLY B 24 4.86 3.30 -30.74
N PHE B 25 4.23 2.86 -31.84
CA PHE B 25 2.83 3.14 -32.06
C PHE B 25 1.91 2.10 -31.40
N LEU B 26 2.18 0.83 -31.63
CA LEU B 26 1.35 -0.25 -31.10
C LEU B 26 1.24 -0.31 -29.57
N TYR B 27 2.36 0.01 -28.90
CA TYR B 27 2.48 -0.19 -27.46
C TYR B 27 3.04 0.99 -26.71
N GLY B 28 3.24 2.12 -27.41
CA GLY B 28 3.85 3.31 -26.83
C GLY B 28 5.28 3.00 -26.42
N ASP B 29 5.90 2.06 -27.12
CA ASP B 29 7.23 1.61 -26.79
C ASP B 29 8.29 2.53 -27.42
N GLY B 30 8.56 3.61 -26.73
CA GLY B 30 9.51 4.59 -27.21
C GLY B 30 9.67 5.66 -26.15
N VAL B 31 10.60 6.57 -26.37
CA VAL B 31 10.91 7.64 -25.41
C VAL B 31 10.93 8.97 -26.15
N PHE B 32 10.72 10.06 -25.42
CA PHE B 32 10.73 11.39 -25.99
C PHE B 32 11.27 12.42 -25.01
N GLU B 33 11.53 13.60 -25.51
CA GLU B 33 11.93 14.73 -24.72
C GLU B 33 11.14 15.96 -25.17
N GLY B 34 11.20 17.00 -24.36
CA GLY B 34 10.60 18.28 -24.69
C GLY B 34 11.70 19.28 -24.40
N ILE B 35 12.11 20.04 -25.42
CA ILE B 35 13.24 20.97 -25.31
C ILE B 35 12.82 22.34 -25.86
N ARG B 36 13.33 23.40 -25.23
CA ARG B 36 13.07 24.75 -25.72
CA ARG B 36 13.07 24.75 -25.72
C ARG B 36 14.27 25.48 -26.30
N ALA B 37 14.02 26.13 -27.44
CA ALA B 37 14.99 27.08 -28.07
C ALA B 37 14.50 28.48 -27.75
N TYR B 38 15.40 29.28 -27.17
CA TYR B 38 15.13 30.70 -26.88
C TYR B 38 16.17 31.57 -27.58
N ASN B 39 15.71 32.53 -28.39
CA ASN B 39 16.61 33.52 -29.03
CA ASN B 39 16.61 33.52 -29.03
C ASN B 39 17.83 32.85 -29.67
N GLY B 40 17.59 31.86 -30.52
CA GLY B 40 18.70 31.14 -31.17
C GLY B 40 19.57 30.24 -30.33
N ARG B 41 19.22 30.03 -29.05
CA ARG B 41 19.92 29.07 -28.19
CA ARG B 41 19.92 29.07 -28.19
C ARG B 41 18.99 27.93 -27.73
N VAL B 42 19.53 26.70 -27.65
CA VAL B 42 18.75 25.56 -27.14
C VAL B 42 19.04 25.41 -25.65
N PHE B 43 18.02 25.64 -24.83
CA PHE B 43 18.18 25.64 -23.38
C PHE B 43 18.35 24.21 -22.83
N ARG B 44 19.47 23.99 -22.15
CA ARG B 44 19.80 22.73 -21.46
C ARG B 44 19.73 21.50 -22.37
N LEU B 45 20.18 21.66 -23.61
CA LEU B 45 20.14 20.59 -24.59
C LEU B 45 20.82 19.30 -24.13
N LYS B 46 21.99 19.42 -23.53
CA LYS B 46 22.77 18.28 -23.10
CA LYS B 46 22.77 18.28 -23.11
C LYS B 46 22.04 17.49 -21.99
N GLU B 47 21.47 18.21 -21.01
CA GLU B 47 20.67 17.64 -19.93
C GLU B 47 19.47 16.86 -20.50
N HIS B 48 18.76 17.42 -21.48
CA HIS B 48 17.65 16.73 -22.09
C HIS B 48 18.06 15.48 -22.85
N ILE B 49 19.18 15.56 -23.54
CA ILE B 49 19.70 14.42 -24.28
C ILE B 49 20.16 13.33 -23.32
N ASP B 50 20.76 13.71 -22.19
CA ASP B 50 21.15 12.74 -21.17
C ASP B 50 19.92 12.01 -20.65
N ARG B 51 18.84 12.76 -20.41
CA ARG B 51 17.62 12.18 -19.89
C ARG B 51 16.99 11.26 -20.94
N LEU B 52 17.03 11.66 -22.21
CA LEU B 52 16.51 10.82 -23.30
C LEU B 52 17.19 9.45 -23.30
N TYR B 53 18.52 9.45 -23.17
CA TYR B 53 19.29 8.22 -23.14
C TYR B 53 19.03 7.40 -21.87
N ASP B 54 18.77 8.09 -20.76
CA ASP B 54 18.39 7.43 -19.52
C ASP B 54 17.01 6.77 -19.67
N SER B 55 16.06 7.47 -20.28
CA SER B 55 14.74 6.91 -20.53
C SER B 55 14.89 5.65 -21.39
N ALA B 56 15.71 5.71 -22.43
CA ALA B 56 15.93 4.59 -23.33
C ALA B 56 16.56 3.40 -22.58
N LYS B 57 17.56 3.70 -21.75
CA LYS B 57 18.20 2.68 -20.96
C LYS B 57 17.19 1.96 -20.02
N ALA B 58 16.31 2.75 -19.40
CA ALA B 58 15.32 2.22 -18.49
C ALA B 58 14.38 1.21 -19.18
N ILE B 59 14.06 1.44 -20.45
CA ILE B 59 13.20 0.54 -21.18
C ILE B 59 14.00 -0.44 -22.10
N ASP B 60 15.29 -0.53 -21.84
CA ASP B 60 16.22 -1.39 -22.55
C ASP B 60 16.21 -1.14 -24.06
N LEU B 61 16.19 0.11 -24.45
CA LEU B 61 16.14 0.48 -25.84
C LEU B 61 17.48 1.11 -26.19
N GLU B 62 18.13 0.59 -27.22
CA GLU B 62 19.40 1.17 -27.66
C GLU B 62 19.15 2.24 -28.71
N ILE B 63 19.54 3.48 -28.42
CA ILE B 63 19.39 4.58 -29.39
C ILE B 63 20.51 4.37 -30.43
N PRO B 64 20.17 4.26 -31.72
CA PRO B 64 21.20 3.83 -32.65
C PRO B 64 22.27 4.89 -33.01
N ILE B 65 22.18 6.11 -32.48
CA ILE B 65 23.21 7.14 -32.69
C ILE B 65 23.77 7.64 -31.39
N THR B 66 24.86 8.40 -31.44
CA THR B 66 25.51 8.90 -30.23
C THR B 66 24.81 10.19 -29.81
N LYS B 67 25.07 10.61 -28.58
CA LYS B 67 24.46 11.83 -28.05
C LYS B 67 24.86 13.08 -28.86
N GLU B 68 26.14 13.13 -29.25
CA GLU B 68 26.70 14.23 -30.08
CA GLU B 68 26.69 14.22 -30.08
C GLU B 68 25.95 14.26 -31.42
N GLU B 69 25.79 13.08 -32.04
CA GLU B 69 25.02 13.00 -33.27
C GLU B 69 23.59 13.45 -33.09
N PHE B 70 22.97 13.10 -31.96
CA PHE B 70 21.59 13.48 -31.68
C PHE B 70 21.47 14.98 -31.52
N MET B 71 22.42 15.57 -30.77
CA MET B 71 22.46 17.04 -30.63
C MET B 71 22.60 17.76 -31.99
N GLU B 72 23.47 17.25 -32.87
CA GLU B 72 23.65 17.82 -34.19
C GLU B 72 22.36 17.75 -35.01
N ILE B 73 21.67 16.61 -34.95
CA ILE B 73 20.39 16.43 -35.66
C ILE B 73 19.34 17.43 -35.19
N ILE B 74 19.33 17.71 -33.89
CA ILE B 74 18.37 18.65 -33.33
C ILE B 74 18.65 20.05 -33.86
N LEU B 75 19.92 20.48 -33.82
CA LEU B 75 20.36 21.80 -34.31
C LEU B 75 20.09 21.96 -35.82
N GLU B 76 20.44 20.92 -36.58
CA GLU B 76 20.13 20.84 -38.01
CA GLU B 76 20.13 20.84 -38.01
C GLU B 76 18.65 21.00 -38.33
N THR B 77 17.78 20.41 -37.51
CA THR B 77 16.35 20.48 -37.74
C THR B 77 15.84 21.89 -37.47
N LEU B 78 16.42 22.54 -36.47
CA LEU B 78 16.05 23.92 -36.13
C LEU B 78 16.53 24.85 -37.25
N ARG B 79 17.75 24.59 -37.75
CA ARG B 79 18.31 25.34 -38.90
CA ARG B 79 18.32 25.30 -38.90
C ARG B 79 17.46 25.19 -40.17
N LYS B 80 17.19 23.95 -40.57
CA LYS B 80 16.32 23.70 -41.72
C LYS B 80 14.99 24.44 -41.67
N ASN B 81 14.45 24.68 -40.47
CA ASN B 81 13.16 25.37 -40.38
C ASN B 81 13.34 26.84 -40.02
N ASN B 82 14.60 27.27 -39.94
CA ASN B 82 14.95 28.65 -39.56
C ASN B 82 14.30 29.12 -38.28
N LEU B 83 14.40 28.34 -37.22
CA LEU B 83 13.73 28.72 -35.96
C LEU B 83 14.75 29.26 -35.01
N ARG B 84 14.31 30.20 -34.18
CA ARG B 84 15.16 30.76 -33.11
C ARG B 84 14.48 30.54 -31.75
N ASP B 85 13.16 30.53 -31.80
CA ASP B 85 12.29 30.31 -30.66
C ASP B 85 11.38 29.15 -31.00
N ALA B 86 11.64 28.00 -30.37
CA ALA B 86 10.92 26.77 -30.71
C ALA B 86 10.77 25.78 -29.55
N TYR B 87 9.82 24.85 -29.74
CA TYR B 87 9.68 23.64 -28.94
C TYR B 87 10.18 22.48 -29.78
N ILE B 88 11.06 21.69 -29.19
CA ILE B 88 11.67 20.54 -29.87
C ILE B 88 11.21 19.25 -29.14
N ARG B 89 10.75 18.28 -29.91
CA ARG B 89 10.30 16.99 -29.45
C ARG B 89 11.07 15.87 -30.17
N PRO B 90 12.24 15.48 -29.65
CA PRO B 90 12.88 14.29 -30.16
C PRO B 90 12.13 13.05 -29.66
N ILE B 91 11.99 12.04 -30.51
CA ILE B 91 11.35 10.79 -30.20
C ILE B 91 12.24 9.67 -30.72
N VAL B 92 12.41 8.62 -29.93
CA VAL B 92 13.04 7.37 -30.36
C VAL B 92 12.04 6.24 -30.13
N THR B 93 11.78 5.43 -31.16
CA THR B 93 10.86 4.31 -31.05
C THR B 93 11.60 3.00 -31.02
N ARG B 94 10.95 1.94 -30.57
CA ARG B 94 11.54 0.64 -30.52
C ARG B 94 11.80 0.13 -31.94
N GLY B 95 10.90 0.44 -32.84
CA GLY B 95 10.97 -0.01 -34.25
C GLY B 95 9.96 -1.13 -34.53
N ILE B 96 10.00 -1.60 -35.76
CA ILE B 96 9.07 -2.63 -36.22
C ILE B 96 9.49 -4.00 -35.77
N GLY B 97 8.53 -4.78 -35.29
CA GLY B 97 8.77 -6.19 -34.90
C GLY B 97 7.62 -7.02 -35.43
N ASP B 98 7.00 -7.80 -34.58
CA ASP B 98 5.72 -8.44 -34.94
C ASP B 98 4.59 -7.91 -34.07
N LEU B 99 3.42 -8.51 -34.14
CA LEU B 99 2.30 -8.04 -33.37
C LEU B 99 2.32 -8.44 -31.89
N GLY B 100 3.31 -9.16 -31.42
CA GLY B 100 3.39 -9.44 -29.99
C GLY B 100 4.14 -8.31 -29.26
N LEU B 101 4.49 -8.63 -28.01
CA LEU B 101 5.13 -7.62 -27.17
C LEU B 101 6.65 -7.68 -27.21
N ASP B 102 7.22 -8.79 -27.67
CA ASP B 102 8.68 -9.00 -27.51
C ASP B 102 9.52 -7.91 -28.18
N PRO B 103 10.31 -7.12 -27.38
CA PRO B 103 11.06 -6.04 -28.01
C PRO B 103 12.30 -6.55 -28.75
N ARG B 104 12.71 -7.77 -28.47
CA ARG B 104 13.88 -8.37 -29.16
CA ARG B 104 13.89 -8.38 -29.16
C ARG B 104 13.63 -8.61 -30.65
N LYS B 105 12.36 -8.83 -31.02
CA LYS B 105 12.03 -9.01 -32.43
C LYS B 105 11.97 -7.68 -33.19
N CYS B 106 12.12 -6.54 -32.50
CA CYS B 106 12.03 -5.25 -33.12
C CYS B 106 13.31 -4.81 -33.74
N GLN B 107 13.23 -4.35 -35.00
CA GLN B 107 14.40 -3.91 -35.69
C GLN B 107 14.23 -2.46 -36.07
N ASN B 108 15.37 -1.79 -36.14
CA ASN B 108 15.53 -0.39 -36.57
C ASN B 108 14.74 0.62 -35.81
N PRO B 109 15.20 1.04 -34.61
CA PRO B 109 14.52 2.09 -33.85
C PRO B 109 14.40 3.35 -34.72
N SER B 110 13.24 4.00 -34.79
CA SER B 110 13.13 5.28 -35.48
C SER B 110 13.59 6.44 -34.62
N ILE B 111 14.29 7.38 -35.26
CA ILE B 111 14.69 8.62 -34.66
C ILE B 111 13.93 9.75 -35.34
N ILE B 112 13.19 10.51 -34.55
CA ILE B 112 12.29 11.57 -35.00
C ILE B 112 12.62 12.86 -34.23
N VAL B 113 12.72 13.98 -34.94
CA VAL B 113 12.84 15.30 -34.30
C VAL B 113 11.80 16.24 -34.88
N ILE B 114 10.86 16.65 -34.03
CA ILE B 114 9.83 17.65 -34.31
C ILE B 114 10.28 18.97 -33.73
N THR B 115 10.15 20.04 -34.52
CA THR B 115 10.43 21.43 -34.07
C THR B 115 9.24 22.27 -34.53
N LYS B 116 8.66 22.99 -33.58
CA LYS B 116 7.49 23.83 -33.82
C LYS B 116 7.86 25.19 -33.29
N PRO B 117 7.46 26.26 -34.00
CA PRO B 117 7.71 27.62 -33.51
C PRO B 117 6.96 27.85 -32.19
N TRP B 118 7.60 28.57 -31.29
CA TRP B 118 6.96 29.10 -30.10
C TRP B 118 6.79 30.67 -30.25
N GLY B 119 5.54 31.10 -30.22
CA GLY B 119 5.17 32.49 -29.92
C GLY B 119 4.97 32.69 -28.42
N ASP B 124 -1.21 35.28 -20.23
CA ASP B 124 -2.54 35.65 -19.68
C ASP B 124 -2.89 34.82 -18.44
N LEU B 125 -2.66 33.50 -18.51
CA LEU B 125 -2.85 32.61 -17.36
C LEU B 125 -1.76 32.78 -16.28
N TYR B 126 -0.63 33.41 -16.62
CA TYR B 126 0.49 33.61 -15.68
C TYR B 126 0.38 34.87 -14.84
N GLU B 127 -0.48 35.80 -15.25
CA GLU B 127 -0.72 37.01 -14.49
C GLU B 127 -1.77 36.69 -13.45
N LYS B 128 -2.75 35.89 -13.85
CA LYS B 128 -3.85 35.50 -12.98
C LYS B 128 -3.50 34.22 -12.17
N GLY B 129 -2.69 33.32 -12.76
CA GLY B 129 -2.39 32.02 -12.18
C GLY B 129 -3.40 30.95 -12.59
N LEU B 130 -3.02 29.68 -12.40
CA LEU B 130 -3.85 28.56 -12.80
C LEU B 130 -4.67 28.02 -11.65
N THR B 131 -5.82 27.44 -12.01
CA THR B 131 -6.62 26.63 -11.11
C THR B 131 -6.21 25.16 -11.27
N ALA B 132 -6.10 24.45 -10.14
CA ALA B 132 -5.70 23.05 -10.19
C ALA B 132 -6.65 22.23 -9.41
N ILE B 133 -6.77 20.97 -9.80
CA ILE B 133 -7.55 20.00 -9.04
C ILE B 133 -6.68 18.79 -8.81
N THR B 134 -6.89 18.15 -7.68
CA THR B 134 -6.20 16.90 -7.39
CA THR B 134 -6.20 16.91 -7.38
C THR B 134 -7.06 15.79 -7.99
N VAL B 135 -6.42 14.84 -8.69
CA VAL B 135 -7.21 13.78 -9.37
C VAL B 135 -7.36 12.52 -8.53
N ALA B 136 -8.33 11.69 -8.88
CA ALA B 136 -8.54 10.42 -8.20
C ALA B 136 -7.50 9.39 -8.64
N VAL B 137 -7.10 9.41 -9.91
CA VAL B 137 -6.04 8.52 -10.37
C VAL B 137 -4.73 8.84 -9.72
N ARG B 138 -4.04 7.81 -9.26
CA ARG B 138 -2.70 7.97 -8.73
C ARG B 138 -1.73 7.99 -9.91
N ARG B 139 -0.55 8.54 -9.66
CA ARG B 139 0.52 8.54 -10.67
C ARG B 139 0.98 7.08 -10.88
N ASN B 140 1.31 6.72 -12.12
CA ASN B 140 1.97 5.44 -12.41
C ASN B 140 3.05 5.21 -11.35
N SER B 141 3.07 4.02 -10.79
CA SER B 141 4.01 3.68 -9.75
C SER B 141 5.46 3.55 -10.25
N PHE B 142 6.39 3.95 -9.36
CA PHE B 142 7.83 3.81 -9.57
C PHE B 142 8.25 2.31 -9.49
N ASP B 143 7.30 1.41 -9.13
CA ASP B 143 7.57 -0.05 -9.22
C ASP B 143 6.66 -0.77 -10.26
N ALA B 144 6.03 0.01 -11.16
CA ALA B 144 5.14 -0.54 -12.21
C ALA B 144 5.53 0.02 -13.58
N LEU B 145 5.43 1.33 -13.74
CA LEU B 145 5.76 1.99 -14.98
C LEU B 145 6.42 3.29 -14.53
N PRO B 146 7.73 3.24 -14.21
CA PRO B 146 8.35 4.34 -13.48
C PRO B 146 8.16 5.72 -14.17
N PRO B 147 7.56 6.70 -13.45
CA PRO B 147 7.31 7.97 -14.11
C PRO B 147 8.60 8.75 -14.44
N ASN B 148 9.74 8.35 -13.88
CA ASN B 148 11.01 8.94 -14.25
C ASN B 148 11.35 8.72 -15.76
N ILE B 149 10.78 7.68 -16.39
CA ILE B 149 10.93 7.42 -17.83
C ILE B 149 9.99 8.35 -18.59
N SER B 151 8.34 8.34 -21.49
CA SER B 151 8.05 7.38 -22.55
C SER B 151 6.82 7.81 -23.32
N LEU B 152 6.50 7.09 -24.39
CA LEU B 152 5.27 7.35 -25.14
C LEU B 152 4.04 6.81 -24.40
N ASN B 153 4.22 6.21 -23.20
CA ASN B 153 3.07 5.81 -22.40
C ASN B 153 2.61 6.98 -21.54
N TYR B 154 1.74 7.84 -22.08
CA TYR B 154 1.27 9.01 -21.32
C TYR B 154 -0.21 9.01 -20.97
N LEU B 155 -0.83 7.86 -21.08
CA LEU B 155 -2.26 7.78 -20.79
C LEU B 155 -2.62 8.08 -19.32
N ASN B 156 -1.71 7.76 -18.39
CA ASN B 156 -1.93 8.12 -16.96
C ASN B 156 -2.12 9.65 -16.86
N ASN B 157 -1.24 10.38 -17.53
CA ASN B 157 -1.22 11.87 -17.56
C ASN B 157 -2.49 12.39 -18.24
N ILE B 158 -2.89 11.72 -19.32
CA ILE B 158 -4.08 12.09 -20.09
C ILE B 158 -5.37 11.86 -19.28
N LEU B 159 -5.45 10.72 -18.57
CA LEU B 159 -6.60 10.49 -17.69
C LEU B 159 -6.74 11.60 -16.62
N ALA B 160 -5.60 12.03 -16.07
CA ALA B 160 -5.58 13.11 -15.07
C ALA B 160 -6.05 14.41 -15.74
N LYS B 161 -5.55 14.67 -16.95
CA LYS B 161 -5.97 15.84 -17.70
C LYS B 161 -7.48 15.82 -18.02
N ILE B 162 -8.01 14.64 -18.38
CA ILE B 162 -9.44 14.47 -18.65
C ILE B 162 -10.23 14.82 -17.38
N GLU B 163 -9.77 14.33 -16.22
CA GLU B 163 -10.40 14.67 -14.94
C GLU B 163 -10.38 16.18 -14.73
N ALA B 164 -9.23 16.82 -14.93
CA ALA B 164 -9.11 18.28 -14.76
C ALA B 164 -10.07 19.06 -15.69
N ASN B 165 -10.13 18.65 -16.97
CA ASN B 165 -11.05 19.27 -17.96
C ASN B 165 -12.48 19.17 -17.47
N ALA B 166 -12.89 18.01 -16.94
CA ALA B 166 -14.25 17.80 -16.50
C ALA B 166 -14.54 18.47 -15.16
N LYS B 167 -13.50 18.78 -14.40
CA LYS B 167 -13.71 19.17 -13.01
C LYS B 167 -13.31 20.63 -12.73
N GLY B 168 -13.09 21.38 -13.81
CA GLY B 168 -12.84 22.79 -13.71
C GLY B 168 -11.42 23.19 -13.33
N GLY B 169 -10.42 22.37 -13.64
CA GLY B 169 -9.07 22.79 -13.38
C GLY B 169 -8.30 22.99 -14.67
N ASP B 170 -7.38 23.94 -14.66
CA ASP B 170 -6.44 24.12 -15.74
C ASP B 170 -5.39 23.02 -15.68
N GLU B 171 -5.12 22.51 -14.50
CA GLU B 171 -4.06 21.52 -14.27
C GLU B 171 -4.56 20.46 -13.27
N ALA B 172 -4.05 19.25 -13.45
CA ALA B 172 -4.32 18.12 -12.57
C ALA B 172 -3.11 17.94 -11.66
N ILE B 173 -3.34 17.64 -10.38
CA ILE B 173 -2.26 17.25 -9.48
C ILE B 173 -2.43 15.79 -9.06
N PHE B 174 -1.38 15.00 -9.26
CA PHE B 174 -1.37 13.59 -8.87
C PHE B 174 -0.84 13.41 -7.43
N LEU B 175 -1.43 12.46 -6.72
CA LEU B 175 -0.78 11.80 -5.58
C LEU B 175 -0.21 10.50 -6.12
N ASP B 176 0.69 9.90 -5.36
CA ASP B 176 1.34 8.64 -5.79
C ASP B 176 0.67 7.45 -5.09
N ARG B 177 1.18 6.26 -5.37
CA ARG B 177 0.64 4.98 -4.87
CA ARG B 177 0.64 4.98 -4.87
C ARG B 177 0.70 4.90 -3.34
N ASN B 178 1.52 5.74 -2.69
CA ASN B 178 1.70 5.73 -1.23
C ASN B 178 1.02 6.94 -0.57
N GLY B 179 0.26 7.71 -1.34
CA GLY B 179 -0.49 8.88 -0.83
C GLY B 179 0.24 10.23 -0.82
N TYR B 180 1.47 10.28 -1.31
CA TYR B 180 2.26 11.54 -1.33
C TYR B 180 1.97 12.30 -2.63
N VAL B 181 2.12 13.61 -2.58
CA VAL B 181 2.03 14.46 -3.77
C VAL B 181 3.14 14.06 -4.74
N SER B 182 2.78 13.95 -6.00
CA SER B 182 3.73 13.51 -7.01
C SER B 182 4.10 14.74 -7.88
N GLU B 183 3.18 15.15 -8.77
CA GLU B 183 3.44 16.22 -9.74
C GLU B 183 2.15 16.52 -10.45
N GLY B 184 2.17 17.50 -11.37
CA GLY B 184 1.05 17.79 -12.27
C GLY B 184 1.06 16.82 -13.44
N SER B 185 0.02 16.84 -14.28
CA SER B 185 -0.01 15.92 -15.42
C SER B 185 1.15 16.11 -16.39
N GLY B 186 1.70 17.32 -16.48
CA GLY B 186 2.87 17.57 -17.34
C GLY B 186 3.97 18.44 -16.73
N ASP B 187 4.11 18.48 -15.40
CA ASP B 187 5.06 19.38 -14.71
C ASP B 187 5.29 19.06 -13.25
N ASN B 188 6.46 19.44 -12.72
CA ASN B 188 6.80 19.27 -11.31
C ASN B 188 6.14 20.33 -10.45
N ILE B 189 5.99 20.08 -9.15
CA ILE B 189 5.24 20.96 -8.26
C ILE B 189 6.11 21.44 -7.09
N PHE B 190 5.97 22.71 -6.72
CA PHE B 190 6.71 23.31 -5.61
C PHE B 190 5.71 24.01 -4.72
N VAL B 191 5.98 23.98 -3.42
CA VAL B 191 5.12 24.58 -2.43
C VAL B 191 5.97 25.59 -1.64
N VAL B 192 5.39 26.77 -1.41
CA VAL B 192 6.04 27.84 -0.66
C VAL B 192 5.23 28.06 0.60
N LYS B 193 5.89 28.01 1.73
CA LYS B 193 5.21 28.22 3.01
C LYS B 193 6.19 28.91 3.97
N ASN B 194 5.78 30.07 4.49
CA ASN B 194 6.60 30.90 5.39
C ASN B 194 7.98 31.15 4.87
N GLY B 195 8.07 31.57 3.62
CA GLY B 195 9.35 31.87 3.02
C GLY B 195 10.21 30.68 2.66
N ALA B 196 9.78 29.46 2.96
CA ALA B 196 10.56 28.26 2.60
C ALA B 196 9.86 27.46 1.47
N ILE B 197 10.68 26.79 0.66
CA ILE B 197 10.16 26.06 -0.48
C ILE B 197 10.40 24.55 -0.32
N THR B 198 9.36 23.78 -0.64
CA THR B 198 9.48 22.33 -0.66
C THR B 198 9.02 21.79 -1.98
N THR B 199 9.60 20.66 -2.38
CA THR B 199 9.22 19.96 -3.59
C THR B 199 9.37 18.45 -3.31
N PRO B 200 8.52 17.60 -3.92
CA PRO B 200 8.66 16.15 -3.69
C PRO B 200 10.02 15.62 -4.20
N PRO B 201 10.55 14.55 -3.58
CA PRO B 201 11.72 13.88 -4.20
C PRO B 201 11.31 13.39 -5.57
N THR B 202 12.26 13.04 -6.41
CA THR B 202 11.91 12.77 -7.81
C THR B 202 11.45 11.36 -8.12
N ILE B 203 11.67 10.43 -7.19
CA ILE B 203 11.26 9.02 -7.38
C ILE B 203 9.78 8.79 -7.88
N ASN B 204 8.81 9.55 -7.40
CA ASN B 204 7.44 9.31 -7.77
C ASN B 204 6.98 10.23 -8.93
N ASN B 205 7.88 11.01 -9.50
CA ASN B 205 7.52 11.96 -10.57
C ASN B 205 8.60 11.90 -11.70
N LEU B 206 9.01 13.01 -12.25
CA LEU B 206 10.07 13.01 -13.26
CA LEU B 206 10.06 13.02 -13.26
C LEU B 206 11.13 14.00 -12.80
N ARG B 207 12.40 13.67 -13.02
CA ARG B 207 13.52 14.56 -12.70
CA ARG B 207 13.50 14.56 -12.69
C ARG B 207 13.50 15.71 -13.73
N GLY B 208 12.67 16.71 -13.49
CA GLY B 208 12.50 17.86 -14.39
C GLY B 208 13.80 18.65 -14.53
N ILE B 209 14.09 19.03 -15.77
CA ILE B 209 15.20 19.89 -16.06
C ILE B 209 14.88 21.34 -15.61
N THR B 210 13.64 21.78 -15.80
CA THR B 210 13.19 23.05 -15.27
C THR B 210 13.25 23.03 -13.76
N ARG B 211 12.77 21.94 -13.15
CA ARG B 211 12.80 21.79 -11.70
C ARG B 211 14.24 21.96 -11.18
N GLU B 212 15.20 21.30 -11.83
CA GLU B 212 16.62 21.41 -11.46
CA GLU B 212 16.61 21.40 -11.46
C GLU B 212 17.13 22.85 -11.56
N ALA B 213 16.79 23.53 -12.67
CA ALA B 213 17.20 24.93 -12.89
C ALA B 213 16.59 25.81 -11.82
N VAL B 214 15.32 25.58 -11.49
CA VAL B 214 14.63 26.39 -10.50
C VAL B 214 15.26 26.18 -9.11
N ILE B 215 15.67 24.95 -8.81
CA ILE B 215 16.32 24.67 -7.53
C ILE B 215 17.69 25.39 -7.41
N GLU B 216 18.45 25.40 -8.51
CA GLU B 216 19.69 26.17 -8.60
C GLU B 216 19.46 27.66 -8.28
N ILE B 217 18.41 28.26 -8.87
CA ILE B 217 18.03 29.64 -8.60
C ILE B 217 17.65 29.81 -7.13
N ILE B 218 16.83 28.90 -6.60
CA ILE B 218 16.39 28.98 -5.21
C ILE B 218 17.62 28.99 -4.27
N ASN B 219 18.57 28.09 -4.52
CA ASN B 219 19.78 28.01 -3.72
C ASN B 219 20.65 29.27 -3.85
N ARG B 220 20.77 29.80 -5.07
CA ARG B 220 21.54 30.99 -5.35
CA ARG B 220 21.53 31.00 -5.36
C ARG B 220 20.92 32.18 -4.61
N LEU B 221 19.60 32.24 -4.52
CA LEU B 221 18.92 33.32 -3.82
C LEU B 221 18.88 33.10 -2.33
N GLY B 222 19.40 31.96 -1.86
CA GLY B 222 19.36 31.65 -0.44
C GLY B 222 17.98 31.47 0.18
N ILE B 223 16.97 31.09 -0.62
CA ILE B 223 15.66 30.76 -0.07
C ILE B 223 15.75 29.37 0.59
N PRO B 224 15.29 29.22 1.84
CA PRO B 224 15.36 27.85 2.42
C PRO B 224 14.57 26.83 1.59
N PHE B 225 15.20 25.69 1.31
CA PHE B 225 14.69 24.73 0.37
C PHE B 225 14.85 23.35 0.92
N LYS B 226 13.84 22.52 0.76
CA LYS B 226 13.88 21.12 1.19
C LYS B 226 13.18 20.25 0.17
N GLU B 227 13.83 19.16 -0.21
CA GLU B 227 13.24 18.16 -1.04
C GLU B 227 12.67 17.12 -0.05
N THR B 228 11.36 17.00 0.02
CA THR B 228 10.73 16.16 1.00
C THR B 228 9.30 15.80 0.56
N ASN B 229 8.69 14.75 1.11
CA ASN B 229 7.33 14.44 0.76
C ASN B 229 6.36 15.47 1.23
N ILE B 230 5.39 15.74 0.35
CA ILE B 230 4.31 16.72 0.61
CA ILE B 230 4.30 16.69 0.64
C ILE B 230 2.96 16.02 0.49
N GLY B 231 1.96 16.52 1.20
CA GLY B 231 0.63 15.98 1.20
C GLY B 231 -0.39 16.99 0.75
N LEU B 232 -1.64 16.54 0.61
CA LEU B 232 -2.76 17.42 0.30
C LEU B 232 -2.78 18.63 1.20
N TYR B 233 -2.61 18.40 2.51
CA TYR B 233 -2.58 19.47 3.51
C TYR B 233 -1.61 20.59 3.14
N ASP B 234 -0.39 20.25 2.69
CA ASP B 234 0.60 21.23 2.32
C ASP B 234 0.20 22.04 1.11
N LEU B 235 -0.47 21.41 0.17
CA LEU B 235 -1.01 22.11 -1.00
C LEU B 235 -2.05 23.13 -0.56
N TYR B 236 -3.00 22.68 0.24
CA TYR B 236 -4.17 23.51 0.59
C TYR B 236 -3.75 24.71 1.46
N THR B 237 -2.72 24.56 2.29
CA THR B 237 -2.37 25.59 3.27
C THR B 237 -1.13 26.37 2.86
N ALA B 238 -0.63 26.14 1.64
CA ALA B 238 0.55 26.83 1.13
C ALA B 238 0.34 28.35 1.00
N ASP B 239 1.41 29.13 1.17
CA ASP B 239 1.40 30.57 0.79
C ASP B 239 1.36 30.70 -0.72
N GLU B 240 2.10 29.83 -1.42
CA GLU B 240 2.15 29.85 -2.87
C GLU B 240 2.43 28.42 -3.36
N VAL B 241 1.97 28.12 -4.58
CA VAL B 241 2.22 26.86 -5.25
C VAL B 241 2.53 27.26 -6.68
N PHE B 242 3.49 26.57 -7.27
CA PHE B 242 3.77 26.69 -8.68
C PHE B 242 4.23 25.37 -9.27
N VAL B 243 4.05 25.24 -10.58
CA VAL B 243 4.50 24.09 -11.34
C VAL B 243 5.56 24.49 -12.37
N THR B 244 6.41 23.55 -12.73
CA THR B 244 7.55 23.78 -13.58
C THR B 244 7.65 22.74 -14.65
N GLY B 245 7.97 23.17 -15.87
CA GLY B 245 8.26 22.27 -16.98
C GLY B 245 8.74 23.06 -18.17
N THR B 246 9.24 22.36 -19.20
CA THR B 246 9.78 22.99 -20.38
C THR B 246 8.79 23.94 -21.07
N ALA B 247 7.58 23.46 -21.30
CA ALA B 247 6.54 24.24 -21.98
C ALA B 247 5.97 25.28 -21.05
N ALA B 248 5.71 24.92 -19.80
CA ALA B 248 5.06 25.83 -18.86
C ALA B 248 5.99 26.90 -18.30
N GLU B 249 7.28 26.60 -18.27
CA GLU B 249 8.28 27.37 -17.51
C GLU B 249 7.89 27.34 -16.05
N ILE B 250 7.50 28.47 -15.45
CA ILE B 250 7.03 28.48 -14.09
C ILE B 250 5.62 29.02 -14.10
N ALA B 251 4.68 28.18 -13.72
CA ALA B 251 3.29 28.56 -13.74
C ALA B 251 2.74 28.60 -12.31
N PRO B 252 2.26 29.76 -11.85
CA PRO B 252 1.63 29.85 -10.54
C PRO B 252 0.29 29.09 -10.46
N ILE B 253 0.05 28.44 -9.32
CA ILE B 253 -1.21 27.77 -9.07
C ILE B 253 -1.84 28.52 -7.93
N VAL B 254 -3.01 29.09 -8.17
CA VAL B 254 -3.62 30.03 -7.22
C VAL B 254 -4.89 29.48 -6.57
N VAL B 255 -5.46 28.41 -7.12
CA VAL B 255 -6.62 27.71 -6.55
C VAL B 255 -6.36 26.21 -6.65
N ILE B 256 -6.55 25.47 -5.56
CA ILE B 256 -6.48 24.01 -5.58
C ILE B 256 -7.72 23.48 -4.88
N ASP B 257 -8.46 22.64 -5.61
CA ASP B 257 -9.69 22.00 -5.15
C ASP B 257 -10.64 23.03 -4.51
N GLY B 258 -10.88 24.11 -5.24
CA GLY B 258 -11.78 25.16 -4.79
C GLY B 258 -11.23 26.08 -3.71
N ARG B 259 -10.01 25.86 -3.21
CA ARG B 259 -9.43 26.69 -2.17
C ARG B 259 -8.43 27.67 -2.75
N LYS B 260 -8.59 28.94 -2.40
CA LYS B 260 -7.63 29.99 -2.77
CA LYS B 260 -7.62 29.97 -2.78
C LYS B 260 -6.29 29.68 -2.11
N ILE B 261 -5.22 29.72 -2.87
CA ILE B 261 -3.89 29.56 -2.33
C ILE B 261 -3.37 30.91 -1.87
N GLY B 262 -3.10 31.07 -0.57
CA GLY B 262 -2.72 32.36 0.00
C GLY B 262 -3.75 33.41 -0.33
N ASP B 263 -3.34 34.46 -1.05
CA ASP B 263 -4.28 35.52 -1.40
C ASP B 263 -4.98 35.25 -2.73
N GLY B 264 -4.71 34.12 -3.37
CA GLY B 264 -5.37 33.80 -4.64
C GLY B 264 -4.76 34.45 -5.86
N LYS B 265 -3.57 35.02 -5.71
CA LYS B 265 -2.84 35.67 -6.81
CA LYS B 265 -2.85 35.67 -6.80
C LYS B 265 -1.43 35.10 -6.85
N PRO B 266 -0.72 35.19 -8.01
CA PRO B 266 0.64 34.66 -8.00
C PRO B 266 1.48 35.31 -6.91
N GLY B 267 2.21 34.50 -6.15
CA GLY B 267 2.94 35.01 -5.00
C GLY B 267 4.26 35.68 -5.32
N GLU B 268 4.81 36.37 -4.33
CA GLU B 268 6.03 37.14 -4.44
CA GLU B 268 6.04 37.12 -4.46
C GLU B 268 7.23 36.27 -4.78
N ILE B 269 7.36 35.14 -4.07
CA ILE B 269 8.46 34.21 -4.36
C ILE B 269 8.33 33.61 -5.77
N THR B 270 7.11 33.26 -6.15
CA THR B 270 6.85 32.69 -7.50
C THR B 270 7.29 33.74 -8.55
N ARG B 271 6.84 34.98 -8.38
CA ARG B 271 7.12 36.07 -9.35
CA ARG B 271 7.12 36.07 -9.35
C ARG B 271 8.64 36.31 -9.45
N LYS B 272 9.32 36.29 -8.30
CA LYS B 272 10.76 36.44 -8.29
CA LYS B 272 10.76 36.44 -8.29
C LYS B 272 11.43 35.30 -9.08
N LEU B 273 10.97 34.05 -8.87
CA LEU B 273 11.55 32.91 -9.60
C LEU B 273 11.24 32.96 -11.08
N MET B 274 10.03 33.41 -11.44
CA MET B 274 9.68 33.60 -12.86
C MET B 274 10.68 34.57 -13.54
N GLU B 275 11.02 35.69 -12.86
CA GLU B 275 11.97 36.69 -13.39
CA GLU B 275 11.97 36.69 -13.39
C GLU B 275 13.35 36.06 -13.54
N GLU B 276 13.82 35.42 -12.47
CA GLU B 276 15.13 34.79 -12.50
C GLU B 276 15.25 33.70 -13.55
N PHE B 277 14.16 32.96 -13.77
CA PHE B 277 14.17 31.92 -14.75
C PHE B 277 14.22 32.51 -16.17
N SER B 278 13.42 33.54 -16.43
CA SER B 278 13.47 34.28 -17.72
C SER B 278 14.89 34.72 -18.07
N LYS B 279 15.59 35.29 -17.08
CA LYS B 279 16.95 35.72 -17.23
C LYS B 279 17.85 34.58 -17.63
N LEU B 280 17.67 33.43 -16.97
CA LEU B 280 18.47 32.25 -17.25
C LEU B 280 18.28 31.74 -18.69
N THR B 281 17.05 31.77 -19.18
CA THR B 281 16.76 31.28 -20.52
C THR B 281 17.28 32.21 -21.61
N GLU B 282 17.45 33.49 -21.26
CA GLU B 282 17.97 34.50 -22.19
C GLU B 282 19.49 34.47 -22.31
N SER B 283 20.16 33.92 -21.31
CA SER B 283 21.61 33.91 -21.28
C SER B 283 22.30 32.53 -21.30
N GLU B 284 21.57 31.45 -21.50
CA GLU B 284 22.21 30.14 -21.50
C GLU B 284 21.69 29.31 -22.68
N GLY B 285 22.51 28.41 -23.15
CA GLY B 285 22.08 27.49 -24.19
C GLY B 285 23.09 27.27 -25.29
N VAL B 286 22.91 26.17 -26.00
CA VAL B 286 23.74 25.80 -27.13
CA VAL B 286 23.74 25.81 -27.13
C VAL B 286 23.25 26.65 -28.33
N PRO B 287 24.16 27.45 -28.94
CA PRO B 287 23.78 28.28 -30.08
C PRO B 287 23.39 27.43 -31.29
N ILE B 288 22.30 27.79 -31.94
CA ILE B 288 21.84 27.11 -33.15
C ILE B 288 22.67 27.50 -34.41
N TYR B 289 22.93 28.80 -34.54
CA TYR B 289 23.56 29.41 -35.71
C TYR B 289 24.95 29.92 -35.33
N GLU B 290 25.98 29.21 -35.78
CA GLU B 290 27.36 29.37 -35.29
C GLU B 290 27.56 29.26 -33.75
N MET C 1 11.21 -41.26 29.03
CA MET C 1 12.00 -41.66 27.83
C MET C 1 11.14 -41.60 26.48
N LEU C 2 11.11 -40.36 26.00
CA LEU C 2 10.57 -40.13 24.65
C LEU C 2 11.61 -40.09 23.54
N TYR C 3 11.31 -40.81 22.48
CA TYR C 3 12.20 -40.86 21.33
C TYR C 3 11.70 -39.93 20.22
N VAL C 4 12.67 -39.37 19.51
CA VAL C 4 12.46 -38.48 18.38
C VAL C 4 13.03 -39.19 17.18
N TYR C 5 12.26 -39.27 16.08
CA TYR C 5 12.84 -39.71 14.83
C TYR C 5 13.75 -38.62 14.25
N MET C 6 14.99 -38.99 13.95
CA MET C 6 15.97 -38.08 13.37
C MET C 6 16.79 -38.80 12.34
N ASP C 7 16.45 -38.58 11.07
CA ASP C 7 17.18 -39.11 9.94
C ASP C 7 17.41 -40.64 9.97
N GLY C 8 16.40 -41.40 10.35
CA GLY C 8 16.55 -42.83 10.36
C GLY C 8 16.74 -43.47 11.70
N GLU C 9 17.12 -42.73 12.73
CA GLU C 9 17.23 -43.29 14.08
C GLU C 9 16.34 -42.67 15.09
N PHE C 10 15.89 -43.47 16.04
CA PHE C 10 15.14 -42.97 17.18
C PHE C 10 16.13 -42.57 18.27
N VAL C 11 16.06 -41.31 18.64
CA VAL C 11 17.00 -40.69 19.55
C VAL C 11 16.21 -40.17 20.74
N PRO C 12 16.70 -40.38 21.96
CA PRO C 12 16.04 -39.80 23.12
C PRO C 12 15.99 -38.26 23.00
N GLU C 13 14.88 -37.65 23.44
CA GLU C 13 14.69 -36.20 23.42
C GLU C 13 15.88 -35.37 23.84
N ASN C 14 16.52 -35.78 24.93
CA ASN C 14 17.65 -35.07 25.52
CA ASN C 14 17.65 -35.06 25.52
C ASN C 14 18.88 -35.08 24.64
N GLU C 15 18.90 -35.97 23.65
CA GLU C 15 20.01 -36.06 22.72
C GLU C 15 19.61 -35.67 21.32
N ALA C 16 18.34 -35.33 21.12
CA ALA C 16 17.83 -34.97 19.79
C ALA C 16 18.36 -33.56 19.44
N LYS C 17 19.43 -33.54 18.64
CA LYS C 17 20.15 -32.34 18.32
C LYS C 17 20.40 -32.25 16.82
N VAL C 18 20.50 -31.03 16.30
CA VAL C 18 20.74 -30.81 14.87
C VAL C 18 22.01 -30.00 14.77
N SER C 19 22.80 -30.25 13.74
CA SER C 19 24.02 -29.48 13.48
C SER C 19 23.68 -27.99 13.39
N ILE C 20 24.48 -27.15 14.04
CA ILE C 20 24.31 -25.71 13.92
C ILE C 20 24.60 -25.21 12.50
N PHE C 21 25.13 -26.08 11.64
CA PHE C 21 25.42 -25.72 10.26
C PHE C 21 24.25 -26.07 9.34
N ASP C 22 23.23 -26.74 9.88
CA ASP C 22 22.02 -26.95 9.12
C ASP C 22 21.36 -25.56 8.87
N HIS C 23 21.01 -25.30 7.62
CA HIS C 23 20.32 -24.07 7.23
C HIS C 23 18.96 -23.86 7.89
N GLY C 24 18.34 -24.96 8.30
CA GLY C 24 17.13 -24.96 9.10
C GLY C 24 17.36 -24.22 10.40
N PHE C 25 18.56 -24.33 10.96
CA PHE C 25 18.91 -23.62 12.18
C PHE C 25 19.44 -22.21 11.86
N LEU C 26 20.40 -22.09 10.96
CA LEU C 26 21.01 -20.81 10.62
C LEU C 26 20.05 -19.75 10.08
N TYR C 27 19.07 -20.20 9.29
CA TYR C 27 18.19 -19.31 8.51
C TYR C 27 16.72 -19.62 8.62
N GLY C 28 16.37 -20.58 9.49
CA GLY C 28 14.99 -21.06 9.64
C GLY C 28 14.54 -21.69 8.32
N ASP C 29 15.50 -22.21 7.56
CA ASP C 29 15.22 -22.72 6.23
C ASP C 29 14.72 -24.19 6.33
N GLY C 30 13.45 -24.34 6.58
CA GLY C 30 12.86 -25.64 6.74
C GLY C 30 11.35 -25.47 6.88
N VAL C 31 10.63 -26.58 6.90
CA VAL C 31 9.17 -26.58 7.02
C VAL C 31 8.77 -27.52 8.15
N PHE C 32 7.58 -27.32 8.71
CA PHE C 32 7.07 -28.18 9.76
C PHE C 32 5.57 -28.30 9.69
N GLU C 33 5.03 -29.24 10.47
CA GLU C 33 3.61 -29.42 10.63
C GLU C 33 3.31 -29.63 12.10
N GLY C 34 2.04 -29.48 12.44
CA GLY C 34 1.54 -29.76 13.75
C GLY C 34 0.37 -30.68 13.55
N ILE C 35 0.44 -31.89 14.12
CA ILE C 35 -0.58 -32.93 13.90
C ILE C 35 -1.01 -33.50 15.27
N ARG C 36 -2.28 -33.85 15.37
CA ARG C 36 -2.80 -34.47 16.58
CA ARG C 36 -2.80 -34.47 16.58
C ARG C 36 -3.24 -35.92 16.43
N ALA C 37 -2.82 -36.72 17.43
CA ALA C 37 -3.30 -38.11 17.63
C ALA C 37 -4.35 -38.07 18.74
N TYR C 38 -5.54 -38.61 18.43
CA TYR C 38 -6.62 -38.76 19.40
C TYR C 38 -7.01 -40.22 19.52
N ASN C 39 -6.98 -40.76 20.75
CA ASN C 39 -7.43 -42.13 21.04
CA ASN C 39 -7.43 -42.12 21.04
C ASN C 39 -6.89 -43.15 20.01
N GLY C 40 -5.57 -43.17 19.83
CA GLY C 40 -4.95 -44.06 18.87
C GLY C 40 -5.14 -43.81 17.38
N ARG C 41 -5.78 -42.68 17.03
CA ARG C 41 -5.91 -42.27 15.63
CA ARG C 41 -5.91 -42.27 15.63
C ARG C 41 -5.20 -40.93 15.34
N VAL C 42 -4.58 -40.81 14.18
CA VAL C 42 -3.93 -39.53 13.78
C VAL C 42 -4.92 -38.74 12.92
N PHE C 43 -5.35 -37.62 13.47
CA PHE C 43 -6.40 -36.81 12.83
C PHE C 43 -5.84 -36.04 11.62
N ARG C 44 -6.45 -36.29 10.46
CA ARG C 44 -6.16 -35.63 9.18
C ARG C 44 -4.70 -35.71 8.78
N LEU C 45 -4.08 -36.86 9.03
CA LEU C 45 -2.67 -37.08 8.75
C LEU C 45 -2.30 -36.78 7.29
N LYS C 46 -3.11 -37.24 6.35
CA LYS C 46 -2.82 -37.10 4.95
CA LYS C 46 -2.82 -37.10 4.95
C LYS C 46 -2.86 -35.60 4.53
N GLU C 47 -3.85 -34.86 5.01
CA GLU C 47 -3.99 -33.41 4.80
C GLU C 47 -2.76 -32.67 5.31
N HIS C 48 -2.26 -33.01 6.51
CA HIS C 48 -1.08 -32.39 7.05
C HIS C 48 0.17 -32.68 6.24
N ILE C 49 0.28 -33.93 5.79
CA ILE C 49 1.41 -34.34 4.98
C ILE C 49 1.37 -33.63 3.62
N ASP C 50 0.18 -33.48 3.05
CA ASP C 50 0.04 -32.76 1.79
C ASP C 50 0.52 -31.31 1.96
N ARG C 51 0.14 -30.69 3.08
CA ARG C 51 0.52 -29.31 3.35
C ARG C 51 2.03 -29.22 3.57
N LEU C 52 2.61 -30.20 4.26
CA LEU C 52 4.06 -30.22 4.48
C LEU C 52 4.81 -30.21 3.14
N TYR C 53 4.35 -31.03 2.19
CA TYR C 53 4.97 -31.10 0.86
C TYR C 53 4.73 -29.82 0.06
N ASP C 54 3.57 -29.19 0.26
CA ASP C 54 3.28 -27.89 -0.36
C ASP C 54 4.20 -26.81 0.22
N SER C 55 4.40 -26.80 1.53
CA SER C 55 5.32 -25.86 2.16
C SER C 55 6.71 -26.05 1.59
N ALA C 56 7.15 -27.30 1.46
CA ALA C 56 8.47 -27.61 0.92
C ALA C 56 8.60 -27.14 -0.53
N LYS C 57 7.57 -27.39 -1.33
CA LYS C 57 7.56 -26.97 -2.70
C LYS C 57 7.67 -25.41 -2.81
N ALA C 58 6.95 -24.71 -1.94
CA ALA C 58 6.97 -23.27 -1.91
C ALA C 58 8.37 -22.70 -1.66
N ILE C 59 9.18 -23.39 -0.85
CA ILE C 59 10.53 -22.94 -0.57
C ILE C 59 11.58 -23.71 -1.40
N ASP C 60 11.11 -24.38 -2.44
CA ASP C 60 11.93 -25.17 -3.36
C ASP C 60 12.81 -26.21 -2.63
N LEU C 61 12.22 -26.91 -1.69
CA LEU C 61 12.94 -27.88 -0.90
C LEU C 61 12.38 -29.25 -1.29
N GLU C 62 13.25 -30.15 -1.70
CA GLU C 62 12.81 -31.50 -2.05
C GLU C 62 12.86 -32.41 -0.81
N ILE C 63 11.71 -32.93 -0.39
CA ILE C 63 11.66 -33.81 0.78
C ILE C 63 12.21 -35.17 0.27
N PRO C 64 13.25 -35.71 0.92
CA PRO C 64 13.90 -36.86 0.31
C PRO C 64 13.12 -38.21 0.39
N ILE C 65 11.95 -38.25 1.00
CA ILE C 65 11.12 -39.46 1.03
C ILE C 65 9.73 -39.19 0.49
N THR C 66 8.95 -40.23 0.26
CA THR C 66 7.61 -40.08 -0.31
C THR C 66 6.63 -39.81 0.83
N LYS C 67 5.44 -39.35 0.48
CA LYS C 67 4.42 -39.03 1.48
C LYS C 67 3.98 -40.26 2.27
N GLU C 68 3.89 -41.42 1.58
CA GLU C 68 3.56 -42.74 2.19
CA GLU C 68 3.55 -42.74 2.18
C GLU C 68 4.66 -43.19 3.19
N GLU C 69 5.91 -42.95 2.81
CA GLU C 69 7.02 -43.18 3.72
C GLU C 69 6.99 -42.24 4.92
N PHE C 70 6.62 -40.96 4.70
CA PHE C 70 6.55 -39.97 5.77
C PHE C 70 5.47 -40.34 6.75
N MET C 71 4.30 -40.73 6.23
CA MET C 71 3.21 -41.19 7.11
C MET C 71 3.62 -42.40 7.96
N GLU C 72 4.33 -43.37 7.36
CA GLU C 72 4.80 -44.54 8.09
CA GLU C 72 4.80 -44.54 8.10
C GLU C 72 5.77 -44.14 9.22
N ILE C 73 6.69 -43.21 8.92
CA ILE C 73 7.64 -42.73 9.94
C ILE C 73 6.94 -42.08 11.13
N ILE C 74 5.86 -41.35 10.83
CA ILE C 74 5.11 -40.67 11.87
C ILE C 74 4.44 -41.70 12.79
N LEU C 75 3.76 -42.69 12.18
CA LEU C 75 3.06 -43.77 12.91
C LEU C 75 4.06 -44.62 13.75
N GLU C 76 5.18 -44.97 13.12
CA GLU C 76 6.29 -45.64 13.81
C GLU C 76 6.81 -44.90 15.02
N THR C 77 6.90 -43.57 14.93
CA THR C 77 7.40 -42.77 16.04
C THR C 77 6.40 -42.76 17.18
N LEU C 78 5.11 -42.73 16.83
CA LEU C 78 4.05 -42.76 17.84
C LEU C 78 4.04 -44.13 18.53
N ARG C 79 4.20 -45.20 17.73
CA ARG C 79 4.33 -46.58 18.22
C ARG C 79 5.51 -46.75 19.18
N LYS C 80 6.70 -46.40 18.72
CA LYS C 80 7.90 -46.46 19.58
CA LYS C 80 7.90 -46.45 19.57
C LYS C 80 7.71 -45.78 20.93
N ASN C 81 6.89 -44.74 21.02
CA ASN C 81 6.71 -44.03 22.29
C ASN C 81 5.42 -44.46 22.98
N ASN C 82 4.73 -45.42 22.37
CA ASN C 82 3.44 -45.93 22.87
C ASN C 82 2.43 -44.83 23.15
N LEU C 83 2.21 -43.93 22.19
CA LEU C 83 1.28 -42.83 22.44
C LEU C 83 -0.02 -43.11 21.76
N ARG C 84 -1.10 -42.61 22.36
CA ARG C 84 -2.42 -42.70 21.74
C ARG C 84 -3.01 -41.31 21.57
N ASP C 85 -2.63 -40.44 22.49
CA ASP C 85 -3.05 -39.04 22.50
C ASP C 85 -1.79 -38.19 22.51
N ALA C 86 -1.48 -37.59 21.35
CA ALA C 86 -0.22 -36.89 21.16
C ALA C 86 -0.31 -35.68 20.20
N TYR C 87 0.72 -34.82 20.30
CA TYR C 87 1.04 -33.79 19.34
C TYR C 87 2.27 -34.24 18.58
N ILE C 88 2.17 -34.18 17.26
CA ILE C 88 3.25 -34.60 16.36
C ILE C 88 3.76 -33.35 15.59
N ARG C 89 5.07 -33.18 15.58
CA ARG C 89 5.75 -32.10 14.89
C ARG C 89 6.80 -32.68 13.93
N PRO C 90 6.38 -33.03 12.70
CA PRO C 90 7.38 -33.36 11.70
C PRO C 90 8.07 -32.06 11.22
N ILE C 91 9.36 -32.14 10.97
CA ILE C 91 10.18 -31.05 10.51
C ILE C 91 11.05 -31.57 9.40
N VAL C 92 11.18 -30.80 8.32
CA VAL C 92 12.15 -31.06 7.27
C VAL C 92 13.02 -29.83 7.13
N THR C 93 14.34 -30.00 7.17
CA THR C 93 15.26 -28.89 7.04
C THR C 93 15.95 -28.91 5.71
N ARG C 94 16.54 -27.78 5.31
CA ARG C 94 17.25 -27.70 4.04
C ARG C 94 18.50 -28.59 4.11
N GLY C 95 19.10 -28.70 5.31
CA GLY C 95 20.29 -29.51 5.54
C GLY C 95 21.53 -28.68 5.68
N ILE C 96 22.65 -29.35 5.95
CA ILE C 96 23.95 -28.72 6.08
C ILE C 96 24.47 -28.22 4.75
N GLY C 97 24.97 -27.00 4.75
CA GLY C 97 25.65 -26.41 3.57
C GLY C 97 26.72 -25.49 4.17
N ASP C 98 27.22 -24.60 3.33
CA ASP C 98 28.14 -23.54 3.77
C ASP C 98 27.45 -22.42 4.60
N LEU C 99 28.22 -21.44 5.03
CA LEU C 99 27.65 -20.38 5.83
C LEU C 99 26.91 -19.29 5.07
N GLY C 100 26.83 -19.38 3.76
CA GLY C 100 26.02 -18.43 3.00
C GLY C 100 24.56 -18.87 2.95
N LEU C 101 23.67 -18.08 2.39
CA LEU C 101 22.25 -18.44 2.39
C LEU C 101 21.84 -19.27 1.16
N ASP C 102 22.69 -19.35 0.16
CA ASP C 102 22.43 -20.15 -1.05
C ASP C 102 22.00 -21.60 -0.76
N PRO C 103 20.75 -21.98 -1.12
CA PRO C 103 20.30 -23.33 -0.78
C PRO C 103 20.89 -24.39 -1.69
N ARG C 104 21.49 -23.99 -2.81
CA ARG C 104 22.15 -24.94 -3.71
CA ARG C 104 22.15 -24.94 -3.71
C ARG C 104 23.34 -25.68 -3.09
N LYS C 105 24.01 -25.05 -2.11
CA LYS C 105 25.12 -25.69 -1.44
C LYS C 105 24.65 -26.67 -0.34
N CYS C 106 23.34 -26.83 -0.16
CA CYS C 106 22.81 -27.72 0.85
C CYS C 106 22.32 -29.02 0.31
N GLN C 107 22.94 -30.14 0.65
N GLN C 107 23.06 -30.06 0.59
CA GLN C 107 22.62 -31.38 -0.05
CA GLN C 107 22.56 -31.38 0.26
C GLN C 107 21.72 -32.43 0.62
C GLN C 107 22.11 -32.01 1.55
N ASN C 108 21.69 -32.49 1.93
N ASN C 108 21.34 -33.07 1.42
CA ASN C 108 20.95 -33.55 2.60
CA ASN C 108 20.83 -33.83 2.59
C ASN C 108 19.95 -33.04 3.61
C ASN C 108 19.94 -33.12 3.59
N PRO C 109 18.67 -32.87 3.20
CA PRO C 109 17.65 -32.35 4.11
C PRO C 109 17.49 -33.28 5.31
N SER C 110 17.43 -32.75 6.55
CA SER C 110 17.04 -33.57 7.68
C SER C 110 15.56 -33.78 7.81
N ILE C 111 15.16 -35.00 8.18
CA ILE C 111 13.80 -35.35 8.50
C ILE C 111 13.72 -35.65 10.01
N ILE C 112 12.87 -34.91 10.71
CA ILE C 112 12.70 -34.98 12.15
C ILE C 112 11.22 -35.18 12.48
N VAL C 113 10.91 -36.12 13.37
CA VAL C 113 9.55 -36.29 13.87
C VAL C 113 9.56 -36.29 15.40
N ILE C 114 8.94 -35.26 15.99
CA ILE C 114 8.73 -35.10 17.41
C ILE C 114 7.31 -35.54 17.75
N THR C 115 7.17 -36.35 18.80
CA THR C 115 5.82 -36.75 19.32
C THR C 115 5.86 -36.58 20.82
N LYS C 116 4.90 -35.83 21.33
CA LYS C 116 4.80 -35.46 22.74
C LYS C 116 3.42 -35.80 23.18
N PRO C 117 3.27 -36.35 24.40
CA PRO C 117 1.93 -36.67 24.91
C PRO C 117 1.09 -35.39 25.05
N TRP C 118 -0.17 -35.53 24.74
CA TRP C 118 -1.16 -34.47 24.95
C TRP C 118 -2.17 -34.86 26.01
N GLY C 119 -2.16 -34.09 27.12
CA GLY C 119 -3.05 -34.29 28.27
C GLY C 119 -3.37 -32.99 28.98
N ASP C 124 -10.21 -25.14 31.07
CA ASP C 124 -10.40 -23.99 31.96
C ASP C 124 -10.50 -22.65 31.23
N LEU C 125 -9.59 -22.41 30.29
CA LEU C 125 -9.67 -21.22 29.42
C LEU C 125 -10.80 -21.32 28.36
N TYR C 126 -11.30 -22.54 28.12
CA TYR C 126 -12.35 -22.79 27.14
C TYR C 126 -13.78 -22.58 27.66
N GLU C 127 -13.93 -22.63 29.00
CA GLU C 127 -15.20 -22.41 29.61
C GLU C 127 -15.41 -20.92 29.74
N LYS C 128 -14.34 -20.22 30.05
CA LYS C 128 -14.35 -18.77 30.20
CA LYS C 128 -14.36 -18.77 30.20
C LYS C 128 -14.10 -18.04 28.89
N GLY C 129 -13.29 -18.64 28.00
CA GLY C 129 -12.87 -18.01 26.73
C GLY C 129 -11.59 -17.19 26.88
N LEU C 130 -10.95 -16.87 25.77
CA LEU C 130 -9.68 -16.14 25.77
C LEU C 130 -9.87 -14.67 25.54
N THR C 131 -8.92 -13.90 26.07
CA THR C 131 -8.76 -12.47 25.75
C THR C 131 -7.78 -12.33 24.57
N ALA C 132 -8.09 -11.42 23.64
CA ALA C 132 -7.21 -11.20 22.51
C ALA C 132 -6.92 -9.75 22.35
N ILE C 133 -5.77 -9.46 21.76
CA ILE C 133 -5.43 -8.09 21.40
C ILE C 133 -4.99 -8.10 19.96
N THR C 134 -5.27 -7.01 19.28
CA THR C 134 -4.80 -6.83 17.90
CA THR C 134 -4.81 -6.84 17.90
C THR C 134 -3.40 -6.23 17.99
N VAL C 135 -2.46 -6.76 17.21
CA VAL C 135 -1.07 -6.28 17.30
C VAL C 135 -0.76 -5.20 16.29
N ALA C 136 0.31 -4.44 16.55
CA ALA C 136 0.77 -3.43 15.64
C ALA C 136 1.48 -4.03 14.44
N VAL C 137 2.24 -5.11 14.65
CA VAL C 137 2.90 -5.78 13.52
C VAL C 137 1.86 -6.39 12.60
N ARG C 138 2.06 -6.22 11.31
CA ARG C 138 1.25 -6.83 10.31
C ARG C 138 1.78 -8.27 10.09
N ARG C 139 0.93 -9.13 9.57
CA ARG C 139 1.33 -10.47 9.20
C ARG C 139 2.33 -10.39 8.05
N ASN C 140 3.34 -11.28 8.06
CA ASN C 140 4.28 -11.41 6.91
C ASN C 140 3.42 -11.42 5.63
N SER C 141 3.81 -10.61 4.65
CA SER C 141 3.06 -10.50 3.42
C SER C 141 3.08 -11.77 2.56
N PHE C 142 1.94 -11.99 1.87
CA PHE C 142 1.81 -13.04 0.87
C PHE C 142 2.65 -12.76 -0.39
N ASP C 143 3.27 -11.57 -0.47
CA ASP C 143 4.25 -11.28 -1.56
C ASP C 143 5.70 -11.05 -1.01
N ALA C 144 5.97 -11.47 0.24
CA ALA C 144 7.29 -11.30 0.88
C ALA C 144 7.75 -12.63 1.50
N LEU C 145 6.99 -13.13 2.47
CA LEU C 145 7.30 -14.38 3.10
C LEU C 145 5.92 -15.02 3.31
N PRO C 146 5.39 -15.71 2.27
CA PRO C 146 3.97 -16.07 2.29
C PRO C 146 3.56 -16.87 3.54
N PRO C 147 2.56 -16.37 4.29
CA PRO C 147 2.20 -17.08 5.52
C PRO C 147 1.56 -18.46 5.26
N ASN C 148 1.14 -18.75 4.04
CA ASN C 148 0.66 -20.06 3.66
C ASN C 148 1.74 -21.16 3.86
N ILE C 149 3.03 -20.80 3.81
CA ILE C 149 4.16 -21.70 4.07
C ILE C 149 4.28 -21.89 5.59
N SER C 151 6.69 -22.59 7.79
CA SER C 151 8.15 -22.72 7.74
C SER C 151 8.72 -22.51 9.13
N LEU C 152 10.02 -22.73 9.29
CA LEU C 152 10.68 -22.45 10.57
C LEU C 152 10.88 -20.95 10.80
N ASN C 153 10.42 -20.08 9.87
CA ASN C 153 10.48 -18.65 10.10
C ASN C 153 9.23 -18.21 10.84
N TYR C 154 9.26 -18.25 12.18
CA TYR C 154 8.09 -17.89 12.99
C TYR C 154 8.26 -16.67 13.85
N LEU C 155 9.29 -15.88 13.57
CA LEU C 155 9.50 -14.68 14.37
C LEU C 155 8.40 -13.62 14.23
N ASN C 156 7.73 -13.56 13.08
CA ASN C 156 6.59 -12.61 12.92
C ASN C 156 5.53 -12.97 13.97
N ASN C 157 5.25 -14.27 14.10
CA ASN C 157 4.26 -14.83 15.04
C ASN C 157 4.69 -14.58 16.47
N ILE C 158 5.99 -14.75 16.73
CA ILE C 158 6.57 -14.54 18.06
C ILE C 158 6.50 -13.06 18.47
N LEU C 159 6.83 -12.15 17.55
CA LEU C 159 6.69 -10.71 17.85
C LEU C 159 5.25 -10.35 18.24
N ALA C 160 4.26 -10.95 17.55
CA ALA C 160 2.86 -10.73 17.87
C ALA C 160 2.55 -11.30 19.24
N LYS C 161 3.06 -12.49 19.51
CA LYS C 161 2.89 -13.12 20.82
C LYS C 161 3.54 -12.30 21.94
N ILE C 162 4.71 -11.70 21.68
CA ILE C 162 5.41 -10.83 22.66
C ILE C 162 4.51 -9.65 22.95
N GLU C 163 3.93 -9.05 21.91
CA GLU C 163 2.98 -7.92 22.10
C GLU C 163 1.82 -8.38 22.97
N ALA C 164 1.21 -9.54 22.65
CA ALA C 164 0.07 -10.04 23.43
C ALA C 164 0.44 -10.26 24.93
N ASN C 165 1.60 -10.88 25.18
CA ASN C 165 2.10 -11.13 26.54
C ASN C 165 2.23 -9.80 27.28
N ALA C 166 2.76 -8.76 26.63
CA ALA C 166 2.96 -7.48 27.27
C ALA C 166 1.69 -6.68 27.40
N LYS C 167 0.67 -7.01 26.62
CA LYS C 167 -0.49 -6.12 26.49
C LYS C 167 -1.76 -6.75 27.06
N GLY C 168 -1.60 -7.86 27.77
CA GLY C 168 -2.69 -8.50 28.47
C GLY C 168 -3.61 -9.36 27.62
N GLY C 169 -3.12 -9.93 26.53
CA GLY C 169 -3.97 -10.82 25.77
C GLY C 169 -3.42 -12.23 25.84
N ASP C 170 -4.31 -13.21 25.82
CA ASP C 170 -3.94 -14.60 25.67
C ASP C 170 -3.53 -14.88 24.26
N GLU C 171 -4.09 -14.13 23.31
CA GLU C 171 -3.84 -14.34 21.88
C GLU C 171 -3.65 -12.97 21.18
N ALA C 172 -2.84 -12.99 20.14
CA ALA C 172 -2.59 -11.85 19.28
C ALA C 172 -3.40 -12.02 18.02
N ILE C 173 -4.00 -10.93 17.53
CA ILE C 173 -4.66 -10.97 16.21
C ILE C 173 -3.90 -10.06 15.23
N PHE C 174 -3.52 -10.61 14.08
CA PHE C 174 -2.83 -9.88 13.04
C PHE C 174 -3.84 -9.28 12.03
N LEU C 175 -3.53 -8.08 11.55
CA LEU C 175 -4.01 -7.56 10.29
C LEU C 175 -2.91 -7.82 9.26
N ASP C 176 -3.27 -7.73 7.98
CA ASP C 176 -2.31 -7.97 6.90
C ASP C 176 -1.79 -6.64 6.34
N ARG C 177 -0.92 -6.72 5.33
CA ARG C 177 -0.27 -5.57 4.72
CA ARG C 177 -0.27 -5.56 4.73
C ARG C 177 -1.27 -4.59 4.08
N ASN C 178 -2.49 -5.06 3.83
CA ASN C 178 -3.54 -4.24 3.16
C ASN C 178 -4.64 -3.82 4.15
N GLY C 179 -4.42 -4.10 5.45
CA GLY C 179 -5.35 -3.67 6.53
C GLY C 179 -6.46 -4.64 6.88
N TYR C 180 -6.51 -5.82 6.24
CA TYR C 180 -7.54 -6.83 6.51
C TYR C 180 -7.10 -7.74 7.64
N VAL C 181 -8.08 -8.29 8.38
CA VAL C 181 -7.81 -9.29 9.41
C VAL C 181 -7.18 -10.51 8.75
N SER C 182 -6.15 -11.03 9.39
CA SER C 182 -5.43 -12.16 8.84
C SER C 182 -5.75 -13.41 9.70
N GLU C 183 -5.20 -13.50 10.91
CA GLU C 183 -5.28 -14.67 11.77
C GLU C 183 -4.67 -14.34 13.11
N GLY C 184 -4.71 -15.29 14.05
CA GLY C 184 -4.00 -15.20 15.34
C GLY C 184 -2.55 -15.60 15.13
N SER C 185 -1.70 -15.42 16.15
CA SER C 185 -0.30 -15.79 16.02
C SER C 185 -0.07 -17.27 15.68
N GLY C 186 -0.98 -18.14 16.13
CA GLY C 186 -0.88 -19.55 15.83
C GLY C 186 -2.18 -20.25 15.43
N ASP C 187 -3.16 -19.53 14.87
CA ASP C 187 -4.50 -20.07 14.55
C ASP C 187 -5.34 -19.18 13.66
N ASN C 188 -6.26 -19.80 12.92
CA ASN C 188 -7.23 -19.09 12.06
C ASN C 188 -8.34 -18.48 12.86
N ILE C 189 -9.00 -17.45 12.33
CA ILE C 189 -10.00 -16.70 13.06
C ILE C 189 -11.36 -16.74 12.34
N PHE C 190 -12.44 -16.86 13.11
CA PHE C 190 -13.79 -16.89 12.58
C PHE C 190 -14.62 -15.90 13.39
N VAL C 191 -15.56 -15.26 12.71
CA VAL C 191 -16.42 -14.27 13.31
C VAL C 191 -17.87 -14.73 13.10
N VAL C 192 -18.68 -14.62 14.16
CA VAL C 192 -20.09 -14.98 14.14
C VAL C 192 -20.88 -13.71 14.36
N LYS C 193 -21.79 -13.42 13.45
CA LYS C 193 -22.60 -12.22 13.56
C LYS C 193 -23.99 -12.52 12.97
N ASN C 194 -25.03 -12.30 13.78
CA ASN C 194 -26.43 -12.56 13.43
C ASN C 194 -26.64 -13.93 12.83
N GLY C 195 -26.13 -14.94 13.50
CA GLY C 195 -26.25 -16.33 13.06
C GLY C 195 -25.43 -16.70 11.85
N ALA C 196 -24.68 -15.79 11.26
CA ALA C 196 -23.80 -16.14 10.12
C ALA C 196 -22.29 -16.10 10.51
N ILE C 197 -21.50 -16.91 9.85
CA ILE C 197 -20.09 -17.02 10.14
C ILE C 197 -19.24 -16.55 8.97
N THR C 198 -18.22 -15.76 9.28
CA THR C 198 -17.26 -15.32 8.28
CA THR C 198 -17.27 -15.31 8.28
C THR C 198 -15.86 -15.65 8.74
N THR C 199 -14.98 -15.87 7.76
CA THR C 199 -13.57 -16.09 8.01
C THR C 199 -12.79 -15.46 6.84
N PRO C 200 -11.57 -14.95 7.10
CA PRO C 200 -10.78 -14.37 5.99
C PRO C 200 -10.45 -15.43 4.92
N PRO C 201 -10.29 -14.99 3.66
CA PRO C 201 -9.74 -15.94 2.65
C PRO C 201 -8.35 -16.37 3.11
N THR C 202 -7.81 -17.42 2.53
CA THR C 202 -6.59 -17.98 3.13
C THR C 202 -5.29 -17.38 2.65
N ILE C 203 -5.34 -16.60 1.56
CA ILE C 203 -4.16 -15.90 1.03
C ILE C 203 -3.26 -15.14 2.07
N ASN C 204 -3.85 -14.46 3.03
CA ASN C 204 -3.06 -13.67 3.96
C ASN C 204 -2.75 -14.39 5.27
N ASN C 205 -3.14 -15.67 5.36
CA ASN C 205 -2.95 -16.45 6.61
C ASN C 205 -2.45 -17.87 6.25
N LEU C 206 -2.93 -18.91 6.89
CA LEU C 206 -2.52 -20.26 6.57
C LEU C 206 -3.80 -21.06 6.30
N ARG C 207 -3.76 -21.96 5.32
N ARG C 207 -3.76 -21.95 5.31
CA ARG C 207 -4.90 -22.83 5.03
CA ARG C 207 -4.93 -22.84 5.02
C ARG C 207 -4.96 -23.90 6.14
C ARG C 207 -4.97 -23.90 6.13
N GLY C 208 -5.57 -23.54 7.26
CA GLY C 208 -5.67 -24.41 8.45
C GLY C 208 -6.46 -25.67 8.15
N ILE C 209 -5.94 -26.78 8.64
CA ILE C 209 -6.64 -28.05 8.55
C ILE C 209 -7.84 -28.08 9.51
N THR C 210 -7.68 -27.50 10.69
CA THR C 210 -8.80 -27.32 11.62
C THR C 210 -9.84 -26.39 10.99
N ARG C 211 -9.39 -25.29 10.40
CA ARG C 211 -10.27 -24.34 9.74
C ARG C 211 -11.12 -25.08 8.69
N GLU C 212 -10.49 -25.92 7.85
CA GLU C 212 -11.19 -26.69 6.83
C GLU C 212 -12.24 -27.64 7.47
N ALA C 213 -11.85 -28.35 8.53
CA ALA C 213 -12.75 -29.27 9.23
C ALA C 213 -13.92 -28.51 9.82
N VAL C 214 -13.66 -27.33 10.40
CA VAL C 214 -14.70 -26.52 11.00
C VAL C 214 -15.66 -26.01 9.95
N ILE C 215 -15.16 -25.67 8.77
CA ILE C 215 -16.02 -25.20 7.66
C ILE C 215 -16.96 -26.35 7.18
N GLU C 216 -16.43 -27.56 7.09
CA GLU C 216 -17.21 -28.76 6.81
C GLU C 216 -18.37 -28.94 7.81
N ILE C 217 -18.08 -28.79 9.10
CA ILE C 217 -19.10 -28.83 10.14
C ILE C 217 -20.12 -27.73 9.97
N ILE C 218 -19.63 -26.51 9.74
CA ILE C 218 -20.52 -25.35 9.56
C ILE C 218 -21.53 -25.63 8.40
N ASN C 219 -21.02 -26.15 7.29
CA ASN C 219 -21.84 -26.46 6.13
C ASN C 219 -22.84 -27.59 6.44
N ARG C 220 -22.38 -28.62 7.16
CA ARG C 220 -23.20 -29.75 7.54
CA ARG C 220 -23.20 -29.75 7.54
C ARG C 220 -24.35 -29.28 8.44
N LEU C 221 -24.08 -28.32 9.32
CA LEU C 221 -25.10 -27.79 10.21
C LEU C 221 -25.96 -26.75 9.53
N GLY C 222 -25.66 -26.42 8.29
CA GLY C 222 -26.42 -25.38 7.60
C GLY C 222 -26.32 -23.97 8.15
N ILE C 223 -25.24 -23.63 8.86
CA ILE C 223 -25.03 -22.26 9.32
C ILE C 223 -24.56 -21.41 8.11
N PRO C 224 -25.20 -20.26 7.84
CA PRO C 224 -24.68 -19.45 6.72
C PRO C 224 -23.18 -19.07 6.93
N PHE C 225 -22.40 -19.27 5.88
CA PHE C 225 -20.97 -19.16 5.95
C PHE C 225 -20.47 -18.40 4.74
N LYS C 226 -19.52 -17.49 4.95
CA LYS C 226 -18.90 -16.75 3.86
C LYS C 226 -17.41 -16.57 4.12
N GLU C 227 -16.61 -16.83 3.12
CA GLU C 227 -15.18 -16.59 3.20
C GLU C 227 -14.99 -15.20 2.57
N THR C 228 -14.61 -14.21 3.36
CA THR C 228 -14.53 -12.85 2.84
C THR C 228 -13.61 -12.01 3.76
N ASN C 229 -13.12 -10.87 3.28
CA ASN C 229 -12.31 -10.02 4.13
C ASN C 229 -13.08 -9.43 5.28
N ILE C 230 -12.42 -9.41 6.43
CA ILE C 230 -12.96 -8.89 7.68
CA ILE C 230 -12.96 -8.83 7.65
C ILE C 230 -12.02 -7.79 8.19
N GLY C 231 -12.58 -6.85 8.94
CA GLY C 231 -11.85 -5.73 9.51
C GLY C 231 -11.96 -5.70 11.00
N LEU C 232 -11.22 -4.78 11.62
CA LEU C 232 -11.31 -4.52 13.04
C LEU C 232 -12.76 -4.37 13.50
N TYR C 233 -13.54 -3.60 12.74
CA TYR C 233 -14.97 -3.38 13.05
C TYR C 233 -15.73 -4.71 13.24
N ASP C 234 -15.50 -5.69 12.37
CA ASP C 234 -16.17 -6.99 12.45
C ASP C 234 -15.79 -7.76 13.68
N LEU C 235 -14.53 -7.64 14.09
CA LEU C 235 -14.08 -8.26 15.33
C LEU C 235 -14.78 -7.65 16.52
N TYR C 236 -14.76 -6.32 16.58
CA TYR C 236 -15.26 -5.60 17.76
C TYR C 236 -16.76 -5.78 17.94
N THR C 237 -17.51 -5.93 16.84
CA THR C 237 -18.97 -5.90 16.93
C THR C 237 -19.56 -7.32 16.74
N ALA C 238 -18.69 -8.34 16.70
CA ALA C 238 -19.12 -9.72 16.54
C ALA C 238 -20.01 -10.21 17.71
N ASP C 239 -20.94 -11.11 17.41
CA ASP C 239 -21.69 -11.85 18.47
C ASP C 239 -20.74 -12.84 19.13
N GLU C 240 -19.88 -13.48 18.34
CA GLU C 240 -18.92 -14.44 18.87
C GLU C 240 -17.69 -14.43 17.94
N VAL C 241 -16.53 -14.78 18.50
CA VAL C 241 -15.30 -14.91 17.78
C VAL C 241 -14.66 -16.17 18.34
N PHE C 242 -14.04 -16.94 17.44
CA PHE C 242 -13.24 -18.07 17.85
C PHE C 242 -12.06 -18.27 16.92
N VAL C 243 -11.03 -18.93 17.45
CA VAL C 243 -9.84 -19.30 16.68
C VAL C 243 -9.70 -20.81 16.61
N THR C 244 -9.01 -21.27 15.58
CA THR C 244 -8.90 -22.68 15.26
C THR C 244 -7.50 -23.02 14.92
N GLY C 245 -7.04 -24.16 15.43
CA GLY C 245 -5.75 -24.74 15.08
C GLY C 245 -5.63 -26.11 15.68
N THR C 246 -4.61 -26.85 15.28
CA THR C 246 -4.39 -28.22 15.74
C THR C 246 -4.27 -28.30 17.27
N ALA C 247 -3.44 -27.45 17.88
CA ALA C 247 -3.24 -27.43 19.32
C ALA C 247 -4.41 -26.84 20.03
N ALA C 248 -4.94 -25.73 19.52
CA ALA C 248 -6.04 -25.03 20.19
C ALA C 248 -7.39 -25.70 20.03
N GLU C 249 -7.56 -26.46 18.95
CA GLU C 249 -8.88 -26.94 18.50
C GLU C 249 -9.73 -25.73 18.19
N ILE C 250 -10.80 -25.51 18.95
CA ILE C 250 -11.63 -24.34 18.78
C ILE C 250 -11.62 -23.58 20.08
N ALA C 251 -11.04 -22.39 20.05
CA ALA C 251 -10.92 -21.57 21.24
C ALA C 251 -11.78 -20.33 21.11
N PRO C 252 -12.74 -20.12 22.02
CA PRO C 252 -13.53 -18.90 22.01
C PRO C 252 -12.70 -17.66 22.40
N ILE C 253 -12.97 -16.55 21.74
CA ILE C 253 -12.38 -15.27 22.06
C ILE C 253 -13.49 -14.41 22.56
N VAL C 254 -13.40 -13.97 23.82
CA VAL C 254 -14.54 -13.29 24.47
C VAL C 254 -14.28 -11.81 24.74
N VAL C 255 -13.00 -11.39 24.65
CA VAL C 255 -12.62 -9.97 24.78
C VAL C 255 -11.60 -9.66 23.68
N ILE C 256 -11.80 -8.57 22.93
CA ILE C 256 -10.82 -8.10 21.96
C ILE C 256 -10.59 -6.63 22.22
N ASP C 257 -9.33 -6.29 22.47
CA ASP C 257 -8.89 -4.90 22.70
C ASP C 257 -9.78 -4.22 23.75
N GLY C 258 -9.97 -4.90 24.88
CA GLY C 258 -10.76 -4.39 25.97
C GLY C 258 -12.27 -4.41 25.77
N ARG C 259 -12.77 -4.86 24.62
CA ARG C 259 -14.20 -4.91 24.36
C ARG C 259 -14.73 -6.31 24.53
N LYS C 260 -15.81 -6.43 25.30
CA LYS C 260 -16.50 -7.70 25.49
C LYS C 260 -17.09 -8.10 24.15
N ILE C 261 -16.89 -9.34 23.77
CA ILE C 261 -17.50 -9.86 22.53
C ILE C 261 -18.87 -10.43 22.91
N GLY C 262 -19.94 -9.85 22.34
CA GLY C 262 -21.31 -10.21 22.70
C GLY C 262 -21.49 -10.06 24.22
N ASP C 263 -21.82 -11.14 24.89
CA ASP C 263 -22.04 -11.13 26.33
C ASP C 263 -20.76 -11.41 27.11
N GLY C 264 -19.63 -11.58 26.44
CA GLY C 264 -18.38 -11.84 27.14
C GLY C 264 -18.16 -13.27 27.58
N LYS C 265 -18.98 -14.19 27.08
CA LYS C 265 -18.87 -15.61 27.39
C LYS C 265 -18.83 -16.40 26.09
N PRO C 266 -18.31 -17.64 26.08
CA PRO C 266 -18.31 -18.38 24.81
C PRO C 266 -19.72 -18.48 24.26
N GLY C 267 -19.91 -18.20 22.98
CA GLY C 267 -21.24 -18.17 22.39
C GLY C 267 -21.80 -19.53 22.03
N GLU C 268 -23.10 -19.53 21.72
CA GLU C 268 -23.86 -20.73 21.41
C GLU C 268 -23.34 -21.45 20.18
N ILE C 269 -23.09 -20.69 19.12
CA ILE C 269 -22.57 -21.27 17.89
C ILE C 269 -21.15 -21.85 18.12
N THR C 270 -20.32 -21.13 18.86
CA THR C 270 -18.96 -21.59 19.16
C THR C 270 -19.05 -22.93 19.93
N ARG C 271 -19.91 -22.97 20.97
CA ARG C 271 -20.06 -24.17 21.82
CA ARG C 271 -20.06 -24.17 21.82
C ARG C 271 -20.55 -25.35 20.99
N LYS C 272 -21.51 -25.11 20.10
CA LYS C 272 -21.98 -26.13 19.20
C LYS C 272 -20.86 -26.68 18.33
N LEU C 273 -20.04 -25.78 17.75
CA LEU C 273 -18.92 -26.23 16.91
C LEU C 273 -17.86 -26.97 17.70
N MET C 274 -17.59 -26.52 18.93
CA MET C 274 -16.65 -27.24 19.82
C MET C 274 -17.10 -28.69 20.02
N GLU C 275 -18.41 -28.91 20.27
CA GLU C 275 -18.98 -30.26 20.46
C GLU C 275 -18.84 -31.08 19.19
N GLU C 276 -19.26 -30.49 18.08
CA GLU C 276 -19.17 -31.20 16.80
C GLU C 276 -17.75 -31.54 16.41
N PHE C 277 -16.81 -30.66 16.74
CA PHE C 277 -15.42 -30.92 16.44
C PHE C 277 -14.87 -32.04 17.29
N SER C 278 -15.18 -32.04 18.60
CA SER C 278 -14.83 -33.16 19.50
C SER C 278 -15.27 -34.50 18.95
N LYS C 279 -16.51 -34.57 18.49
CA LYS C 279 -17.08 -35.76 17.89
C LYS C 279 -16.28 -36.19 16.68
N LEU C 280 -15.90 -35.24 15.84
CA LEU C 280 -15.12 -35.53 14.65
C LEU C 280 -13.76 -36.14 14.97
N THR C 281 -13.11 -35.62 16.00
CA THR C 281 -11.78 -36.11 16.37
C THR C 281 -11.83 -37.49 17.01
N GLU C 282 -12.97 -37.84 17.60
CA GLU C 282 -13.19 -39.15 18.22
C GLU C 282 -13.50 -40.25 17.23
N SER C 283 -13.99 -39.88 16.06
CA SER C 283 -14.41 -40.84 15.06
C SER C 283 -13.63 -40.84 13.72
N GLU C 284 -12.54 -40.10 13.61
CA GLU C 284 -11.83 -40.07 12.35
C GLU C 284 -10.34 -40.13 12.58
N GLY C 285 -9.61 -40.65 11.61
CA GLY C 285 -8.16 -40.67 11.70
C GLY C 285 -7.53 -41.97 11.28
N VAL C 286 -6.25 -41.89 10.95
CA VAL C 286 -5.45 -43.03 10.57
C VAL C 286 -5.08 -43.77 11.88
N PRO C 287 -5.44 -45.08 11.99
CA PRO C 287 -5.12 -45.86 13.19
C PRO C 287 -3.62 -46.02 13.35
N ILE C 288 -3.12 -45.81 14.57
CA ILE C 288 -1.69 -46.01 14.86
C ILE C 288 -1.33 -47.50 15.02
N TYR C 289 -2.20 -48.24 15.72
CA TYR C 289 -1.99 -49.63 16.11
C TYR C 289 -3.00 -50.49 15.36
N GLU C 290 -2.51 -51.26 14.38
CA GLU C 290 -3.35 -52.07 13.49
C GLU C 290 -4.38 -51.23 12.67
N MET D 1 39.36 -30.41 13.93
CA MET D 1 40.29 -29.27 13.70
C MET D 1 39.68 -27.90 14.07
N LEU D 2 38.44 -27.60 13.67
CA LEU D 2 37.86 -26.31 14.13
C LEU D 2 36.91 -26.45 15.28
N TYR D 3 37.10 -25.59 16.27
CA TYR D 3 36.22 -25.58 17.44
C TYR D 3 35.21 -24.46 17.34
N VAL D 4 34.03 -24.72 17.87
CA VAL D 4 32.91 -23.80 17.97
C VAL D 4 32.67 -23.54 19.44
N TYR D 5 32.57 -22.28 19.83
CA TYR D 5 32.09 -21.97 21.17
C TYR D 5 30.60 -22.25 21.30
N MET D 6 30.22 -23.06 22.29
CA MET D 6 28.84 -23.41 22.55
C MET D 6 28.60 -23.45 24.05
N ASP D 7 27.99 -22.38 24.57
CA ASP D 7 27.59 -22.29 25.95
C ASP D 7 28.70 -22.59 26.97
N GLY D 8 29.87 -22.00 26.78
CA GLY D 8 30.94 -22.15 27.75
C GLY D 8 31.99 -23.19 27.41
N GLU D 9 31.76 -24.03 26.40
CA GLU D 9 32.74 -24.99 25.96
C GLU D 9 33.10 -24.89 24.50
N PHE D 10 34.32 -25.27 24.17
CA PHE D 10 34.73 -25.44 22.79
C PHE D 10 34.43 -26.85 22.31
N VAL D 11 33.74 -26.96 21.18
CA VAL D 11 33.23 -28.22 20.68
C VAL D 11 33.68 -28.31 19.22
N PRO D 12 34.15 -29.48 18.79
CA PRO D 12 34.52 -29.63 17.38
C PRO D 12 33.31 -29.38 16.47
N GLU D 13 33.54 -28.75 15.32
CA GLU D 13 32.53 -28.47 14.30
C GLU D 13 31.51 -29.57 14.07
N ASN D 14 32.00 -30.80 13.94
CA ASN D 14 31.20 -31.98 13.61
C ASN D 14 30.30 -32.38 14.75
N GLU D 15 30.55 -31.86 15.94
CA GLU D 15 29.74 -32.17 17.10
C GLU D 15 28.96 -30.97 17.59
N ALA D 16 29.16 -29.81 16.92
CA ALA D 16 28.47 -28.59 17.30
C ALA D 16 26.98 -28.72 16.89
N LYS D 17 26.16 -29.03 17.87
CA LYS D 17 24.76 -29.32 17.66
C LYS D 17 23.94 -28.61 18.72
N VAL D 18 22.69 -28.28 18.36
CA VAL D 18 21.78 -27.57 19.28
C VAL D 18 20.55 -28.46 19.41
N SER D 19 19.93 -28.48 20.59
CA SER D 19 18.70 -29.19 20.80
C SER D 19 17.64 -28.75 19.77
N ILE D 20 16.94 -29.72 19.19
CA ILE D 20 15.85 -29.41 18.28
C ILE D 20 14.68 -28.71 19.02
N PHE D 21 14.73 -28.67 20.34
CA PHE D 21 13.70 -28.00 21.14
C PHE D 21 14.06 -26.55 21.42
N ASP D 22 15.27 -26.14 21.03
CA ASP D 22 15.61 -24.74 21.07
C ASP D 22 14.70 -23.97 20.09
N HIS D 23 14.07 -22.90 20.58
CA HIS D 23 13.21 -22.05 19.75
C HIS D 23 13.93 -21.36 18.60
N GLY D 24 15.25 -21.20 18.75
CA GLY D 24 16.13 -20.73 17.68
C GLY D 24 16.04 -21.67 16.48
N PHE D 25 15.87 -22.97 16.73
CA PHE D 25 15.71 -23.93 15.66
C PHE D 25 14.25 -24.05 15.23
N LEU D 26 13.33 -24.23 16.18
CA LEU D 26 11.92 -24.44 15.88
C LEU D 26 11.24 -23.28 15.12
N TYR D 27 11.64 -22.05 15.47
CA TYR D 27 10.97 -20.84 15.04
C TYR D 27 11.89 -19.77 14.50
N GLY D 28 13.19 -20.08 14.38
CA GLY D 28 14.21 -19.11 13.97
C GLY D 28 14.30 -17.99 15.00
N ASP D 29 13.95 -18.32 16.24
CA ASP D 29 13.89 -17.33 17.30
C ASP D 29 15.27 -17.08 17.91
N GLY D 30 16.05 -16.25 17.26
CA GLY D 30 17.39 -15.98 17.70
C GLY D 30 17.98 -14.91 16.81
N VAL D 31 19.17 -14.45 17.16
CA VAL D 31 19.86 -13.37 16.42
C VAL D 31 21.27 -13.81 16.10
N PHE D 32 21.87 -13.22 15.08
CA PHE D 32 23.24 -13.53 14.70
C PHE D 32 23.95 -12.30 14.13
N GLU D 33 25.25 -12.42 13.97
CA GLU D 33 26.09 -11.42 13.36
C GLU D 33 27.04 -12.11 12.40
N GLY D 34 27.62 -11.31 11.53
CA GLY D 34 28.66 -11.78 10.61
C GLY D 34 29.79 -10.79 10.77
N ILE D 35 30.96 -11.30 11.19
CA ILE D 35 32.11 -10.44 11.51
C ILE D 35 33.35 -10.98 10.78
N ARG D 36 34.22 -10.08 10.37
CA ARG D 36 35.48 -10.46 9.74
CA ARG D 36 35.47 -10.47 9.74
C ARG D 36 36.74 -10.12 10.55
N ALA D 37 37.65 -11.09 10.59
CA ALA D 37 39.02 -10.91 11.09
C ALA D 37 39.95 -10.79 9.92
N TYR D 38 40.73 -9.72 9.90
CA TYR D 38 41.76 -9.48 8.86
C TYR D 38 43.13 -9.33 9.53
N ASN D 39 44.10 -10.14 9.11
CA ASN D 39 45.49 -10.05 9.56
CA ASN D 39 45.49 -10.05 9.56
C ASN D 39 45.57 -9.89 11.10
N GLY D 40 44.97 -10.83 11.81
CA GLY D 40 44.95 -10.77 13.27
C GLY D 40 44.15 -9.70 13.97
N ARG D 41 43.38 -8.91 13.22
CA ARG D 41 42.46 -7.92 13.81
C ARG D 41 40.99 -8.23 13.47
N VAL D 42 40.09 -8.00 14.42
CA VAL D 42 38.64 -8.17 14.16
C VAL D 42 38.06 -6.83 13.77
N PHE D 43 37.62 -6.73 12.54
CA PHE D 43 37.13 -5.46 11.97
C PHE D 43 35.74 -5.09 12.54
N ARG D 44 35.68 -3.92 13.17
CA ARG D 44 34.47 -3.32 13.74
C ARG D 44 33.72 -4.22 14.70
N LEU D 45 34.47 -4.93 15.53
CA LEU D 45 33.91 -5.89 16.47
C LEU D 45 32.83 -5.28 17.40
N LYS D 46 33.12 -4.09 17.93
CA LYS D 46 32.26 -3.44 18.87
C LYS D 46 30.90 -3.04 18.18
N GLU D 47 30.97 -2.51 16.95
CA GLU D 47 29.80 -2.17 16.14
C GLU D 47 28.93 -3.40 15.91
N HIS D 48 29.53 -4.54 15.56
CA HIS D 48 28.78 -5.77 15.37
C HIS D 48 28.12 -6.27 16.63
N ILE D 49 28.82 -6.16 17.75
CA ILE D 49 28.29 -6.59 19.02
C ILE D 49 27.14 -5.67 19.44
N ASP D 50 27.27 -4.36 19.18
CA ASP D 50 26.19 -3.43 19.49
C ASP D 50 24.94 -3.80 18.69
N ARG D 51 25.13 -4.16 17.41
CA ARG D 51 24.01 -4.50 16.56
C ARG D 51 23.40 -5.82 17.02
N LEU D 52 24.22 -6.77 17.45
CA LEU D 52 23.72 -8.04 17.99
C LEU D 52 22.77 -7.80 19.16
N TYR D 53 23.18 -6.93 20.09
CA TYR D 53 22.36 -6.59 21.24
C TYR D 53 21.10 -5.82 20.86
N ASP D 54 21.19 -4.99 19.83
CA ASP D 54 20.02 -4.29 19.30
C ASP D 54 19.05 -5.30 18.66
N SER D 55 19.56 -6.25 17.90
CA SER D 55 18.71 -7.30 17.33
C SER D 55 17.99 -8.05 18.43
N ALA D 56 18.74 -8.41 19.49
CA ALA D 56 18.14 -9.13 20.63
C ALA D 56 17.07 -8.32 21.32
N LYS D 57 17.36 -7.03 21.52
CA LYS D 57 16.41 -6.13 22.15
C LYS D 57 15.10 -6.05 21.30
N ALA D 58 15.25 -5.97 19.99
CA ALA D 58 14.12 -5.88 19.08
C ALA D 58 13.19 -7.10 19.20
N ILE D 59 13.74 -8.28 19.45
CA ILE D 59 12.93 -9.47 19.61
C ILE D 59 12.71 -9.84 21.11
N ASP D 60 12.99 -8.88 21.98
CA ASP D 60 12.82 -8.99 23.43
C ASP D 60 13.58 -10.18 24.01
N LEU D 61 14.81 -10.39 23.56
CA LEU D 61 15.62 -11.49 24.00
C LEU D 61 16.75 -10.90 24.84
N GLU D 62 16.89 -11.37 26.06
CA GLU D 62 17.98 -10.89 26.93
C GLU D 62 19.22 -11.78 26.74
N ILE D 63 20.31 -11.20 26.25
CA ILE D 63 21.55 -11.95 26.03
C ILE D 63 22.16 -12.15 27.45
N PRO D 64 22.43 -13.40 27.85
CA PRO D 64 22.76 -13.60 29.25
C PRO D 64 24.18 -13.12 29.70
N ILE D 65 25.00 -12.59 28.78
CA ILE D 65 26.32 -12.06 29.13
C ILE D 65 26.46 -10.61 28.70
N THR D 66 27.51 -9.94 29.15
CA THR D 66 27.72 -8.55 28.79
C THR D 66 28.43 -8.48 27.45
N LYS D 67 28.44 -7.30 26.86
CA LYS D 67 29.08 -7.09 25.56
C LYS D 67 30.60 -7.37 25.62
N GLU D 68 31.23 -6.92 26.72
CA GLU D 68 32.67 -7.15 26.97
CA GLU D 68 32.67 -7.16 26.96
C GLU D 68 32.94 -8.66 27.04
N GLU D 69 32.10 -9.38 27.78
CA GLU D 69 32.21 -10.84 27.83
C GLU D 69 32.05 -11.48 26.47
N PHE D 70 31.10 -10.95 25.67
CA PHE D 70 30.85 -11.49 24.33
C PHE D 70 32.05 -11.26 23.43
N MET D 71 32.62 -10.05 23.49
CA MET D 71 33.83 -9.75 22.73
C MET D 71 35.00 -10.69 23.10
N GLU D 72 35.19 -10.94 24.41
CA GLU D 72 36.25 -11.84 24.85
CA GLU D 72 36.25 -11.83 24.85
C GLU D 72 36.03 -13.26 24.32
N ILE D 73 34.79 -13.73 24.36
CA ILE D 73 34.46 -15.08 23.84
C ILE D 73 34.78 -15.22 22.35
N ILE D 74 34.53 -14.13 21.60
CA ILE D 74 34.79 -14.15 20.17
C ILE D 74 36.31 -14.26 19.92
N LEU D 75 37.09 -13.43 20.62
CA LEU D 75 38.57 -13.41 20.51
C LEU D 75 39.18 -14.75 20.95
N GLU D 76 38.70 -15.28 22.07
CA GLU D 76 39.04 -16.62 22.54
C GLU D 76 38.79 -17.72 21.54
N THR D 77 37.68 -17.64 20.81
CA THR D 77 37.34 -18.66 19.83
C THR D 77 38.30 -18.58 18.64
N LEU D 78 38.67 -17.35 18.27
CA LEU D 78 39.62 -17.15 17.18
C LEU D 78 40.99 -17.66 17.59
N ARG D 79 41.38 -17.37 18.84
CA ARG D 79 42.64 -17.88 19.45
C ARG D 79 42.69 -19.40 19.47
N LYS D 80 41.69 -20.04 20.07
CA LYS D 80 41.60 -21.49 20.08
C LYS D 80 41.77 -22.14 18.72
N ASN D 81 41.36 -21.47 17.64
CA ASN D 81 41.48 -22.05 16.30
C ASN D 81 42.68 -21.51 15.56
N ASN D 82 43.45 -20.66 16.24
CA ASN D 82 44.63 -20.00 15.66
C ASN D 82 44.35 -19.29 14.35
N LEU D 83 43.29 -18.47 14.31
CA LEU D 83 42.94 -17.81 13.05
C LEU D 83 43.39 -16.39 13.09
N ARG D 84 43.75 -15.87 11.92
CA ARG D 84 44.11 -14.44 11.79
C ARG D 84 43.17 -13.79 10.75
N ASP D 85 42.76 -14.59 9.80
CA ASP D 85 41.87 -14.20 8.73
C ASP D 85 40.67 -15.13 8.75
N ALA D 86 39.53 -14.61 9.20
CA ALA D 86 38.36 -15.45 9.49
C ALA D 86 37.02 -14.72 9.36
N TYR D 87 35.96 -15.53 9.21
CA TYR D 87 34.57 -15.13 9.29
C TYR D 87 34.04 -15.65 10.61
N ILE D 88 33.43 -14.76 11.37
CA ILE D 88 32.89 -15.07 12.68
C ILE D 88 31.36 -14.90 12.65
N ARG D 89 30.65 -15.90 13.16
CA ARG D 89 29.22 -15.92 13.25
C ARG D 89 28.78 -16.18 14.70
N PRO D 90 28.67 -15.12 15.51
CA PRO D 90 28.02 -15.30 16.81
C PRO D 90 26.52 -15.47 16.62
N ILE D 91 25.91 -16.35 17.40
CA ILE D 91 24.48 -16.61 17.39
C ILE D 91 24.02 -16.64 18.84
N VAL D 92 22.88 -16.03 19.11
CA VAL D 92 22.19 -16.16 20.39
C VAL D 92 20.79 -16.67 20.11
N THR D 93 20.39 -17.75 20.78
CA THR D 93 19.05 -18.32 20.58
C THR D 93 18.17 -18.03 21.77
N ARG D 94 16.86 -18.16 21.59
CA ARG D 94 15.91 -17.92 22.69
C ARG D 94 16.10 -19.02 23.75
N GLY D 95 16.48 -20.22 23.32
CA GLY D 95 16.72 -21.36 24.22
C GLY D 95 15.60 -22.37 24.14
N ILE D 96 15.79 -23.47 24.87
CA ILE D 96 14.82 -24.55 24.97
C ILE D 96 13.60 -24.13 25.76
N GLY D 97 12.43 -24.46 25.21
CA GLY D 97 11.16 -24.27 25.84
C GLY D 97 10.25 -25.40 25.36
N ASP D 98 8.95 -25.25 25.59
CA ASP D 98 7.97 -26.17 25.02
C ASP D 98 7.71 -25.98 23.51
N LEU D 99 6.83 -26.76 22.93
CA LEU D 99 6.56 -26.71 21.53
C LEU D 99 5.64 -25.58 21.07
N GLY D 100 5.17 -24.73 21.95
CA GLY D 100 4.40 -23.56 21.47
C GLY D 100 5.36 -22.41 21.13
N LEU D 101 4.84 -21.32 20.56
CA LEU D 101 5.73 -20.24 20.16
C LEU D 101 6.02 -19.20 21.24
N ASP D 102 5.25 -19.24 22.33
CA ASP D 102 5.45 -18.34 23.47
C ASP D 102 6.90 -18.32 24.02
N PRO D 103 7.60 -17.18 23.91
CA PRO D 103 9.00 -17.16 24.35
C PRO D 103 9.15 -17.15 25.88
N ARG D 104 8.05 -16.90 26.61
CA ARG D 104 8.06 -16.98 28.07
C ARG D 104 8.37 -18.38 28.63
N LYS D 105 8.07 -19.43 27.89
CA LYS D 105 8.40 -20.78 28.30
C LYS D 105 9.87 -21.16 28.02
N CYS D 106 10.63 -20.25 27.45
CA CYS D 106 12.05 -20.52 27.15
C CYS D 106 12.91 -20.05 28.29
N GLN D 107 13.85 -20.89 28.68
N GLN D 107 13.85 -20.91 28.64
CA GLN D 107 14.68 -20.54 29.85
CA GLN D 107 14.83 -20.56 29.61
C GLN D 107 16.13 -19.97 29.71
C GLN D 107 16.16 -20.89 28.98
N ASN D 108 16.96 -20.62 28.93
N ASN D 108 17.16 -20.17 29.43
CA ASN D 108 18.37 -20.35 28.93
CA ASN D 108 18.59 -20.32 29.03
C ASN D 108 18.85 -20.15 27.51
C ASN D 108 18.87 -20.15 27.53
N PRO D 109 18.96 -18.88 27.09
CA PRO D 109 19.40 -18.58 25.71
C PRO D 109 20.76 -19.23 25.44
N SER D 110 20.95 -19.91 24.31
CA SER D 110 22.28 -20.40 23.94
C SER D 110 23.13 -19.33 23.28
N ILE D 111 24.41 -19.33 23.62
CA ILE D 111 25.42 -18.48 23.00
C ILE D 111 26.36 -19.38 22.20
N ILE D 112 26.46 -19.11 20.91
CA ILE D 112 27.24 -19.87 19.95
C ILE D 112 28.18 -18.93 19.18
N VAL D 113 29.45 -19.31 19.02
CA VAL D 113 30.39 -18.57 18.19
C VAL D 113 31.07 -19.52 17.21
N ILE D 114 30.78 -19.34 15.92
CA ILE D 114 31.40 -20.06 14.82
C ILE D 114 32.50 -19.17 14.22
N THR D 115 33.67 -19.75 13.97
CA THR D 115 34.79 -19.09 13.28
C THR D 115 35.31 -20.03 12.22
N LYS D 116 35.40 -19.52 11.00
CA LYS D 116 35.81 -20.30 9.83
C LYS D 116 36.89 -19.49 9.17
N PRO D 117 37.97 -20.16 8.68
CA PRO D 117 39.03 -19.43 7.96
C PRO D 117 38.46 -18.80 6.69
N TRP D 118 38.91 -17.60 6.38
CA TRP D 118 38.34 -16.77 5.31
C TRP D 118 39.42 -16.10 4.65
N GLY D 119 39.24 -15.71 3.39
CA GLY D 119 40.19 -14.80 2.69
C GLY D 119 40.49 -15.17 1.27
N LYS D 120 41.00 -14.18 0.58
CA LYS D 120 41.05 -14.24 -0.86
C LYS D 120 42.25 -15.07 -1.31
N LEU D 121 41.95 -16.13 -2.07
CA LEU D 121 42.93 -16.90 -2.79
C LEU D 121 43.41 -16.08 -4.02
N TYR D 122 42.52 -15.23 -4.55
CA TYR D 122 42.78 -14.33 -5.67
C TYR D 122 42.29 -12.96 -5.24
N GLY D 123 43.11 -11.92 -5.47
CA GLY D 123 42.75 -10.55 -5.05
C GLY D 123 41.54 -9.94 -5.75
N ASP D 124 41.64 -9.83 -7.09
CA ASP D 124 40.58 -9.37 -8.00
C ASP D 124 39.58 -10.44 -8.44
N LEU D 125 38.88 -11.04 -7.49
CA LEU D 125 37.73 -11.94 -7.79
C LEU D 125 36.49 -11.18 -8.32
N TYR D 126 36.42 -9.87 -8.06
CA TYR D 126 35.38 -8.96 -8.56
C TYR D 126 35.90 -8.00 -9.64
N GLU D 127 36.57 -8.60 -10.56
CA GLU D 127 37.27 -7.93 -11.67
C GLU D 127 36.21 -7.74 -12.76
N LYS D 128 35.34 -8.76 -12.94
CA LYS D 128 34.30 -8.71 -13.93
C LYS D 128 33.02 -8.02 -13.41
N GLY D 129 32.74 -8.16 -12.11
CA GLY D 129 31.49 -7.67 -11.50
C GLY D 129 30.35 -8.69 -11.55
N LEU D 130 29.34 -8.48 -10.71
CA LEU D 130 28.24 -9.45 -10.58
C LEU D 130 27.04 -9.05 -11.41
N THR D 131 26.27 -10.04 -11.82
CA THR D 131 24.94 -9.86 -12.42
C THR D 131 23.88 -9.90 -11.34
N ALA D 132 22.89 -9.02 -11.43
CA ALA D 132 21.81 -9.01 -10.44
C ALA D 132 20.49 -9.06 -11.11
N ILE D 133 19.50 -9.57 -10.38
CA ILE D 133 18.11 -9.50 -10.84
C ILE D 133 17.27 -8.95 -9.72
N THR D 134 16.23 -8.23 -10.07
CA THR D 134 15.27 -7.75 -9.09
CA THR D 134 15.27 -7.74 -9.10
C THR D 134 14.23 -8.85 -8.90
N VAL D 135 13.89 -9.16 -7.66
CA VAL D 135 12.95 -10.28 -7.40
C VAL D 135 11.51 -9.83 -7.25
N ALA D 136 10.60 -10.78 -7.41
CA ALA D 136 9.19 -10.49 -7.24
C ALA D 136 8.80 -10.36 -5.78
N VAL D 137 9.41 -11.17 -4.90
CA VAL D 137 9.16 -11.02 -3.47
C VAL D 137 9.67 -9.68 -2.97
N ARG D 138 8.85 -9.01 -2.16
CA ARG D 138 9.25 -7.81 -1.50
C ARG D 138 10.04 -8.19 -0.25
N ARG D 139 10.85 -7.26 0.24
CA ARG D 139 11.57 -7.43 1.50
C ARG D 139 10.55 -7.49 2.65
N ASN D 140 10.81 -8.35 3.64
CA ASN D 140 10.04 -8.34 4.90
C ASN D 140 9.81 -6.89 5.32
N SER D 141 8.58 -6.55 5.68
CA SER D 141 8.24 -5.21 6.04
C SER D 141 8.83 -4.77 7.41
N PHE D 142 9.18 -3.49 7.49
CA PHE D 142 9.61 -2.84 8.72
C PHE D 142 8.41 -2.69 9.72
N ASP D 143 7.20 -3.06 9.30
CA ASP D 143 6.05 -3.14 10.24
C ASP D 143 5.51 -4.59 10.41
N ALA D 144 6.29 -5.60 10.00
CA ALA D 144 5.91 -7.01 10.08
C ALA D 144 7.02 -7.84 10.72
N LEU D 145 8.18 -7.88 10.07
CA LEU D 145 9.32 -8.62 10.58
C LEU D 145 10.50 -7.74 10.22
N PRO D 146 10.80 -6.71 11.05
CA PRO D 146 11.70 -5.63 10.62
C PRO D 146 13.05 -6.15 10.12
N PRO D 147 13.43 -5.79 8.87
CA PRO D 147 14.70 -6.32 8.35
C PRO D 147 15.94 -5.76 9.09
N ASN D 148 15.77 -4.69 9.87
CA ASN D 148 16.85 -4.19 10.72
C ASN D 148 17.33 -5.23 11.75
N ILE D 149 16.46 -6.18 12.13
CA ILE D 149 16.82 -7.28 13.06
C ILE D 149 17.59 -8.34 12.25
N SER D 151 18.11 -11.63 12.38
CA SER D 151 17.57 -12.75 13.12
C SER D 151 17.80 -14.04 12.35
N LEU D 152 17.49 -15.18 12.97
CA LEU D 152 17.57 -16.45 12.27
C LEU D 152 16.39 -16.63 11.29
N ASN D 153 15.50 -15.66 11.16
CA ASN D 153 14.44 -15.71 10.15
C ASN D 153 14.97 -15.15 8.84
N TYR D 154 15.62 -16.00 8.02
CA TYR D 154 16.19 -15.56 6.76
C TYR D 154 15.55 -16.15 5.51
N LEU D 155 14.36 -16.72 5.67
CA LEU D 155 13.70 -17.30 4.51
C LEU D 155 13.29 -16.30 3.44
N ASN D 156 12.99 -15.07 3.82
CA ASN D 156 12.69 -13.99 2.81
C ASN D 156 13.90 -13.84 1.89
N ASN D 157 15.08 -13.79 2.49
CA ASN D 157 16.38 -13.65 1.77
C ASN D 157 16.65 -14.87 0.90
N ILE D 158 16.33 -16.04 1.44
CA ILE D 158 16.52 -17.31 0.72
C ILE D 158 15.58 -17.42 -0.49
N LEU D 159 14.31 -17.02 -0.32
CA LEU D 159 13.40 -16.99 -1.46
C LEU D 159 13.91 -16.09 -2.61
N ALA D 160 14.48 -14.94 -2.24
CA ALA D 160 15.04 -14.02 -3.21
C ALA D 160 16.25 -14.68 -3.89
N LYS D 161 17.08 -15.34 -3.08
CA LYS D 161 18.23 -16.06 -3.62
C LYS D 161 17.82 -17.19 -4.58
N ILE D 162 16.74 -17.91 -4.23
CA ILE D 162 16.21 -18.98 -5.09
C ILE D 162 15.78 -18.38 -6.42
N GLU D 163 15.09 -17.24 -6.38
CA GLU D 163 14.69 -16.53 -7.60
C GLU D 163 15.91 -16.17 -8.41
N ALA D 164 16.96 -15.59 -7.78
CA ALA D 164 18.17 -15.21 -8.50
C ALA D 164 18.86 -16.44 -9.16
N ASN D 165 18.96 -17.54 -8.43
CA ASN D 165 19.54 -18.80 -8.95
C ASN D 165 18.77 -19.24 -10.19
N ALA D 166 17.44 -19.18 -10.17
CA ALA D 166 16.61 -19.62 -11.27
C ALA D 166 16.59 -18.64 -12.41
N LYS D 167 16.94 -17.38 -12.16
CA LYS D 167 16.70 -16.33 -13.15
C LYS D 167 17.98 -15.74 -13.69
N GLY D 168 19.10 -16.37 -13.39
CA GLY D 168 20.39 -15.98 -13.95
C GLY D 168 21.06 -14.80 -13.27
N GLY D 169 20.83 -14.59 -12.00
CA GLY D 169 21.56 -13.52 -11.33
C GLY D 169 22.47 -14.09 -10.26
N ASP D 170 23.60 -13.46 -10.05
CA ASP D 170 24.49 -13.78 -8.95
C ASP D 170 23.91 -13.26 -7.67
N GLU D 171 23.12 -12.19 -7.75
CA GLU D 171 22.54 -11.52 -6.59
C GLU D 171 21.08 -11.14 -6.91
N ALA D 172 20.28 -11.10 -5.86
CA ALA D 172 18.89 -10.68 -5.91
C ALA D 172 18.79 -9.28 -5.35
N ILE D 173 17.96 -8.43 -5.96
CA ILE D 173 17.66 -7.13 -5.39
C ILE D 173 16.19 -7.05 -4.98
N PHE D 174 15.94 -6.67 -3.73
CA PHE D 174 14.59 -6.51 -3.20
C PHE D 174 14.08 -5.07 -3.39
N LEU D 175 12.80 -4.94 -3.69
CA LEU D 175 12.03 -3.71 -3.39
C LEU D 175 11.32 -3.96 -2.07
N ASP D 176 10.84 -2.89 -1.44
CA ASP D 176 10.12 -3.01 -0.17
C ASP D 176 8.62 -2.94 -0.41
N ARG D 177 7.85 -3.03 0.69
CA ARG D 177 6.39 -3.08 0.67
CA ARG D 177 6.39 -3.08 0.67
C ARG D 177 5.76 -1.83 0.02
N ASN D 178 6.52 -0.73 -0.07
CA ASN D 178 6.03 0.56 -0.61
C ASN D 178 6.62 0.85 -2.00
N GLY D 179 7.33 -0.14 -2.58
CA GLY D 179 7.88 -0.03 -3.94
C GLY D 179 9.28 0.56 -4.07
N TYR D 180 9.93 0.89 -2.94
CA TYR D 180 11.29 1.46 -2.96
C TYR D 180 12.32 0.35 -2.94
N VAL D 181 13.49 0.62 -3.52
CA VAL D 181 14.64 -0.31 -3.45
C VAL D 181 15.02 -0.50 -2.01
N SER D 182 15.26 -1.75 -1.63
CA SER D 182 15.61 -2.06 -0.25
C SER D 182 17.10 -2.41 -0.19
N GLU D 183 17.47 -3.61 -0.68
CA GLU D 183 18.83 -4.14 -0.55
C GLU D 183 18.92 -5.42 -1.34
N GLY D 184 20.12 -6.03 -1.37
CA GLY D 184 20.32 -7.38 -1.94
C GLY D 184 19.91 -8.42 -0.90
N SER D 185 19.89 -9.68 -1.28
CA SER D 185 19.50 -10.73 -0.32
C SER D 185 20.43 -10.83 0.90
N GLY D 186 21.70 -10.44 0.74
CA GLY D 186 22.62 -10.42 1.87
C GLY D 186 23.53 -9.20 1.97
N ASP D 187 23.12 -8.03 1.43
CA ASP D 187 23.96 -6.84 1.38
C ASP D 187 23.23 -5.56 1.03
N ASN D 188 23.78 -4.42 1.47
CA ASN D 188 23.25 -3.10 1.16
C ASN D 188 23.62 -2.65 -0.24
N ILE D 189 22.84 -1.73 -0.81
CA ILE D 189 23.00 -1.36 -2.22
C ILE D 189 23.29 0.15 -2.34
N PHE D 190 24.20 0.51 -3.25
CA PHE D 190 24.55 1.89 -3.52
C PHE D 190 24.48 2.12 -5.01
N VAL D 191 24.08 3.30 -5.39
CA VAL D 191 23.95 3.68 -6.79
C VAL D 191 24.84 4.93 -7.01
N VAL D 192 25.57 4.91 -8.11
CA VAL D 192 26.45 6.01 -8.51
C VAL D 192 25.90 6.58 -9.80
N LYS D 193 25.66 7.88 -9.81
CA LYS D 193 25.13 8.52 -11.00
C LYS D 193 25.69 9.94 -11.07
N ASN D 194 26.34 10.28 -12.18
CA ASN D 194 27.00 11.56 -12.41
C ASN D 194 27.88 11.98 -11.29
N GLY D 195 28.75 11.08 -10.85
CA GLY D 195 29.67 11.36 -9.76
C GLY D 195 29.06 11.45 -8.38
N ALA D 196 27.74 11.30 -8.23
CA ALA D 196 27.13 11.31 -6.90
C ALA D 196 26.61 9.91 -6.48
N ILE D 197 26.62 9.64 -5.19
CA ILE D 197 26.23 8.34 -4.68
C ILE D 197 24.98 8.43 -3.84
N THR D 198 24.06 7.48 -4.07
CA THR D 198 22.85 7.38 -3.27
CA THR D 198 22.84 7.38 -3.27
C THR D 198 22.71 5.97 -2.72
N THR D 199 22.07 5.86 -1.56
CA THR D 199 21.76 4.60 -0.95
C THR D 199 20.40 4.74 -0.24
N PRO D 200 19.61 3.66 -0.17
CA PRO D 200 18.33 3.76 0.54
C PRO D 200 18.54 4.07 2.04
N PRO D 201 17.57 4.78 2.67
CA PRO D 201 17.63 4.89 4.15
C PRO D 201 17.59 3.48 4.73
N THR D 202 17.92 3.32 6.00
CA THR D 202 18.09 1.97 6.51
C THR D 202 16.84 1.29 7.02
N ILE D 203 15.76 2.06 7.23
CA ILE D 203 14.48 1.50 7.70
C ILE D 203 13.97 0.21 6.95
N ASN D 204 14.11 0.14 5.63
CA ASN D 204 13.58 -0.98 4.90
C ASN D 204 14.62 -2.09 4.64
N ASN D 205 15.82 -1.93 5.19
CA ASN D 205 16.90 -2.90 4.95
C ASN D 205 17.65 -3.18 6.30
N LEU D 206 18.96 -3.27 6.31
CA LEU D 206 19.69 -3.48 7.54
C LEU D 206 20.75 -2.38 7.64
N ARG D 207 20.99 -1.86 8.83
CA ARG D 207 22.05 -0.86 9.04
C ARG D 207 23.39 -1.59 8.97
N GLY D 208 23.87 -1.80 7.76
CA GLY D 208 25.15 -2.49 7.46
C GLY D 208 26.32 -1.77 8.08
N ILE D 209 27.20 -2.56 8.68
CA ILE D 209 28.45 -2.04 9.22
C ILE D 209 29.41 -1.69 8.07
N THR D 210 29.43 -2.53 7.03
CA THR D 210 30.17 -2.19 5.81
C THR D 210 29.61 -0.94 5.19
N ARG D 211 28.29 -0.84 5.09
CA ARG D 211 27.62 0.34 4.53
C ARG D 211 28.08 1.60 5.29
N GLU D 212 28.08 1.55 6.62
CA GLU D 212 28.54 2.68 7.46
C GLU D 212 30.02 3.04 7.15
N ALA D 213 30.88 2.03 7.08
CA ALA D 213 32.30 2.24 6.78
C ALA D 213 32.47 2.86 5.39
N VAL D 214 31.70 2.37 4.42
CA VAL D 214 31.77 2.88 3.06
C VAL D 214 31.30 4.33 3.00
N ILE D 215 30.28 4.68 3.77
CA ILE D 215 29.78 6.07 3.82
C ILE D 215 30.85 7.02 4.42
N GLU D 216 31.54 6.57 5.47
CA GLU D 216 32.69 7.29 6.05
C GLU D 216 33.76 7.57 4.98
N ILE D 217 34.11 6.56 4.19
CA ILE D 217 35.06 6.73 3.08
C ILE D 217 34.53 7.72 2.06
N ILE D 218 33.28 7.57 1.67
CA ILE D 218 32.67 8.46 0.67
C ILE D 218 32.77 9.92 1.14
N ASN D 219 32.44 10.17 2.41
CA ASN D 219 32.49 11.50 2.98
C ASN D 219 33.93 12.04 3.05
N ARG D 220 34.87 11.17 3.43
CA ARG D 220 36.28 11.52 3.53
CA ARG D 220 36.28 11.52 3.53
C ARG D 220 36.81 11.91 2.15
N LEU D 221 36.36 11.22 1.10
CA LEU D 221 36.80 11.52 -0.25
C LEU D 221 36.04 12.68 -0.85
N GLY D 222 35.07 13.23 -0.13
CA GLY D 222 34.26 14.30 -0.68
C GLY D 222 33.41 13.97 -1.91
N ILE D 223 33.02 12.71 -2.07
CA ILE D 223 32.05 12.35 -3.13
C ILE D 223 30.65 12.79 -2.67
N PRO D 224 29.90 13.54 -3.50
CA PRO D 224 28.53 13.88 -3.04
C PRO D 224 27.69 12.61 -2.74
N PHE D 225 27.05 12.61 -1.57
CA PHE D 225 26.39 11.45 -1.06
C PHE D 225 25.04 11.84 -0.50
N LYS D 226 24.02 11.04 -0.77
CA LYS D 226 22.68 11.26 -0.25
C LYS D 226 22.04 9.93 0.12
N GLU D 227 21.46 9.89 1.29
CA GLU D 227 20.66 8.78 1.73
C GLU D 227 19.23 9.13 1.37
N THR D 228 18.64 8.41 0.42
CA THR D 228 17.30 8.76 -0.06
C THR D 228 16.67 7.54 -0.75
N ASN D 229 15.36 7.52 -0.92
CA ASN D 229 14.73 6.42 -1.63
C ASN D 229 15.12 6.36 -3.07
N ILE D 230 15.35 5.12 -3.53
CA ILE D 230 15.74 4.82 -4.90
CA ILE D 230 15.67 4.86 -4.92
C ILE D 230 14.71 3.85 -5.50
N GLY D 231 14.56 3.88 -6.82
CA GLY D 231 13.59 3.08 -7.53
C GLY D 231 14.30 2.22 -8.56
N LEU D 232 13.54 1.33 -9.19
CA LEU D 232 14.03 0.52 -10.29
C LEU D 232 14.74 1.38 -11.34
N TYR D 233 14.11 2.51 -11.69
CA TYR D 233 14.69 3.46 -12.66
C TYR D 233 16.14 3.85 -12.32
N ASP D 234 16.41 4.16 -11.05
CA ASP D 234 17.76 4.53 -10.61
C ASP D 234 18.75 3.41 -10.74
N LEU D 235 18.32 2.19 -10.51
CA LEU D 235 19.17 1.03 -10.72
C LEU D 235 19.53 0.88 -12.19
N TYR D 236 18.51 0.92 -13.05
CA TYR D 236 18.68 0.64 -14.46
C TYR D 236 19.53 1.72 -15.16
N THR D 237 19.48 2.96 -14.68
CA THR D 237 20.12 4.07 -15.40
C THR D 237 21.39 4.55 -14.68
N ALA D 238 21.81 3.81 -13.64
CA ALA D 238 23.01 4.16 -12.88
C ALA D 238 24.30 4.10 -13.72
N ASP D 239 25.27 4.95 -13.40
CA ASP D 239 26.65 4.81 -13.95
C ASP D 239 27.30 3.58 -13.35
N GLU D 240 27.09 3.36 -12.06
CA GLU D 240 27.66 2.20 -11.37
C GLU D 240 26.72 1.81 -10.23
N VAL D 241 26.75 0.54 -9.87
CA VAL D 241 25.98 0.00 -8.74
C VAL D 241 26.96 -0.93 -8.04
N PHE D 242 26.91 -0.90 -6.71
CA PHE D 242 27.61 -1.88 -5.91
C PHE D 242 26.86 -2.24 -4.65
N VAL D 243 27.17 -3.42 -4.14
CA VAL D 243 26.61 -3.92 -2.88
C VAL D 243 27.70 -4.09 -1.83
N THR D 244 27.32 -4.01 -0.58
CA THR D 244 28.24 -4.00 0.55
C THR D 244 27.75 -4.95 1.61
N GLY D 245 28.69 -5.69 2.17
CA GLY D 245 28.42 -6.53 3.35
C GLY D 245 29.72 -7.11 3.86
N THR D 246 29.67 -7.72 5.05
CA THR D 246 30.86 -8.28 5.68
C THR D 246 31.60 -9.31 4.81
N ALA D 247 30.85 -10.27 4.27
CA ALA D 247 31.44 -11.31 3.41
C ALA D 247 31.80 -10.77 2.06
N ALA D 248 30.92 -9.99 1.48
CA ALA D 248 31.12 -9.48 0.10
C ALA D 248 32.15 -8.36 0.01
N GLU D 249 32.31 -7.62 1.11
CA GLU D 249 33.04 -6.35 1.12
C GLU D 249 32.33 -5.39 0.18
N ILE D 250 32.94 -5.00 -0.92
CA ILE D 250 32.28 -4.18 -1.92
C ILE D 250 32.27 -4.94 -3.21
N ALA D 251 31.06 -5.28 -3.66
CA ALA D 251 30.92 -6.04 -4.89
C ALA D 251 30.25 -5.19 -5.95
N PRO D 252 30.92 -4.97 -7.10
CA PRO D 252 30.32 -4.26 -8.20
C PRO D 252 29.17 -5.07 -8.85
N ILE D 253 28.10 -4.36 -9.24
CA ILE D 253 27.01 -4.96 -9.96
C ILE D 253 27.05 -4.33 -11.32
N VAL D 254 27.23 -5.15 -12.35
CA VAL D 254 27.48 -4.62 -13.70
C VAL D 254 26.32 -4.88 -14.68
N VAL D 255 25.41 -5.79 -14.30
CA VAL D 255 24.20 -6.08 -15.08
C VAL D 255 23.02 -6.16 -14.09
N ILE D 256 21.92 -5.48 -14.37
CA ILE D 256 20.68 -5.62 -13.59
C ILE D 256 19.53 -5.83 -14.57
N ASP D 257 18.84 -6.93 -14.38
CA ASP D 257 17.68 -7.32 -15.18
C ASP D 257 18.00 -7.23 -16.67
N GLY D 258 19.12 -7.84 -17.05
CA GLY D 258 19.55 -7.89 -18.45
C GLY D 258 20.12 -6.59 -18.98
N ARG D 259 20.17 -5.52 -18.20
CA ARG D 259 20.70 -4.23 -18.68
C ARG D 259 22.10 -4.03 -18.14
N LYS D 260 23.03 -3.71 -19.05
CA LYS D 260 24.40 -3.35 -18.69
C LYS D 260 24.35 -2.08 -17.87
N ILE D 261 25.05 -2.07 -16.75
CA ILE D 261 25.14 -0.87 -15.93
C ILE D 261 26.34 -0.05 -16.43
N GLY D 262 26.07 1.17 -16.91
CA GLY D 262 27.10 2.01 -17.53
C GLY D 262 27.79 1.24 -18.65
N ASP D 263 29.09 1.05 -18.52
CA ASP D 263 29.86 0.35 -19.55
C ASP D 263 29.91 -1.15 -19.32
N GLY D 264 29.25 -1.65 -18.28
CA GLY D 264 29.21 -3.10 -18.05
C GLY D 264 30.43 -3.65 -17.32
N LYS D 265 31.27 -2.76 -16.78
CA LYS D 265 32.48 -3.14 -16.06
CA LYS D 265 32.48 -3.14 -16.06
C LYS D 265 32.47 -2.44 -14.71
N PRO D 266 33.21 -2.96 -13.70
CA PRO D 266 33.22 -2.22 -12.44
C PRO D 266 33.65 -0.79 -12.64
N GLY D 267 32.92 0.15 -12.05
CA GLY D 267 33.17 1.58 -12.32
C GLY D 267 34.31 2.18 -11.52
N GLU D 268 34.71 3.37 -11.92
CA GLU D 268 35.85 4.07 -11.31
CA GLU D 268 35.85 4.09 -11.33
C GLU D 268 35.63 4.39 -9.85
N ILE D 269 34.44 4.90 -9.52
CA ILE D 269 34.12 5.20 -8.12
C ILE D 269 34.08 3.91 -7.29
N THR D 270 33.48 2.85 -7.84
CA THR D 270 33.41 1.56 -7.13
C THR D 270 34.85 1.08 -6.84
N ARG D 271 35.72 1.10 -7.87
CA ARG D 271 37.11 0.62 -7.73
CA ARG D 271 37.11 0.62 -7.73
C ARG D 271 37.87 1.42 -6.68
N LYS D 272 37.68 2.74 -6.69
CA LYS D 272 38.29 3.59 -5.71
C LYS D 272 37.84 3.22 -4.29
N LEU D 273 36.52 2.98 -4.12
CA LEU D 273 36.01 2.61 -2.79
C LEU D 273 36.50 1.22 -2.37
N MET D 274 36.60 0.28 -3.32
CA MET D 274 37.17 -1.04 -3.04
C MET D 274 38.60 -0.91 -2.47
N GLU D 275 39.43 -0.04 -3.08
CA GLU D 275 40.82 0.19 -2.63
CA GLU D 275 40.81 0.19 -2.62
C GLU D 275 40.81 0.80 -1.23
N GLU D 276 40.03 1.85 -1.06
CA GLU D 276 39.95 2.51 0.24
C GLU D 276 39.44 1.61 1.34
N PHE D 277 38.52 0.72 1.00
CA PHE D 277 37.98 -0.20 1.98
C PHE D 277 39.03 -1.24 2.38
N SER D 278 39.75 -1.80 1.39
CA SER D 278 40.86 -2.72 1.65
C SER D 278 41.87 -2.12 2.65
N LYS D 279 42.24 -0.86 2.43
CA LYS D 279 43.13 -0.14 3.30
C LYS D 279 42.60 -0.05 4.70
N LEU D 280 41.31 0.22 4.82
CA LEU D 280 40.66 0.34 6.14
C LEU D 280 40.71 -0.98 6.92
N THR D 281 40.50 -2.09 6.22
CA THR D 281 40.48 -3.38 6.88
C THR D 281 41.87 -3.85 7.29
N GLU D 282 42.90 -3.33 6.62
CA GLU D 282 44.29 -3.64 6.91
C GLU D 282 44.86 -2.86 8.09
N SER D 283 44.22 -1.73 8.42
CA SER D 283 44.71 -0.87 9.46
C SER D 283 43.79 -0.66 10.69
N GLU D 284 42.69 -1.37 10.79
CA GLU D 284 41.80 -1.15 11.92
C GLU D 284 41.28 -2.45 12.45
N GLY D 285 40.87 -2.44 13.71
CA GLY D 285 40.33 -3.65 14.33
C GLY D 285 40.89 -3.97 15.69
N VAL D 286 40.15 -4.80 16.42
CA VAL D 286 40.52 -5.26 17.74
C VAL D 286 41.54 -6.40 17.52
N PRO D 287 42.77 -6.24 18.09
CA PRO D 287 43.80 -7.27 17.92
C PRO D 287 43.40 -8.57 18.62
N ILE D 288 43.57 -9.70 17.94
CA ILE D 288 43.25 -11.00 18.52
C ILE D 288 44.34 -11.49 19.53
N TYR D 289 45.60 -11.30 19.16
CA TYR D 289 46.76 -11.81 19.86
C TYR D 289 47.57 -10.74 20.57
N GLU D 290 47.84 -9.64 19.88
CA GLU D 290 48.68 -8.53 20.35
C GLU D 290 48.12 -7.84 21.61
N MET E 1 -18.19 30.76 38.04
CA MET E 1 -16.76 31.09 38.23
C MET E 1 -15.93 31.12 36.95
N LEU E 2 -15.78 30.01 36.20
CA LEU E 2 -15.05 30.14 34.92
C LEU E 2 -15.90 30.46 33.72
N TYR E 3 -15.48 31.47 32.97
CA TYR E 3 -16.21 31.91 31.79
C TYR E 3 -15.55 31.37 30.53
N VAL E 4 -16.40 31.08 29.55
CA VAL E 4 -16.02 30.61 28.23
C VAL E 4 -16.44 31.70 27.26
N TYR E 5 -15.54 32.10 26.36
CA TYR E 5 -15.97 32.96 25.26
C TYR E 5 -16.77 32.15 24.24
N MET E 6 -17.97 32.62 23.92
CA MET E 6 -18.85 31.98 22.95
C MET E 6 -19.55 33.01 22.11
N ASP E 7 -19.03 33.20 20.89
CA ASP E 7 -19.64 34.09 19.91
C ASP E 7 -19.88 35.53 20.40
N GLY E 8 -18.91 36.13 21.07
CA GLY E 8 -19.07 37.50 21.50
C GLY E 8 -19.49 37.72 22.94
N GLU E 9 -19.87 36.67 23.64
CA GLU E 9 -20.20 36.79 25.06
C GLU E 9 -19.42 35.85 25.94
N PHE E 10 -19.19 36.25 27.18
CA PHE E 10 -18.67 35.35 28.19
C PHE E 10 -19.78 34.61 28.91
N VAL E 11 -19.68 33.30 28.96
CA VAL E 11 -20.73 32.43 29.44
C VAL E 11 -20.10 31.51 30.48
N PRO E 12 -20.76 31.30 31.63
CA PRO E 12 -20.22 30.37 32.60
C PRO E 12 -20.09 28.95 32.00
N GLU E 13 -19.02 28.23 32.36
CA GLU E 13 -18.78 26.85 31.90
C GLU E 13 -19.98 25.94 31.86
N ASN E 14 -20.78 25.99 32.93
CA ASN E 14 -21.95 25.13 33.11
C ASN E 14 -23.06 25.46 32.12
N GLU E 15 -22.98 26.61 31.49
CA GLU E 15 -23.97 27.02 30.51
C GLU E 15 -23.40 27.10 29.11
N ALA E 16 -22.10 26.84 28.98
CA ALA E 16 -21.42 26.92 27.67
C ALA E 16 -21.87 25.73 26.81
N LYS E 17 -22.82 26.02 25.91
CA LYS E 17 -23.46 24.99 25.11
C LYS E 17 -23.52 25.40 23.66
N VAL E 18 -23.55 24.43 22.76
CA VAL E 18 -23.56 24.69 21.31
C VAL E 18 -24.82 23.97 20.79
N SER E 19 -25.46 24.54 19.79
CA SER E 19 -26.61 23.91 19.16
C SER E 19 -26.22 22.51 18.62
N ILE E 20 -27.07 21.53 18.85
CA ILE E 20 -26.86 20.21 18.29
C ILE E 20 -26.94 20.21 16.74
N PHE E 21 -27.37 21.31 16.15
CA PHE E 21 -27.45 21.43 14.71
C PHE E 21 -26.19 22.05 14.12
N ASP E 22 -25.27 22.48 14.99
CA ASP E 22 -23.98 22.91 14.51
C ASP E 22 -23.25 21.69 13.88
N HIS E 23 -22.74 21.85 12.68
CA HIS E 23 -21.97 20.80 11.98
C HIS E 23 -20.69 20.38 12.70
N GLY E 24 -20.16 21.29 13.53
CA GLY E 24 -19.05 21.00 14.44
C GLY E 24 -19.44 19.86 15.38
N PHE E 25 -20.71 19.81 15.79
CA PHE E 25 -21.18 18.73 16.63
C PHE E 25 -21.62 17.51 15.82
N LEU E 26 -22.45 17.72 14.81
CA LEU E 26 -22.99 16.62 13.99
C LEU E 26 -21.95 15.79 13.26
N TYR E 27 -20.89 16.46 12.79
CA TYR E 27 -19.91 15.84 11.89
C TYR E 27 -18.47 16.08 12.29
N GLY E 28 -18.25 16.70 13.46
CA GLY E 28 -16.92 17.09 13.92
C GLY E 28 -16.32 18.10 12.96
N ASP E 29 -17.18 18.86 12.30
CA ASP E 29 -16.75 19.79 11.27
C ASP E 29 -16.30 21.12 11.89
N GLY E 30 -15.07 21.15 12.35
CA GLY E 30 -14.54 22.32 13.00
C GLY E 30 -13.08 22.09 13.31
N VAL E 31 -12.41 23.12 13.79
CA VAL E 31 -10.96 23.05 14.11
C VAL E 31 -10.74 23.57 15.51
N PHE E 32 -9.64 23.16 16.13
CA PHE E 32 -9.27 23.61 17.46
C PHE E 32 -7.78 23.73 17.64
N GLU E 33 -7.38 24.34 18.74
CA GLU E 33 -5.99 24.44 19.14
C GLU E 33 -5.89 24.15 20.61
N GLY E 34 -4.67 23.89 21.07
CA GLY E 34 -4.36 23.71 22.48
C GLY E 34 -3.20 24.63 22.73
N ILE E 35 -3.39 25.58 23.65
CA ILE E 35 -2.39 26.62 23.94
C ILE E 35 -2.16 26.68 25.44
N ARG E 36 -0.92 26.96 25.84
CA ARG E 36 -0.60 27.13 27.25
CA ARG E 36 -0.60 27.14 27.26
C ARG E 36 -0.17 28.53 27.66
N ALA E 37 -0.73 28.97 28.80
CA ALA E 37 -0.33 30.22 29.48
C ALA E 37 0.56 29.81 30.66
N TYR E 38 1.75 30.41 30.70
CA TYR E 38 2.69 30.20 31.81
C TYR E 38 3.03 31.55 32.44
N ASN E 39 2.83 31.67 33.76
CA ASN E 39 3.23 32.87 34.52
C ASN E 39 2.80 34.17 33.82
N GLY E 40 1.53 34.27 33.49
CA GLY E 40 1.01 35.45 32.79
C GLY E 40 1.42 35.68 31.35
N ARG E 41 2.10 34.71 30.74
CA ARG E 41 2.43 34.77 29.30
C ARG E 41 1.77 33.61 28.52
N VAL E 42 1.31 33.88 27.30
CA VAL E 42 0.77 32.82 26.43
C VAL E 42 1.89 32.33 25.51
N PHE E 43 2.28 31.08 25.71
CA PHE E 43 3.41 30.50 24.98
C PHE E 43 3.05 30.19 23.51
N ARG E 44 3.79 30.80 22.59
CA ARG E 44 3.69 30.62 21.14
C ARG E 44 2.28 30.85 20.60
N LEU E 45 1.60 31.86 21.13
CA LEU E 45 0.24 32.19 20.75
C LEU E 45 0.05 32.38 19.23
N LYS E 46 0.97 33.13 18.61
CA LYS E 46 0.86 33.45 17.21
C LYS E 46 1.01 32.17 16.33
N GLU E 47 1.95 31.31 16.67
CA GLU E 47 2.17 30.01 16.01
C GLU E 47 0.91 29.14 16.08
N HIS E 48 0.26 29.08 17.25
CA HIS E 48 -0.98 28.33 17.39
C HIS E 48 -2.12 28.90 16.57
N ILE E 49 -2.20 30.21 16.54
CA ILE E 49 -3.23 30.89 15.76
C ILE E 49 -3.00 30.68 14.27
N ASP E 50 -1.74 30.70 13.84
CA ASP E 50 -1.41 30.41 12.44
C ASP E 50 -1.87 29.01 12.08
N ARG E 51 -1.62 28.06 12.97
CA ARG E 51 -1.99 26.67 12.71
C ARG E 51 -3.51 26.54 12.70
N LEU E 52 -4.22 27.24 13.58
CA LEU E 52 -5.67 27.23 13.61
C LEU E 52 -6.24 27.66 12.24
N TYR E 53 -5.70 28.74 11.68
CA TYR E 53 -6.14 29.23 10.39
C TYR E 53 -5.75 28.28 9.25
N ASP E 54 -4.61 27.60 9.39
CA ASP E 54 -4.20 26.57 8.43
C ASP E 54 -5.16 25.37 8.50
N SER E 55 -5.53 24.95 9.70
CA SER E 55 -6.49 23.86 9.86
C SER E 55 -7.80 24.24 9.18
N ALA E 56 -8.26 25.47 9.40
CA ALA E 56 -9.51 25.97 8.82
C ALA E 56 -9.43 25.99 7.29
N LYS E 57 -8.30 26.47 6.78
CA LYS E 57 -8.08 26.52 5.34
C LYS E 57 -8.13 25.10 4.73
N ALA E 58 -7.51 24.14 5.41
CA ALA E 58 -7.49 22.75 4.94
C ALA E 58 -8.90 22.16 4.81
N ILE E 59 -9.83 22.57 5.69
CA ILE E 59 -11.19 22.06 5.61
C ILE E 59 -12.15 23.07 4.93
N ASP E 60 -11.56 24.06 4.26
CA ASP E 60 -12.27 25.12 3.56
C ASP E 60 -13.28 25.86 4.48
N LEU E 61 -12.85 26.18 5.68
CA LEU E 61 -13.67 26.90 6.62
C LEU E 61 -13.10 28.31 6.76
N GLU E 62 -13.93 29.31 6.54
CA GLU E 62 -13.49 30.70 6.73
C GLU E 62 -13.76 31.15 8.16
N ILE E 63 -12.70 31.47 8.90
CA ILE E 63 -12.85 31.93 10.29
C ILE E 63 -13.34 33.39 10.18
N PRO E 64 -14.48 33.73 10.81
CA PRO E 64 -15.06 35.03 10.49
C PRO E 64 -14.34 36.26 11.12
N ILE E 65 -13.27 36.08 11.88
CA ILE E 65 -12.50 37.20 12.43
C ILE E 65 -11.03 37.10 12.03
N THR E 66 -10.26 38.15 12.25
CA THR E 66 -8.86 38.16 11.87
C THR E 66 -8.05 37.51 13.00
N LYS E 67 -6.80 37.16 12.69
CA LYS E 67 -5.91 36.52 13.64
C LYS E 67 -5.65 37.41 14.87
N GLU E 68 -5.43 38.72 14.60
CA GLU E 68 -5.25 39.74 15.67
CA GLU E 68 -5.23 39.69 15.68
C GLU E 68 -6.49 39.78 16.60
N GLU E 69 -7.67 39.81 15.96
CA GLU E 69 -8.91 39.75 16.76
C GLU E 69 -9.01 38.46 17.58
N PHE E 70 -8.57 37.34 17.01
CA PHE E 70 -8.63 36.06 17.69
C PHE E 70 -7.68 36.04 18.88
N MET E 71 -6.47 36.55 18.67
CA MET E 71 -5.50 36.68 19.78
C MET E 71 -6.04 37.57 20.91
N GLU E 72 -6.68 38.70 20.57
CA GLU E 72 -7.26 39.58 21.58
CA GLU E 72 -7.26 39.57 21.57
C GLU E 72 -8.37 38.85 22.37
N ILE E 73 -9.20 38.09 21.69
CA ILE E 73 -10.27 37.31 22.35
C ILE E 73 -9.71 36.30 23.34
N ILE E 74 -8.58 35.68 22.97
CA ILE E 74 -7.96 34.69 23.83
C ILE E 74 -7.43 35.36 25.11
N LEU E 75 -6.72 36.49 24.95
CA LEU E 75 -6.17 37.26 26.07
C LEU E 75 -7.27 37.80 26.99
N GLU E 76 -8.32 38.36 26.38
CA GLU E 76 -9.53 38.79 27.09
C GLU E 76 -10.17 37.68 27.92
N THR E 77 -10.20 36.46 27.39
CA THR E 77 -10.83 35.35 28.09
C THR E 77 -9.98 34.95 29.30
N LEU E 78 -8.66 35.02 29.14
CA LEU E 78 -7.74 34.70 30.23
C LEU E 78 -7.86 35.79 31.32
N ARG E 79 -7.94 37.05 30.89
CA ARG E 79 -8.19 38.18 31.80
CA ARG E 79 -8.18 38.19 31.79
C ARG E 79 -9.49 38.06 32.60
N LYS E 80 -10.59 37.91 31.88
CA LYS E 80 -11.89 37.68 32.53
C LYS E 80 -11.87 36.59 33.61
N ASN E 81 -11.02 35.57 33.46
CA ASN E 81 -11.00 34.49 34.45
C ASN E 81 -9.83 34.64 35.40
N ASN E 82 -9.08 35.72 35.22
CA ASN E 82 -7.89 36.04 36.03
C ASN E 82 -6.89 34.91 36.08
N LEU E 83 -6.53 34.36 34.92
CA LEU E 83 -5.61 33.22 34.91
C LEU E 83 -4.24 33.71 34.54
N ARG E 84 -3.24 33.03 35.09
CA ARG E 84 -1.84 33.30 34.71
C ARG E 84 -1.22 32.02 34.17
N ASP E 85 -1.71 30.90 34.69
CA ASP E 85 -1.29 29.57 34.31
C ASP E 85 -2.52 28.81 33.87
N ALA E 86 -2.63 28.57 32.55
CA ALA E 86 -3.83 27.96 31.99
C ALA E 86 -3.57 27.14 30.71
N TYR E 87 -4.57 26.32 30.39
CA TYR E 87 -4.73 25.67 29.11
C TYR E 87 -5.86 26.36 28.36
N ILE E 88 -5.58 26.74 27.13
CA ILE E 88 -6.54 27.43 26.26
C ILE E 88 -6.91 26.54 25.07
N ARG E 89 -8.20 26.40 24.83
CA ARG E 89 -8.74 25.62 23.72
C ARG E 89 -9.67 26.50 22.87
N PRO E 90 -9.10 27.20 21.88
CA PRO E 90 -9.98 27.87 20.91
C PRO E 90 -10.57 26.82 19.97
N ILE E 91 -11.83 27.00 19.60
CA ILE E 91 -12.55 26.14 18.70
C ILE E 91 -13.29 27.02 17.72
N VAL E 92 -13.26 26.63 16.44
CA VAL E 92 -14.10 27.24 15.41
C VAL E 92 -14.90 26.15 14.75
N THR E 93 -16.22 26.32 14.69
CA THR E 93 -17.09 25.31 14.07
C THR E 93 -17.59 25.77 12.73
N ARG E 94 -18.09 24.85 11.91
CA ARG E 94 -18.63 25.20 10.60
C ARG E 94 -19.91 26.03 10.80
N GLY E 95 -20.65 25.74 11.88
CA GLY E 95 -21.89 26.47 12.20
C GLY E 95 -23.11 25.66 11.91
N ILE E 96 -24.27 26.22 12.27
CA ILE E 96 -25.57 25.60 12.05
C ILE E 96 -25.93 25.58 10.57
N GLY E 97 -26.41 24.45 10.09
CA GLY E 97 -26.90 24.34 8.73
C GLY E 97 -27.95 23.27 8.71
N ASP E 98 -28.18 22.64 7.56
CA ASP E 98 -29.07 21.47 7.47
CA ASP E 98 -29.13 21.50 7.52
C ASP E 98 -28.59 20.10 8.03
N LEU E 99 -29.46 19.13 8.05
CA LEU E 99 -29.00 17.82 8.50
C LEU E 99 -28.12 17.04 7.51
N GLY E 100 -27.86 17.59 6.34
CA GLY E 100 -26.92 16.95 5.43
C GLY E 100 -25.48 17.37 5.73
N LEU E 101 -24.51 16.76 5.05
CA LEU E 101 -23.12 17.07 5.34
C LEU E 101 -22.56 18.25 4.53
N ASP E 102 -23.27 18.68 3.51
CA ASP E 102 -22.85 19.83 2.67
C ASP E 102 -22.52 21.09 3.50
N PRO E 103 -21.25 21.54 3.48
CA PRO E 103 -20.89 22.70 4.31
C PRO E 103 -21.39 24.02 3.74
N ARG E 104 -21.83 24.03 2.48
CA ARG E 104 -22.38 25.24 1.86
CA ARG E 104 -22.38 25.24 1.86
C ARG E 104 -23.70 25.72 2.52
N LYS E 105 -24.45 24.82 3.12
CA LYS E 105 -25.67 25.17 3.81
C LYS E 105 -25.40 25.73 5.23
N CYS E 106 -24.14 25.81 5.64
CA CYS E 106 -23.81 26.34 6.96
C CYS E 106 -23.52 27.79 6.89
N GLN E 107 -24.06 28.59 7.78
N GLN E 107 -24.15 28.55 7.78
CA GLN E 107 -23.77 30.03 7.62
CA GLN E 107 -23.87 29.96 7.93
C GLN E 107 -22.87 30.81 8.58
C GLN E 107 -23.44 30.13 9.38
N ASN E 108 -22.95 30.59 9.88
N ASN E 108 -22.61 31.15 9.59
CA ASN E 108 -22.24 31.39 10.82
CA ASN E 108 -22.23 31.52 10.94
C ASN E 108 -21.38 30.52 11.69
C ASN E 108 -21.38 30.52 11.69
N PRO E 109 -20.08 30.40 11.34
CA PRO E 109 -19.16 29.58 12.14
C PRO E 109 -19.14 30.07 13.59
N SER E 110 -19.23 29.19 14.59
CA SER E 110 -19.06 29.61 15.98
C SER E 110 -17.60 29.71 16.37
N ILE E 111 -17.28 30.73 17.16
CA ILE E 111 -15.98 30.94 17.74
C ILE E 111 -16.08 30.76 19.25
N ILE E 112 -15.32 29.82 19.78
CA ILE E 112 -15.36 29.40 21.19
C ILE E 112 -13.94 29.45 21.76
N VAL E 113 -13.77 30.02 22.95
CA VAL E 113 -12.50 29.96 23.68
C VAL E 113 -12.71 29.46 25.08
N ILE E 114 -12.15 28.28 25.35
CA ILE E 114 -12.14 27.66 26.69
C ILE E 114 -10.78 27.94 27.33
N THR E 115 -10.79 28.37 28.60
CA THR E 115 -9.55 28.56 29.40
C THR E 115 -9.79 27.89 30.73
N LYS E 116 -8.90 26.99 31.08
CA LYS E 116 -9.00 26.18 32.30
C LYS E 116 -7.68 26.36 33.02
N PRO E 117 -7.72 26.50 34.36
CA PRO E 117 -6.51 26.62 35.14
C PRO E 117 -5.65 25.39 35.01
N TRP E 118 -4.34 25.60 34.95
CA TRP E 118 -3.37 24.53 35.05
C TRP E 118 -2.89 24.50 36.49
N GLY E 119 -3.46 23.59 37.26
CA GLY E 119 -3.08 23.42 38.66
C GLY E 119 -3.63 24.49 39.59
N GLY E 123 4.17 15.55 36.33
CA GLY E 123 5.36 15.55 37.13
C GLY E 123 5.79 14.26 37.82
N ASP E 124 4.86 13.51 38.41
CA ASP E 124 5.09 12.18 38.99
C ASP E 124 5.43 11.12 37.94
N LEU E 125 4.68 11.14 36.84
CA LEU E 125 4.94 10.27 35.68
C LEU E 125 6.21 10.70 34.89
N TYR E 126 6.69 11.92 35.10
CA TYR E 126 7.87 12.45 34.39
C TYR E 126 9.19 12.13 35.05
N GLU E 127 9.16 11.73 36.32
CA GLU E 127 10.38 11.33 37.01
C GLU E 127 10.61 9.87 36.68
N LYS E 128 9.52 9.11 36.62
CA LYS E 128 9.60 7.69 36.32
C LYS E 128 9.54 7.40 34.80
N GLY E 129 8.83 8.26 34.06
CA GLY E 129 8.59 8.06 32.62
C GLY E 129 7.32 7.25 32.33
N LEU E 130 6.83 7.34 31.10
CA LEU E 130 5.59 6.67 30.72
C LEU E 130 5.82 5.37 30.02
N THR E 131 4.84 4.47 30.13
CA THR E 131 4.77 3.24 29.35
CA THR E 131 4.77 3.24 29.35
C THR E 131 3.95 3.50 28.08
N ALA E 132 4.40 2.96 26.94
CA ALA E 132 3.68 3.15 25.70
C ALA E 132 3.45 1.83 25.03
N ILE E 133 2.39 1.78 24.23
CA ILE E 133 2.14 0.60 23.41
C ILE E 133 1.89 1.08 22.00
N THR E 134 2.29 0.26 21.05
CA THR E 134 2.00 0.55 19.66
CA THR E 134 2.00 0.55 19.67
C THR E 134 0.62 -0.02 19.33
N VAL E 135 -0.22 0.74 18.65
CA VAL E 135 -1.61 0.29 18.40
C VAL E 135 -1.77 -0.39 17.06
N ALA E 136 -2.83 -1.17 16.92
CA ALA E 136 -3.13 -1.83 15.67
C ALA E 136 -3.70 -0.87 14.63
N VAL E 137 -4.51 0.09 15.08
N VAL E 137 -4.52 0.08 15.06
CA VAL E 137 -5.03 1.11 14.16
CA VAL E 137 -5.05 1.09 14.17
C VAL E 137 -3.90 1.98 13.66
C VAL E 137 -3.91 1.98 13.66
N ARG E 138 -3.92 2.23 12.35
CA ARG E 138 -2.99 3.14 11.73
C ARG E 138 -3.52 4.56 11.94
N ARG E 139 -2.63 5.54 11.84
CA ARG E 139 -3.01 6.94 11.88
C ARG E 139 -3.85 7.26 10.64
N ASN E 140 -4.86 8.12 10.81
CA ASN E 140 -5.59 8.70 9.66
C ASN E 140 -4.59 9.07 8.58
N SER E 141 -4.84 8.65 7.35
CA SER E 141 -3.93 8.91 6.25
C SER E 141 -3.90 10.40 5.85
N PHE E 142 -2.71 10.83 5.43
CA PHE E 142 -2.46 12.15 4.86
C PHE E 142 -3.11 12.29 3.47
N ASP E 143 -3.69 11.20 2.93
CA ASP E 143 -4.49 11.29 1.69
C ASP E 143 -5.99 10.93 1.92
N ALA E 144 -6.44 10.92 3.19
CA ALA E 144 -7.80 10.60 3.56
C ALA E 144 -8.39 11.67 4.50
N LEU E 145 -7.80 11.81 5.67
CA LEU E 145 -8.24 12.79 6.63
C LEU E 145 -6.92 13.30 7.23
N PRO E 146 -6.26 14.27 6.57
CA PRO E 146 -4.88 14.58 6.91
C PRO E 146 -4.66 14.89 8.41
N PRO E 147 -3.76 14.15 9.08
CA PRO E 147 -3.58 14.40 10.49
C PRO E 147 -2.96 15.80 10.81
N ASN E 148 -2.40 16.46 9.80
CA ASN E 148 -1.92 17.83 9.97
C ASN E 148 -3.04 18.81 10.37
N ILE E 149 -4.30 18.50 10.03
CA ILE E 149 -5.48 19.31 10.43
C ILE E 149 -5.79 18.99 11.89
N SER E 151 -8.51 18.99 13.82
CA SER E 151 -9.95 19.15 13.63
C SER E 151 -10.69 18.51 14.78
N LEU E 152 -12.01 18.68 14.84
CA LEU E 152 -12.82 18.02 15.85
C LEU E 152 -13.01 16.51 15.53
N ASN E 153 -12.42 16.01 14.43
CA ASN E 153 -12.45 14.57 14.16
C ASN E 153 -11.28 13.92 14.87
N TYR E 154 -11.46 13.52 16.12
CA TYR E 154 -10.38 12.89 16.90
C TYR E 154 -10.64 11.46 17.30
N LEU E 155 -11.61 10.84 16.66
CA LEU E 155 -11.91 9.45 16.97
C LEU E 155 -10.77 8.46 16.66
N ASN E 156 -9.95 8.75 15.66
CA ASN E 156 -8.77 7.88 15.35
C ASN E 156 -7.86 7.87 16.60
N ASN E 157 -7.64 9.05 17.18
CA ASN E 157 -6.81 9.25 18.38
C ASN E 157 -7.43 8.56 19.59
N ILE E 158 -8.76 8.66 19.70
CA ILE E 158 -9.51 8.03 20.79
C ILE E 158 -9.47 6.50 20.70
N LEU E 159 -9.61 5.94 19.49
CA LEU E 159 -9.45 4.50 19.32
C LEU E 159 -8.09 3.98 19.78
N ALA E 160 -7.05 4.76 19.46
CA ALA E 160 -5.67 4.42 19.87
C ALA E 160 -5.58 4.50 21.39
N LYS E 161 -6.17 5.56 21.96
CA LYS E 161 -6.19 5.71 23.42
C LYS E 161 -6.94 4.56 24.11
N ILE E 162 -8.06 4.11 23.52
CA ILE E 162 -8.84 2.99 24.05
C ILE E 162 -7.96 1.75 24.05
N GLU E 163 -7.24 1.51 22.95
CA GLU E 163 -6.31 0.39 22.87
C GLU E 163 -5.26 0.49 23.98
N ALA E 164 -4.64 1.66 24.14
CA ALA E 164 -3.64 1.86 25.19
C ALA E 164 -4.19 1.59 26.61
N ASN E 165 -5.39 2.10 26.90
CA ASN E 165 -6.07 1.89 28.18
C ASN E 165 -6.25 0.38 28.42
N ALA E 166 -6.65 -0.37 27.39
CA ALA E 166 -6.90 -1.79 27.52
C ALA E 166 -5.63 -2.61 27.57
N LYS E 167 -4.53 -2.05 27.07
CA LYS E 167 -3.35 -2.86 26.82
C LYS E 167 -2.16 -2.47 27.71
N GLY E 168 -2.44 -1.65 28.72
CA GLY E 168 -1.47 -1.31 29.73
C GLY E 168 -0.47 -0.23 29.33
N GLY E 169 -0.84 0.68 28.46
CA GLY E 169 0.05 1.78 28.16
C GLY E 169 -0.53 3.09 28.63
N ASP E 170 0.32 4.00 29.07
CA ASP E 170 -0.06 5.37 29.35
C ASP E 170 -0.28 6.12 28.06
N GLU E 171 0.41 5.71 26.99
CA GLU E 171 0.32 6.37 25.71
C GLU E 171 0.27 5.32 24.58
N ALA E 172 -0.39 5.71 23.49
CA ALA E 172 -0.48 4.91 22.29
C ALA E 172 0.49 5.47 21.26
N ILE E 173 1.18 4.59 20.53
CA ILE E 173 1.99 5.02 19.40
C ILE E 173 1.39 4.49 18.09
N PHE E 174 1.15 5.39 17.13
CA PHE E 174 0.62 5.04 15.82
C PHE E 174 1.74 4.78 14.82
N LEU E 175 1.53 3.81 13.94
CA LEU E 175 2.21 3.74 12.64
C LEU E 175 1.26 4.35 11.62
N ASP E 176 1.77 4.71 10.45
CA ASP E 176 0.96 5.30 9.39
C ASP E 176 0.56 4.23 8.36
N ARG E 177 -0.17 4.67 7.32
CA ARG E 177 -0.71 3.79 6.28
CA ARG E 177 -0.72 3.80 6.29
C ARG E 177 0.40 3.05 5.50
N ASN E 178 1.63 3.55 5.57
CA ASN E 178 2.78 2.98 4.84
C ASN E 178 3.75 2.24 5.78
N GLY E 179 3.34 2.06 7.04
CA GLY E 179 4.13 1.29 8.03
C GLY E 179 5.19 2.07 8.83
N TYR E 180 5.27 3.39 8.64
CA TYR E 180 6.22 4.24 9.36
C TYR E 180 5.61 4.74 10.65
N VAL E 181 6.46 5.01 11.65
CA VAL E 181 6.04 5.61 12.92
C VAL E 181 5.47 6.99 12.62
N SER E 182 4.34 7.29 13.25
CA SER E 182 3.68 8.55 13.03
C SER E 182 3.87 9.43 14.28
N GLU E 183 3.16 9.13 15.37
CA GLU E 183 3.09 9.96 16.56
C GLU E 183 2.30 9.22 17.62
N GLY E 184 2.19 9.83 18.82
CA GLY E 184 1.31 9.33 19.88
C GLY E 184 -0.10 9.80 19.63
N SER E 185 -1.07 9.30 20.42
CA SER E 185 -2.45 9.74 20.22
C SER E 185 -2.67 11.25 20.39
N GLY E 186 -1.84 11.91 21.20
CA GLY E 186 -1.92 13.34 21.37
C GLY E 186 -0.61 14.11 21.40
N ASP E 187 0.46 13.59 20.75
CA ASP E 187 1.80 14.18 20.81
C ASP E 187 2.77 13.61 19.79
N ASN E 188 3.77 14.42 19.41
CA ASN E 188 4.83 14.00 18.48
C ASN E 188 5.87 13.14 19.20
N ILE E 189 6.64 12.36 18.45
CA ILE E 189 7.55 11.38 19.02
C ILE E 189 8.99 11.62 18.54
N PHE E 190 9.96 11.47 19.46
CA PHE E 190 11.38 11.62 19.14
C PHE E 190 12.09 10.41 19.67
N VAL E 191 13.12 10.01 18.95
CA VAL E 191 13.92 8.85 19.30
C VAL E 191 15.38 9.32 19.43
N VAL E 192 16.04 8.85 20.48
CA VAL E 192 17.44 9.17 20.75
C VAL E 192 18.23 7.89 20.65
N LYS E 193 19.28 7.90 19.83
CA LYS E 193 20.09 6.71 19.66
C LYS E 193 21.51 7.15 19.37
N ASN E 194 22.44 6.65 20.21
CA ASN E 194 23.88 7.01 20.16
C ASN E 194 24.11 8.49 20.10
N GLY E 195 23.46 9.23 20.99
CA GLY E 195 23.57 10.66 21.05
C GLY E 195 22.97 11.46 19.92
N ALA E 196 22.32 10.79 18.96
CA ALA E 196 21.62 11.51 17.88
C ALA E 196 20.09 11.39 18.02
N ILE E 197 19.37 12.41 17.57
CA ILE E 197 17.92 12.43 17.69
C ILE E 197 17.25 12.36 16.33
N THR E 198 16.22 11.54 16.24
CA THR E 198 15.39 11.45 15.03
CA THR E 198 15.39 11.45 15.03
C THR E 198 13.93 11.65 15.38
N THR E 199 13.18 12.19 14.44
CA THR E 199 11.76 12.36 14.56
C THR E 199 11.14 12.17 13.17
N PRO E 200 9.91 11.62 13.09
CA PRO E 200 9.28 11.48 11.76
C PRO E 200 9.07 12.82 11.07
N PRO E 201 9.08 12.85 9.72
CA PRO E 201 8.65 14.09 9.03
C PRO E 201 7.20 14.36 9.42
N THR E 202 6.72 15.55 9.18
CA THR E 202 5.40 15.91 9.75
C THR E 202 4.19 15.52 8.91
N ILE E 203 4.41 15.14 7.65
CA ILE E 203 3.33 14.68 6.76
C ILE E 203 2.33 13.63 7.37
N ASN E 204 2.81 12.65 8.12
CA ASN E 204 1.94 11.61 8.61
C ASN E 204 1.44 11.87 10.05
N ASN E 205 1.76 13.04 10.60
CA ASN E 205 1.40 13.37 11.99
C ASN E 205 0.91 14.85 12.06
N LEU E 206 1.27 15.62 13.06
CA LEU E 206 0.86 17.00 13.15
C LEU E 206 2.12 17.83 13.32
N ARG E 207 2.18 19.00 12.68
CA ARG E 207 3.33 19.91 12.85
CA ARG E 207 3.34 19.91 12.87
C ARG E 207 3.23 20.55 14.24
N GLY E 208 3.71 19.83 15.24
CA GLY E 208 3.66 20.27 16.65
C GLY E 208 4.45 21.55 16.87
N ILE E 209 3.83 22.45 17.65
CA ILE E 209 4.51 23.67 18.04
C ILE E 209 5.57 23.34 19.14
N THR E 210 5.26 22.42 20.04
CA THR E 210 6.25 21.93 20.99
C THR E 210 7.38 21.23 20.24
N ARG E 211 7.03 20.38 19.27
CA ARG E 211 8.04 19.68 18.46
C ARG E 211 9.00 20.70 17.82
N GLU E 212 8.45 21.77 17.23
CA GLU E 212 9.26 22.83 16.61
CA GLU E 212 9.27 22.81 16.60
C GLU E 212 10.19 23.49 17.64
N ALA E 213 9.66 23.82 18.81
CA ALA E 213 10.44 24.45 19.89
C ALA E 213 11.55 23.52 20.34
N VAL E 214 11.24 22.22 20.48
CA VAL E 214 12.22 21.26 20.91
C VAL E 214 13.33 21.09 19.86
N ILE E 215 12.97 21.16 18.57
CA ILE E 215 13.96 21.04 17.50
C ILE E 215 14.93 22.28 17.50
N GLU E 216 14.38 23.46 17.76
CA GLU E 216 15.17 24.69 17.96
CA GLU E 216 15.18 24.68 17.96
C GLU E 216 16.19 24.50 19.09
N ILE E 217 15.76 23.97 20.22
CA ILE E 217 16.65 23.66 21.35
C ILE E 217 17.72 22.65 20.93
N ILE E 218 17.29 21.57 20.27
CA ILE E 218 18.21 20.52 19.84
C ILE E 218 19.33 21.13 18.96
N ASN E 219 18.94 21.98 18.01
CA ASN E 219 19.89 22.62 17.12
C ASN E 219 20.82 23.61 17.86
N ARG E 220 20.25 24.36 18.81
CA ARG E 220 21.00 25.31 19.61
CA ARG E 220 21.00 25.31 19.61
C ARG E 220 22.04 24.57 20.45
N LEU E 221 21.71 23.37 20.93
CA LEU E 221 22.63 22.59 21.74
C LEU E 221 23.60 21.81 20.87
N GLY E 222 23.44 21.88 19.56
CA GLY E 222 24.29 21.09 18.65
C GLY E 222 24.17 19.58 18.77
N ILE E 223 23.03 19.05 19.22
CA ILE E 223 22.81 17.61 19.20
C ILE E 223 22.51 17.17 17.75
N PRO E 224 23.21 16.14 17.22
CA PRO E 224 22.87 15.74 15.84
C PRO E 224 21.38 15.32 15.72
N PHE E 225 20.72 15.86 14.70
CA PHE E 225 19.29 15.75 14.57
C PHE E 225 18.96 15.46 13.13
N LYS E 226 18.02 14.55 12.92
CA LYS E 226 17.55 14.22 11.57
C LYS E 226 16.04 14.02 11.59
N GLU E 227 15.37 14.62 10.64
CA GLU E 227 13.97 14.36 10.42
C GLU E 227 13.91 13.26 9.37
N THR E 228 13.46 12.07 9.75
CA THR E 228 13.47 10.95 8.83
C THR E 228 12.46 9.89 9.29
N ASN E 229 12.06 8.98 8.41
CA ASN E 229 11.16 7.91 8.82
C ASN E 229 11.77 6.97 9.80
N ILE E 230 10.97 6.58 10.78
CA ILE E 230 11.35 5.68 11.86
CA ILE E 230 11.37 5.61 11.78
C ILE E 230 10.39 4.48 11.85
N GLY E 231 10.87 3.34 12.33
CA GLY E 231 10.10 2.12 12.38
C GLY E 231 10.02 1.59 13.78
N LEU E 232 9.23 0.53 13.94
CA LEU E 232 9.13 -0.17 15.22
C LEU E 232 10.51 -0.49 15.78
N TYR E 233 11.39 -1.00 14.94
CA TYR E 233 12.77 -1.32 15.32
C TYR E 233 13.47 -0.17 16.03
N ASP E 234 13.34 1.06 15.50
CA ASP E 234 13.97 2.23 16.08
C ASP E 234 13.41 2.57 17.44
N LEU E 235 12.12 2.35 17.63
CA LEU E 235 11.50 2.55 18.93
C LEU E 235 12.05 1.55 19.94
N TYR E 236 12.08 0.28 19.56
CA TYR E 236 12.43 -0.80 20.49
C TYR E 236 13.90 -0.73 20.91
N THR E 237 14.77 -0.23 20.03
CA THR E 237 16.21 -0.29 20.28
C THR E 237 16.78 1.10 20.64
N ALA E 238 15.91 2.08 20.83
CA ALA E 238 16.32 3.44 21.18
C ALA E 238 17.03 3.51 22.56
N ASP E 239 17.96 4.45 22.70
CA ASP E 239 18.54 4.80 24.02
C ASP E 239 17.49 5.53 24.83
N GLU E 240 16.74 6.41 24.19
CA GLU E 240 15.68 7.16 24.88
C GLU E 240 14.58 7.47 23.85
N VAL E 241 13.36 7.65 24.34
CA VAL E 241 12.21 8.05 23.54
C VAL E 241 11.47 9.04 24.38
N PHE E 242 10.97 10.08 23.73
CA PHE E 242 10.08 11.03 24.38
C PHE E 242 9.03 11.55 23.41
N VAL E 243 7.93 12.02 23.98
CA VAL E 243 6.84 12.64 23.24
C VAL E 243 6.67 14.10 23.65
N THR E 244 6.14 14.90 22.73
CA THR E 244 6.03 16.32 22.90
C THR E 244 4.66 16.80 22.50
N GLY E 245 4.11 17.71 23.29
CA GLY E 245 2.85 18.38 22.98
C GLY E 245 2.58 19.48 23.98
N THR E 246 1.59 20.32 23.71
CA THR E 246 1.27 21.45 24.57
C THR E 246 0.95 21.04 26.01
N ALA E 247 0.08 20.04 26.16
CA ALA E 247 -0.31 19.55 27.48
C ALA E 247 0.78 18.74 28.12
N ALA E 248 1.43 17.87 27.36
CA ALA E 248 2.44 16.96 27.90
C ALA E 248 3.78 17.65 28.16
N GLU E 249 4.06 18.72 27.42
CA GLU E 249 5.40 19.30 27.31
C GLU E 249 6.34 18.24 26.76
N ILE E 250 7.30 17.76 27.54
CA ILE E 250 8.17 16.69 27.11
C ILE E 250 8.02 15.56 28.07
N ALA E 251 7.49 14.44 27.57
CA ALA E 251 7.24 13.29 28.41
C ALA E 251 8.17 12.14 27.97
N PRO E 252 9.01 11.64 28.88
CA PRO E 252 9.83 10.46 28.58
C PRO E 252 8.99 9.18 28.44
N ILE E 253 9.37 8.33 27.50
CA ILE E 253 8.76 7.04 27.31
C ILE E 253 9.83 6.03 27.63
N VAL E 254 9.59 5.21 28.65
CA VAL E 254 10.64 4.34 29.19
C VAL E 254 10.39 2.84 28.91
N VAL E 255 9.15 2.50 28.54
CA VAL E 255 8.80 1.10 28.14
C VAL E 255 7.92 1.21 26.88
N ILE E 256 8.25 0.43 25.85
CA ILE E 256 7.41 0.33 24.65
C ILE E 256 7.20 -1.16 24.37
N ASP E 257 5.92 -1.54 24.31
CA ASP E 257 5.49 -2.90 24.05
C ASP E 257 6.24 -3.91 24.93
N GLY E 258 6.24 -3.62 26.22
CA GLY E 258 6.87 -4.49 27.21
C GLY E 258 8.40 -4.44 27.24
N ARG E 259 9.04 -3.66 26.37
CA ARG E 259 10.49 -3.59 26.33
C ARG E 259 10.97 -2.31 27.01
N LYS E 260 11.93 -2.47 27.92
CA LYS E 260 12.57 -1.34 28.58
CA LYS E 260 12.57 -1.34 28.57
C LYS E 260 13.33 -0.53 27.54
N ILE E 261 13.15 0.77 27.54
CA ILE E 261 13.91 1.63 26.63
C ILE E 261 15.21 2.03 27.35
N GLY E 262 16.35 1.65 26.76
CA GLY E 262 17.66 1.84 27.38
C GLY E 262 17.66 1.23 28.79
N ASP E 263 17.88 2.06 29.79
CA ASP E 263 17.93 1.58 31.17
C ASP E 263 16.56 1.62 31.84
N GLY E 264 15.52 2.02 31.12
CA GLY E 264 14.18 2.03 31.71
C GLY E 264 13.87 3.27 32.52
N LYS E 265 14.72 4.28 32.44
CA LYS E 265 14.53 5.53 33.20
C LYS E 265 14.64 6.70 32.22
N PRO E 266 14.08 7.89 32.55
CA PRO E 266 14.22 8.98 31.61
C PRO E 266 15.71 9.25 31.33
N GLY E 267 16.05 9.41 30.06
CA GLY E 267 17.44 9.56 29.67
C GLY E 267 18.02 10.96 29.83
N GLU E 268 19.33 11.03 29.70
CA GLU E 268 20.08 12.26 29.90
CA GLU E 268 20.07 12.27 29.90
C GLU E 268 19.71 13.34 28.92
N ILE E 269 19.61 12.97 27.63
CA ILE E 269 19.22 13.93 26.61
C ILE E 269 17.77 14.41 26.85
N THR E 270 16.88 13.49 27.20
CA THR E 270 15.47 13.86 27.47
C THR E 270 15.44 14.87 28.62
N ARG E 271 16.16 14.56 29.72
CA ARG E 271 16.17 15.43 30.92
CA ARG E 271 16.17 15.43 30.92
C ARG E 271 16.71 16.81 30.59
N LYS E 272 17.79 16.85 29.79
CA LYS E 272 18.35 18.11 29.36
C LYS E 272 17.33 18.93 28.56
N LEU E 273 16.61 18.27 27.64
CA LEU E 273 15.59 18.97 26.84
C LEU E 273 14.41 19.44 27.69
N MET E 274 14.01 18.62 28.67
CA MET E 274 12.97 19.02 29.62
C MET E 274 13.34 20.31 30.34
N GLU E 275 14.61 20.42 30.80
CA GLU E 275 15.10 21.62 31.50
CA GLU E 275 15.09 21.62 31.50
C GLU E 275 15.08 22.81 30.57
N GLU E 276 15.65 22.64 29.37
CA GLU E 276 15.71 23.72 28.41
C GLU E 276 14.33 24.19 27.97
N PHE E 277 13.38 23.25 27.89
CA PHE E 277 12.05 23.62 27.49
C PHE E 277 11.34 24.42 28.61
N SER E 278 11.49 23.96 29.86
CA SER E 278 10.98 24.70 31.04
C SER E 278 11.45 26.15 31.04
N LYS E 279 12.74 26.35 30.80
CA LYS E 279 13.35 27.66 30.71
C LYS E 279 12.69 28.49 29.65
N LEU E 280 12.44 27.89 28.49
CA LEU E 280 11.80 28.59 27.38
C LEU E 280 10.39 29.07 27.70
N THR E 281 9.64 28.24 28.41
CA THR E 281 8.27 28.59 28.76
C THR E 281 8.20 29.66 29.84
N GLU E 282 9.25 29.77 30.65
CA GLU E 282 9.34 30.77 31.71
C GLU E 282 9.75 32.15 31.21
N SER E 283 10.39 32.19 30.04
CA SER E 283 10.90 33.44 29.50
C SER E 283 10.29 33.92 28.16
N GLU E 284 9.25 33.28 27.67
CA GLU E 284 8.74 33.65 26.35
C GLU E 284 7.25 33.66 26.37
N GLY E 285 6.66 34.45 25.46
CA GLY E 285 5.19 34.48 25.38
C GLY E 285 4.59 35.86 25.33
N VAL E 286 3.37 35.92 24.85
CA VAL E 286 2.60 37.14 24.77
C VAL E 286 2.06 37.43 26.19
N PRO E 287 2.38 38.61 26.76
CA PRO E 287 1.91 38.94 28.11
C PRO E 287 0.40 39.12 28.13
N ILE E 288 -0.26 38.55 29.13
CA ILE E 288 -1.71 38.67 29.29
C ILE E 288 -2.12 40.03 29.88
N TYR E 289 -1.38 40.47 30.90
CA TYR E 289 -1.73 41.67 31.68
C TYR E 289 -0.84 42.86 31.42
N GLU E 290 0.47 42.64 31.55
CA GLU E 290 1.46 43.77 31.59
C GLU E 290 1.77 43.94 30.12
N MET F 1 -40.84 24.81 16.32
CA MET F 1 -42.13 24.18 16.62
C MET F 1 -41.89 22.69 16.86
N LEU F 2 -40.66 22.25 16.75
CA LEU F 2 -40.35 20.83 16.91
C LEU F 2 -39.64 20.57 18.22
N TYR F 3 -39.97 19.44 18.83
CA TYR F 3 -39.26 18.97 20.03
C TYR F 3 -38.18 17.95 19.66
N VAL F 4 -37.08 18.01 20.41
CA VAL F 4 -35.96 17.11 20.31
C VAL F 4 -35.87 16.35 21.62
N TYR F 5 -35.75 15.03 21.57
CA TYR F 5 -35.41 14.30 22.78
C TYR F 5 -33.93 14.53 23.18
N MET F 6 -33.71 14.95 24.40
CA MET F 6 -32.37 15.17 24.93
C MET F 6 -32.28 14.72 26.38
N ASP F 7 -31.72 13.55 26.58
CA ASP F 7 -31.47 12.99 27.91
C ASP F 7 -32.67 12.92 28.83
N GLY F 8 -33.79 12.44 28.33
CA GLY F 8 -34.97 12.26 29.18
C GLY F 8 -35.99 13.40 29.13
N GLU F 9 -35.67 14.50 28.45
CA GLU F 9 -36.58 15.62 28.32
C GLU F 9 -36.81 15.97 26.86
N PHE F 10 -38.03 16.41 26.56
CA PHE F 10 -38.33 16.97 25.26
C PHE F 10 -38.10 18.45 25.26
N VAL F 11 -37.31 18.94 24.31
CA VAL F 11 -36.82 20.31 24.34
C VAL F 11 -37.10 20.89 22.96
N PRO F 12 -37.60 22.12 22.90
CA PRO F 12 -37.74 22.78 21.61
C PRO F 12 -36.39 22.86 20.86
N GLU F 13 -36.42 22.69 19.55
CA GLU F 13 -35.21 22.78 18.70
C GLU F 13 -34.29 23.93 19.02
N ASN F 14 -34.85 25.10 19.23
CA ASN F 14 -34.08 26.35 19.48
C ASN F 14 -33.33 26.30 20.80
N GLU F 15 -33.70 25.36 21.65
CA GLU F 15 -33.01 25.20 22.93
C GLU F 15 -32.24 23.89 23.00
N ALA F 16 -32.31 23.09 21.94
CA ALA F 16 -31.60 21.82 21.90
C ALA F 16 -30.09 22.06 21.75
N LYS F 17 -29.39 22.02 22.86
CA LYS F 17 -27.97 22.39 22.93
C LYS F 17 -27.23 21.36 23.76
N VAL F 18 -25.95 21.16 23.44
CA VAL F 18 -25.13 20.17 24.14
C VAL F 18 -23.95 20.94 24.74
N SER F 19 -23.48 20.53 25.91
CA SER F 19 -22.31 21.11 26.51
C SER F 19 -21.12 21.05 25.56
N ILE F 20 -20.38 22.15 25.44
CA ILE F 20 -19.15 22.15 24.67
C ILE F 20 -18.08 21.22 25.27
N PHE F 21 -18.30 20.74 26.48
CA PHE F 21 -17.38 19.82 27.12
C PHE F 21 -17.74 18.36 26.85
N ASP F 22 -18.86 18.13 26.17
CA ASP F 22 -19.18 16.80 25.70
C ASP F 22 -18.11 16.37 24.67
N HIS F 23 -17.53 15.19 24.85
CA HIS F 23 -16.53 14.65 23.93
C HIS F 23 -17.08 14.39 22.52
N GLY F 24 -18.40 14.20 22.41
CA GLY F 24 -19.10 14.13 21.14
C GLY F 24 -18.89 15.42 20.36
N PHE F 25 -18.81 16.55 21.05
CA PHE F 25 -18.55 17.81 20.39
C PHE F 25 -17.03 18.06 20.22
N LEU F 26 -16.26 17.91 21.29
CA LEU F 26 -14.82 18.19 21.27
C LEU F 26 -14.03 17.33 20.29
N TYR F 27 -14.43 16.06 20.16
CA TYR F 27 -13.64 15.06 19.43
C TYR F 27 -14.45 14.25 18.44
N GLY F 28 -15.73 14.60 18.27
CA GLY F 28 -16.65 13.83 17.42
C GLY F 28 -16.83 12.44 17.99
N ASP F 29 -16.66 12.32 19.30
CA ASP F 29 -16.70 11.02 19.97
C ASP F 29 -18.14 10.60 20.27
N GLY F 30 -18.79 10.05 19.27
CA GLY F 30 -20.18 9.65 19.41
C GLY F 30 -20.60 8.94 18.15
N VAL F 31 -21.81 8.40 18.16
CA VAL F 31 -22.37 7.65 17.02
C VAL F 31 -23.74 8.21 16.67
N PHE F 32 -24.20 7.98 15.44
CA PHE F 32 -25.52 8.42 15.01
C PHE F 32 -26.11 7.49 14.00
N GLU F 33 -27.39 7.66 13.72
CA GLU F 33 -28.10 6.94 12.68
C GLU F 33 -28.94 7.92 11.90
N GLY F 34 -29.39 7.48 10.75
CA GLY F 34 -30.32 8.22 9.90
C GLY F 34 -31.43 7.25 9.60
N ILE F 35 -32.65 7.61 9.99
CA ILE F 35 -33.82 6.71 9.87
C ILE F 35 -34.96 7.47 9.19
N ARG F 36 -35.74 6.77 8.38
CA ARG F 36 -36.91 7.37 7.76
CA ARG F 36 -36.92 7.39 7.76
C ARG F 36 -38.25 6.82 8.20
N ALA F 37 -39.19 7.75 8.45
CA ALA F 37 -40.61 7.42 8.71
C ALA F 37 -41.37 7.71 7.42
N TYR F 38 -42.11 6.71 6.95
CA TYR F 38 -42.97 6.83 5.77
C TYR F 38 -44.41 6.48 6.16
N ASN F 39 -45.34 7.41 5.89
CA ASN F 39 -46.79 7.16 6.10
C ASN F 39 -47.08 6.54 7.48
N GLY F 40 -46.58 7.17 8.53
CA GLY F 40 -46.77 6.65 9.88
C GLY F 40 -46.04 5.39 10.31
N ARG F 41 -45.14 4.90 9.44
CA ARG F 41 -44.30 3.74 9.78
CA ARG F 41 -44.29 3.74 9.75
C ARG F 41 -42.80 4.12 9.76
N VAL F 42 -42.02 3.57 10.69
CA VAL F 42 -40.56 3.79 10.71
C VAL F 42 -39.90 2.64 9.96
N PHE F 43 -39.29 2.97 8.84
CA PHE F 43 -38.68 1.95 7.97
C PHE F 43 -37.38 1.38 8.56
N ARG F 44 -37.36 0.08 8.78
CA ARG F 44 -36.20 -0.70 9.27
C ARG F 44 -35.63 -0.17 10.57
N LEU F 45 -36.50 0.25 11.47
CA LEU F 45 -36.11 0.81 12.75
C LEU F 45 -35.15 -0.09 13.56
N LYS F 46 -35.46 -1.38 13.62
CA LYS F 46 -34.70 -2.32 14.39
C LYS F 46 -33.28 -2.49 13.81
N GLU F 47 -33.16 -2.59 12.49
CA GLU F 47 -31.88 -2.66 11.78
C GLU F 47 -31.02 -1.43 12.06
N HIS F 48 -31.62 -0.23 12.05
CA HIS F 48 -30.88 0.98 12.37
C HIS F 48 -30.42 1.03 13.81
N ILE F 49 -31.25 0.58 14.72
CA ILE F 49 -30.91 0.53 16.13
C ILE F 49 -29.82 -0.50 16.37
N ASP F 50 -29.87 -1.63 15.68
CA ASP F 50 -28.81 -2.63 15.78
C ASP F 50 -27.47 -2.03 15.34
N ARG F 51 -27.50 -1.28 14.24
CA ARG F 51 -26.29 -0.68 13.72
C ARG F 51 -25.78 0.40 14.67
N LEU F 52 -26.69 1.17 15.28
CA LEU F 52 -26.30 2.18 16.26
C LEU F 52 -25.52 1.56 17.42
N TYR F 53 -26.02 0.44 17.93
CA TYR F 53 -25.35 -0.28 19.01
C TYR F 53 -24.02 -0.90 18.56
N ASP F 54 -23.95 -1.33 17.31
CA ASP F 54 -22.71 -1.85 16.74
C ASP F 54 -21.68 -0.72 16.61
N SER F 55 -22.11 0.46 16.14
CA SER F 55 -21.23 1.61 16.04
C SER F 55 -20.69 1.94 17.44
N ALA F 56 -21.56 1.95 18.44
CA ALA F 56 -21.16 2.26 19.81
C ALA F 56 -20.16 1.23 20.34
N LYS F 57 -20.43 -0.04 20.07
CA LYS F 57 -19.55 -1.10 20.50
C LYS F 57 -18.15 -0.93 19.87
N ALA F 58 -18.11 -0.57 18.58
CA ALA F 58 -16.87 -0.38 17.88
C ALA F 58 -15.99 0.70 18.52
N ILE F 59 -16.61 1.75 19.07
CA ILE F 59 -15.86 2.81 19.71
C ILE F 59 -15.85 2.67 21.25
N ASP F 60 -16.22 1.49 21.72
CA ASP F 60 -16.26 1.13 23.14
C ASP F 60 -17.14 2.09 23.96
N LEU F 61 -18.30 2.42 23.42
CA LEU F 61 -19.20 3.32 24.08
C LEU F 61 -20.41 2.52 24.51
N GLU F 62 -20.75 2.57 25.78
CA GLU F 62 -21.93 1.83 26.27
C GLU F 62 -23.14 2.75 26.22
N ILE F 63 -24.14 2.37 25.43
CA ILE F 63 -25.38 3.19 25.32
C ILE F 63 -26.15 2.90 26.63
N PRO F 64 -26.51 3.95 27.39
CA PRO F 64 -27.03 3.67 28.72
C PRO F 64 -28.47 3.10 28.79
N ILE F 65 -29.15 2.93 27.66
CA ILE F 65 -30.51 2.32 27.67
C ILE F 65 -30.55 1.11 26.74
N THR F 66 -31.63 0.35 26.81
CA THR F 66 -31.75 -0.85 25.99
C THR F 66 -32.27 -0.45 24.61
N LYS F 67 -32.16 -1.38 23.66
CA LYS F 67 -32.60 -1.13 22.29
C LYS F 67 -34.12 -0.87 22.22
N GLU F 68 -34.89 -1.64 23.01
CA GLU F 68 -36.35 -1.50 23.12
CA GLU F 68 -36.34 -1.46 23.04
C GLU F 68 -36.68 -0.09 23.65
N GLU F 69 -35.98 0.32 24.70
CA GLU F 69 -36.15 1.68 25.22
C GLU F 69 -35.81 2.74 24.19
N PHE F 70 -34.74 2.51 23.39
CA PHE F 70 -34.33 3.47 22.37
C PHE F 70 -35.38 3.57 21.28
N MET F 71 -35.91 2.42 20.86
CA MET F 71 -37.02 2.44 19.88
C MET F 71 -38.24 3.19 20.38
N GLU F 72 -38.61 2.99 21.66
CA GLU F 72 -39.76 3.70 22.24
CA GLU F 72 -39.73 3.71 22.34
C GLU F 72 -39.50 5.22 22.25
N ILE F 73 -38.29 5.63 22.61
CA ILE F 73 -37.93 7.07 22.61
C ILE F 73 -38.08 7.70 21.22
N ILE F 74 -37.69 6.92 20.20
CA ILE F 74 -37.76 7.40 18.83
C ILE F 74 -39.24 7.61 18.42
N LEU F 75 -40.08 6.62 18.70
CA LEU F 75 -41.52 6.65 18.39
C LEU F 75 -42.24 7.79 19.15
N GLU F 76 -41.93 7.91 20.44
CA GLU F 76 -42.38 9.03 21.28
C GLU F 76 -42.04 10.39 20.72
N THR F 77 -40.83 10.52 20.17
CA THR F 77 -40.39 11.82 19.65
C THR F 77 -41.17 12.14 18.37
N LEU F 78 -41.45 11.12 17.57
CA LEU F 78 -42.22 11.32 16.35
C LEU F 78 -43.68 11.68 16.69
N ARG F 79 -44.23 10.99 17.71
CA ARG F 79 -45.56 11.29 18.25
C ARG F 79 -45.68 12.73 18.77
N LYS F 80 -44.80 13.11 19.69
CA LYS F 80 -44.79 14.48 20.21
C LYS F 80 -44.77 15.54 19.11
N ASN F 81 -44.17 15.26 17.95
CA ASN F 81 -44.10 16.26 16.88
C ASN F 81 -45.18 16.02 15.82
N ASN F 82 -46.02 15.00 16.06
CA ASN F 82 -47.08 14.59 15.14
C ASN F 82 -46.60 14.34 13.74
N LEU F 83 -45.55 13.55 13.58
CA LEU F 83 -45.00 13.33 12.22
C LEU F 83 -45.43 11.99 11.73
N ARG F 84 -45.61 11.89 10.42
CA ARG F 84 -45.89 10.60 9.77
C ARG F 84 -44.80 10.31 8.74
N ASP F 85 -44.27 11.38 8.18
CA ASP F 85 -43.21 11.35 7.19
C ASP F 85 -42.07 12.20 7.70
N ALA F 86 -40.99 11.54 8.09
CA ALA F 86 -39.87 12.22 8.76
C ALA F 86 -38.50 11.57 8.55
N TYR F 87 -37.46 12.36 8.83
CA TYR F 87 -36.09 11.92 9.00
C TYR F 87 -35.76 11.95 10.48
N ILE F 88 -35.24 10.84 10.97
CA ILE F 88 -34.88 10.68 12.38
C ILE F 88 -33.35 10.52 12.51
N ARG F 89 -32.76 11.29 13.40
CA ARG F 89 -31.33 11.26 13.68
C ARG F 89 -31.10 11.02 15.18
N PRO F 90 -31.05 9.76 15.59
CA PRO F 90 -30.59 9.47 16.95
C PRO F 90 -29.08 9.66 17.04
N ILE F 91 -28.61 10.23 18.15
CA ILE F 91 -27.21 10.45 18.41
C ILE F 91 -26.93 9.99 19.83
N VAL F 92 -25.82 9.28 20.01
CA VAL F 92 -25.29 8.98 21.34
C VAL F 92 -23.88 9.54 21.43
N THR F 93 -23.61 10.33 22.47
CA THR F 93 -22.29 10.93 22.66
C THR F 93 -21.56 10.24 23.79
N ARG F 94 -20.23 10.42 23.85
CA ARG F 94 -19.45 9.85 24.91
C ARG F 94 -19.81 10.53 26.25
N GLY F 95 -20.17 11.80 26.18
CA GLY F 95 -20.58 12.58 27.36
C GLY F 95 -19.50 13.54 27.80
N ILE F 96 -19.86 14.36 28.78
CA ILE F 96 -19.00 15.37 29.36
C ILE F 96 -17.82 14.76 30.11
N GLY F 97 -16.64 15.30 29.87
CA GLY F 97 -15.45 14.84 30.57
C GLY F 97 -14.48 15.99 30.61
N ASP F 98 -13.23 15.68 30.90
CA ASP F 98 -12.15 16.66 30.91
C ASP F 98 -11.70 17.08 29.49
N LEU F 99 -10.77 18.00 29.40
CA LEU F 99 -10.27 18.42 28.13
C LEU F 99 -9.33 17.46 27.42
N GLY F 100 -9.01 16.33 28.01
CA GLY F 100 -8.15 15.37 27.29
C GLY F 100 -8.99 14.42 26.45
N LEU F 101 -8.37 13.57 25.65
CA LEU F 101 -9.13 12.69 24.77
CA LEU F 101 -9.02 12.62 24.75
C LEU F 101 -9.52 11.36 25.42
N ASP F 102 -8.94 11.04 26.58
CA ASP F 102 -9.26 9.83 27.31
C ASP F 102 -10.78 9.61 27.57
N PRO F 103 -11.40 8.57 27.00
CA PRO F 103 -12.83 8.40 27.19
C PRO F 103 -13.20 7.88 28.58
N ARG F 104 -12.21 7.40 29.34
CA ARG F 104 -12.44 6.94 30.71
C ARG F 104 -12.88 8.07 31.68
N LYS F 105 -12.51 9.30 31.40
CA LYS F 105 -12.93 10.42 32.21
C LYS F 105 -14.34 10.91 31.86
N CYS F 106 -15.01 10.27 30.90
CA CYS F 106 -16.36 10.66 30.51
C CYS F 106 -17.37 9.85 31.27
N GLN F 107 -18.34 10.53 31.82
N GLN F 107 -18.27 10.58 31.90
CA GLN F 107 -19.32 9.82 32.65
CA GLN F 107 -19.42 10.08 32.61
C GLN F 107 -20.66 9.33 32.06
C GLN F 107 -20.66 10.55 31.83
N ASN F 108 -21.48 10.24 31.57
N ASN F 108 -21.65 9.68 31.79
CA ASN F 108 -22.84 10.01 31.25
CA ASN F 108 -22.96 10.01 31.27
C ASN F 108 -23.05 10.33 29.79
C ASN F 108 -22.90 10.33 29.78
N PRO F 109 -23.07 9.29 28.94
CA PRO F 109 -23.32 9.49 27.49
C PRO F 109 -24.62 10.23 27.28
N SER F 110 -24.66 11.24 26.41
CA SER F 110 -25.95 11.84 26.04
C SER F 110 -26.68 11.03 24.97
N ILE F 111 -27.99 10.95 25.13
CA ILE F 111 -28.89 10.37 24.15
C ILE F 111 -29.76 11.49 23.57
N ILE F 112 -29.68 11.66 22.25
CA ILE F 112 -30.36 12.72 21.52
C ILE F 112 -31.18 12.10 20.38
N VAL F 113 -32.43 12.53 20.19
CA VAL F 113 -33.23 12.12 19.03
C VAL F 113 -33.82 13.35 18.36
N ILE F 114 -33.36 13.59 17.12
CA ILE F 114 -33.87 14.64 16.25
C ILE F 114 -34.86 14.03 15.27
N THR F 115 -36.01 14.67 15.07
CA THR F 115 -37.00 14.27 14.05
C THR F 115 -37.40 15.53 13.30
N LYS F 116 -37.28 15.48 11.98
CA LYS F 116 -37.56 16.61 11.10
C LYS F 116 -38.53 16.10 10.05
N PRO F 117 -39.53 16.92 9.67
CA PRO F 117 -40.46 16.51 8.62
C PRO F 117 -39.74 16.32 7.31
N TRP F 118 -40.16 15.32 6.55
CA TRP F 118 -39.78 15.13 5.15
C TRP F 118 -41.03 15.46 4.27
N GLY F 119 -40.98 16.62 3.61
CA GLY F 119 -42.03 17.02 2.70
C GLY F 119 -41.87 16.63 1.23
N GLY F 123 -37.01 12.88 -6.86
CA GLY F 123 -37.04 14.33 -7.01
C GLY F 123 -36.84 14.88 -8.42
N ASP F 124 -36.42 16.14 -8.47
CA ASP F 124 -36.02 16.85 -9.71
C ASP F 124 -34.68 16.29 -10.25
N LEU F 125 -33.73 16.06 -9.34
CA LEU F 125 -32.46 15.43 -9.65
C LEU F 125 -32.58 13.91 -9.96
N TYR F 126 -33.70 13.29 -9.60
CA TYR F 126 -33.94 11.86 -9.83
C TYR F 126 -34.54 11.53 -11.18
N GLU F 127 -35.08 12.53 -11.87
CA GLU F 127 -35.61 12.31 -13.20
C GLU F 127 -34.46 12.45 -14.16
N LYS F 128 -33.58 13.42 -13.87
CA LYS F 128 -32.42 13.69 -14.70
C LYS F 128 -31.20 12.82 -14.30
N GLY F 129 -31.09 12.50 -13.00
CA GLY F 129 -29.93 11.78 -12.45
C GLY F 129 -28.83 12.74 -11.98
N LEU F 130 -27.92 12.23 -11.16
CA LEU F 130 -26.86 13.05 -10.58
C LEU F 130 -25.58 12.94 -11.37
N THR F 131 -24.79 14.01 -11.30
CA THR F 131 -23.39 14.02 -11.73
C THR F 131 -22.49 13.68 -10.56
N ALA F 132 -21.47 12.85 -10.81
CA ALA F 132 -20.55 12.47 -9.73
C ALA F 132 -19.15 12.69 -10.17
N ILE F 133 -18.30 12.93 -9.17
CA ILE F 133 -16.86 13.01 -9.44
C ILE F 133 -16.18 12.10 -8.45
N THR F 134 -15.07 11.51 -8.88
CA THR F 134 -14.26 10.72 -8.00
CA THR F 134 -14.25 10.71 -8.00
C THR F 134 -13.29 11.67 -7.29
N VAL F 135 -13.11 11.53 -5.99
CA VAL F 135 -12.26 12.49 -5.24
C VAL F 135 -10.84 12.00 -5.06
N ALA F 136 -9.94 12.92 -4.77
CA ALA F 136 -8.56 12.59 -4.52
C ALA F 136 -8.36 11.97 -3.15
N VAL F 137 -9.09 12.44 -2.15
CA VAL F 137 -9.03 11.83 -0.82
C VAL F 137 -9.58 10.41 -0.87
N ARG F 138 -8.87 9.50 -0.22
CA ARG F 138 -9.34 8.14 -0.06
C ARG F 138 -10.31 8.11 1.11
N ARG F 139 -11.15 7.08 1.15
CA ARG F 139 -12.04 6.86 2.28
C ARG F 139 -11.18 6.53 3.51
N ASN F 140 -11.61 6.99 4.69
CA ASN F 140 -11.00 6.56 5.97
C ASN F 140 -10.78 5.06 5.91
N SER F 141 -9.60 4.61 6.29
CA SER F 141 -9.27 3.20 6.24
C SER F 141 -10.02 2.36 7.28
N PHE F 142 -10.33 1.13 6.89
CA PHE F 142 -10.92 0.11 7.77
C PHE F 142 -9.89 -0.38 8.82
N ASP F 143 -8.64 0.09 8.73
CA ASP F 143 -7.64 -0.17 9.82
C ASP F 143 -7.16 1.12 10.50
N ALA F 144 -7.90 2.24 10.33
CA ALA F 144 -7.56 3.54 10.90
C ALA F 144 -8.76 4.15 11.62
N LEU F 145 -9.82 4.42 10.89
CA LEU F 145 -11.04 4.96 11.45
C LEU F 145 -12.13 4.25 10.65
N PRO F 146 -12.50 3.02 11.07
CA PRO F 146 -13.31 2.17 10.20
C PRO F 146 -14.61 2.83 9.70
N PRO F 147 -14.80 2.91 8.37
CA PRO F 147 -16.00 3.60 7.88
C PRO F 147 -17.31 2.85 8.22
N ASN F 148 -17.22 1.57 8.63
CA ASN F 148 -18.37 0.84 9.09
C ASN F 148 -19.04 1.50 10.32
N ILE F 149 -18.27 2.26 11.11
CA ILE F 149 -18.79 2.99 12.28
C ILE F 149 -19.47 4.27 11.76
N SER F 151 -20.09 7.37 12.86
CA SER F 151 -19.68 8.17 14.01
C SER F 151 -19.85 9.64 13.71
N LEU F 152 -19.65 10.50 14.72
CA LEU F 152 -19.68 11.94 14.50
C LEU F 152 -18.39 12.43 13.80
N ASN F 153 -17.46 11.53 13.46
CA ASN F 153 -16.29 11.92 12.67
C ASN F 153 -16.63 11.83 11.20
N TYR F 154 -17.16 12.92 10.64
CA TYR F 154 -17.54 12.89 9.20
C TYR F 154 -16.76 13.84 8.33
N LEU F 155 -15.64 14.34 8.86
CA LEU F 155 -14.82 15.24 8.05
C LEU F 155 -14.24 14.63 6.77
N ASN F 156 -13.98 13.33 6.77
CA ASN F 156 -13.51 12.64 5.51
C ASN F 156 -14.58 12.83 4.43
N ASN F 157 -15.84 12.62 4.81
CA ASN F 157 -17.03 12.72 3.94
C ASN F 157 -17.20 14.17 3.48
N ILE F 158 -17.00 15.10 4.40
CA ILE F 158 -17.11 16.54 4.13
C ILE F 158 -16.01 17.01 3.16
N LEU F 159 -14.78 16.56 3.35
CA LEU F 159 -13.72 16.88 2.41
C LEU F 159 -14.06 16.42 0.99
N ALA F 160 -14.64 15.22 0.87
CA ALA F 160 -15.05 14.67 -0.42
C ALA F 160 -16.18 15.55 -1.00
N LYS F 161 -17.12 15.92 -0.14
CA LYS F 161 -18.20 16.80 -0.56
C LYS F 161 -17.69 18.18 -1.03
N ILE F 162 -16.69 18.73 -0.33
CA ILE F 162 -16.09 20.01 -0.69
C ILE F 162 -15.45 19.87 -2.07
N GLU F 163 -14.74 18.76 -2.32
CA GLU F 163 -14.15 18.50 -3.63
C GLU F 163 -15.25 18.46 -4.69
N ALA F 164 -16.33 17.72 -4.43
CA ALA F 164 -17.44 17.63 -5.41
C ALA F 164 -18.07 19.01 -5.70
N ASN F 165 -18.30 19.82 -4.66
CA ASN F 165 -18.84 21.18 -4.80
C ASN F 165 -17.93 22.00 -5.70
N ALA F 166 -16.62 21.91 -5.53
CA ALA F 166 -15.66 22.69 -6.30
C ALA F 166 -15.47 22.14 -7.70
N LYS F 167 -15.82 20.87 -7.93
CA LYS F 167 -15.41 20.19 -9.14
C LYS F 167 -16.59 19.83 -10.03
N GLY F 168 -17.76 20.36 -9.70
CA GLY F 168 -18.94 20.20 -10.51
C GLY F 168 -19.67 18.88 -10.36
N GLY F 169 -19.58 18.23 -9.22
CA GLY F 169 -20.34 17.01 -9.03
C GLY F 169 -21.42 17.24 -7.97
N ASP F 170 -22.55 16.59 -8.13
CA ASP F 170 -23.59 16.52 -7.11
C ASP F 170 -23.15 15.61 -6.01
N GLU F 171 -22.32 14.61 -6.34
CA GLU F 171 -21.90 13.58 -5.40
C GLU F 171 -20.40 13.28 -5.64
N ALA F 172 -19.73 12.90 -4.54
CA ALA F 172 -18.35 12.50 -4.54
C ALA F 172 -18.28 10.99 -4.46
N ILE F 173 -17.36 10.37 -5.22
CA ILE F 173 -17.12 8.93 -5.08
C ILE F 173 -15.71 8.69 -4.52
N PHE F 174 -15.63 7.90 -3.45
CA PHE F 174 -14.37 7.56 -2.82
C PHE F 174 -13.81 6.27 -3.38
N LEU F 175 -12.48 6.21 -3.51
CA LEU F 175 -11.72 4.95 -3.56
C LEU F 175 -11.20 4.71 -2.14
N ASP F 176 -10.77 3.49 -1.86
CA ASP F 176 -10.22 3.16 -0.55
C ASP F 176 -8.69 3.17 -0.58
N ARG F 177 -8.08 2.86 0.58
CA ARG F 177 -6.63 2.88 0.77
CA ARG F 177 -6.64 2.89 0.78
C ARG F 177 -5.90 1.91 -0.16
N ASN F 178 -6.62 0.93 -0.71
CA ASN F 178 -6.04 -0.12 -1.58
C ASN F 178 -6.41 0.09 -3.05
N GLY F 179 -7.05 1.24 -3.36
CA GLY F 179 -7.42 1.62 -4.74
C GLY F 179 -8.78 1.13 -5.25
N TYR F 180 -9.56 0.44 -4.41
CA TYR F 180 -10.88 -0.06 -4.80
C TYR F 180 -11.95 1.00 -4.55
N VAL F 181 -13.02 0.95 -5.31
CA VAL F 181 -14.19 1.82 -5.10
C VAL F 181 -14.77 1.52 -3.73
N SER F 182 -15.11 2.58 -3.01
CA SER F 182 -15.64 2.41 -1.69
C SER F 182 -17.16 2.76 -1.72
N GLU F 183 -17.49 4.05 -1.82
CA GLU F 183 -18.86 4.53 -1.70
C GLU F 183 -18.88 6.01 -2.04
N GLY F 184 -20.07 6.63 -2.02
CA GLY F 184 -20.22 8.08 -2.11
C GLY F 184 -20.00 8.71 -0.75
N SER F 185 -19.93 10.04 -0.69
CA SER F 185 -19.74 10.71 0.61
C SER F 185 -20.81 10.40 1.65
N GLY F 186 -22.04 10.11 1.19
CA GLY F 186 -23.11 9.75 2.12
C GLY F 186 -23.98 8.57 1.69
N ASP F 187 -23.48 7.64 0.85
CA ASP F 187 -24.30 6.54 0.29
C ASP F 187 -23.47 5.44 -0.35
N ASN F 188 -24.02 4.24 -0.39
CA ASN F 188 -23.40 3.07 -1.05
C ASN F 188 -23.57 3.13 -2.55
N ILE F 189 -22.72 2.42 -3.29
CA ILE F 189 -22.68 2.53 -4.74
C ILE F 189 -22.90 1.16 -5.41
N PHE F 190 -23.68 1.15 -6.50
CA PHE F 190 -23.96 -0.08 -7.27
C PHE F 190 -23.69 0.20 -8.71
N VAL F 191 -23.18 -0.80 -9.41
CA VAL F 191 -22.85 -0.68 -10.82
C VAL F 191 -23.66 -1.76 -11.57
N VAL F 192 -24.25 -1.36 -12.68
CA VAL F 192 -25.04 -2.24 -13.54
C VAL F 192 -24.31 -2.37 -14.86
N LYS F 193 -24.04 -3.60 -15.27
CA LYS F 193 -23.30 -3.83 -16.50
C LYS F 193 -23.79 -5.14 -17.10
N ASN F 194 -24.26 -5.06 -18.35
CA ASN F 194 -24.84 -6.20 -19.10
C ASN F 194 -25.88 -6.93 -18.33
N GLY F 195 -26.83 -6.19 -17.74
CA GLY F 195 -27.88 -6.78 -16.96
C GLY F 195 -27.51 -7.36 -15.61
N ALA F 196 -26.24 -7.29 -15.24
CA ALA F 196 -25.80 -7.77 -13.91
C ALA F 196 -25.41 -6.59 -12.98
N ILE F 197 -25.58 -6.78 -11.69
CA ILE F 197 -25.28 -5.73 -10.72
C ILE F 197 -24.13 -6.12 -9.81
N THR F 198 -23.24 -5.18 -9.59
CA THR F 198 -22.14 -5.37 -8.64
C THR F 198 -22.12 -4.22 -7.64
N THR F 199 -21.66 -4.52 -6.43
CA THR F 199 -21.47 -3.54 -5.40
C THR F 199 -20.22 -3.93 -4.59
N PRO F 200 -19.47 -2.95 -4.06
CA PRO F 200 -18.30 -3.31 -3.25
C PRO F 200 -18.68 -4.11 -2.00
N PRO F 201 -17.78 -4.97 -1.49
CA PRO F 201 -18.05 -5.57 -0.15
C PRO F 201 -18.10 -4.41 0.85
N THR F 202 -18.60 -4.66 2.04
CA THR F 202 -18.89 -3.55 2.95
C THR F 202 -17.73 -3.11 3.83
N ILE F 203 -16.66 -3.90 3.89
CA ILE F 203 -15.48 -3.56 4.70
C ILE F 203 -14.91 -2.11 4.51
N ASN F 204 -14.88 -1.59 3.29
CA ASN F 204 -14.28 -0.30 3.05
C ASN F 204 -15.30 0.84 3.03
N ASN F 205 -16.57 0.53 3.34
CA ASN F 205 -17.64 1.53 3.28
C ASN F 205 -18.56 1.37 4.53
N LEU F 206 -19.86 1.46 4.40
CA LEU F 206 -20.76 1.28 5.51
C LEU F 206 -21.78 0.21 5.11
N ARG F 207 -22.15 -0.69 6.02
CA ARG F 207 -23.19 -1.69 5.75
CA ARG F 207 -23.19 -1.68 5.75
C ARG F 207 -24.55 -0.98 5.73
N GLY F 208 -24.87 -0.38 4.57
CA GLY F 208 -26.11 0.38 4.37
C GLY F 208 -27.34 -0.49 4.55
N ILE F 209 -28.31 0.07 5.26
CA ILE F 209 -29.59 -0.59 5.42
C ILE F 209 -30.40 -0.50 4.09
N THR F 210 -30.29 0.63 3.39
CA THR F 210 -30.88 0.74 2.07
C THR F 210 -30.20 -0.24 1.12
N ARG F 211 -28.87 -0.31 1.16
CA ARG F 211 -28.10 -1.23 0.34
C ARG F 211 -28.61 -2.67 0.55
N GLU F 212 -28.79 -3.08 1.81
CA GLU F 212 -29.30 -4.42 2.14
CA GLU F 212 -29.31 -4.41 2.16
C GLU F 212 -30.71 -4.65 1.54
N ALA F 213 -31.59 -3.66 1.71
CA ALA F 213 -32.95 -3.75 1.18
C ALA F 213 -32.92 -3.86 -0.35
N VAL F 214 -32.06 -3.08 -0.99
CA VAL F 214 -31.96 -3.09 -2.44
C VAL F 214 -31.42 -4.45 -2.93
N ILE F 215 -30.50 -5.05 -2.19
CA ILE F 215 -29.96 -6.36 -2.56
C ILE F 215 -31.07 -7.47 -2.45
N GLU F 216 -31.90 -7.39 -1.42
CA GLU F 216 -33.07 -8.24 -1.26
C GLU F 216 -34.00 -8.15 -2.50
N ILE F 217 -34.28 -6.93 -2.95
CA ILE F 217 -35.08 -6.70 -4.14
C ILE F 217 -34.39 -7.30 -5.37
N ILE F 218 -33.10 -7.03 -5.52
CA ILE F 218 -32.34 -7.54 -6.66
C ILE F 218 -32.45 -9.08 -6.73
N ASN F 219 -32.27 -9.74 -5.59
CA ASN F 219 -32.36 -11.19 -5.52
C ASN F 219 -33.78 -11.69 -5.82
N ARG F 220 -34.79 -11.00 -5.29
CA ARG F 220 -36.19 -11.34 -5.51
CA ARG F 220 -36.21 -11.30 -5.50
C ARG F 220 -36.52 -11.24 -7.00
N LEU F 221 -35.97 -10.24 -7.69
CA LEU F 221 -36.22 -10.06 -9.10
C LEU F 221 -35.36 -10.98 -9.96
N GLY F 222 -34.46 -11.74 -9.33
CA GLY F 222 -33.55 -12.59 -10.08
C GLY F 222 -32.56 -11.88 -10.99
N ILE F 223 -32.21 -10.62 -10.69
CA ILE F 223 -31.14 -9.95 -11.44
C ILE F 223 -29.78 -10.52 -10.96
N PRO F 224 -28.90 -10.95 -11.89
CA PRO F 224 -27.60 -11.48 -11.39
C PRO F 224 -26.84 -10.41 -10.58
N PHE F 225 -26.34 -10.83 -9.42
CA PHE F 225 -25.78 -9.92 -8.45
C PHE F 225 -24.51 -10.47 -7.89
N LYS F 226 -23.50 -9.63 -7.74
CA LYS F 226 -22.23 -10.05 -7.14
C LYS F 226 -21.70 -8.94 -6.24
N GLU F 227 -21.29 -9.31 -5.04
CA GLU F 227 -20.60 -8.40 -4.17
C GLU F 227 -19.11 -8.62 -4.43
N THR F 228 -18.44 -7.63 -4.99
CA THR F 228 -17.04 -7.81 -5.38
C THR F 228 -16.35 -6.44 -5.50
N ASN F 229 -15.02 -6.40 -5.48
CA ASN F 229 -14.34 -5.14 -5.68
C ASN F 229 -14.52 -4.58 -7.06
N ILE F 230 -14.72 -3.28 -7.11
CA ILE F 230 -14.94 -2.52 -8.33
CA ILE F 230 -14.80 -2.59 -8.39
C ILE F 230 -13.88 -1.40 -8.41
N GLY F 231 -13.55 -1.00 -9.63
CA GLY F 231 -12.55 0.00 -9.88
C GLY F 231 -13.11 1.14 -10.69
N LEU F 232 -12.30 2.19 -10.87
CA LEU F 232 -12.63 3.31 -11.72
C LEU F 232 -13.15 2.84 -13.08
N TYR F 233 -12.46 1.87 -13.69
CA TYR F 233 -12.87 1.31 -14.98
C TYR F 233 -14.35 0.85 -14.98
N ASP F 234 -14.78 0.15 -13.94
CA ASP F 234 -16.15 -0.33 -13.83
C ASP F 234 -17.16 0.80 -13.74
N LEU F 235 -16.78 1.87 -13.06
CA LEU F 235 -17.63 3.05 -12.98
C LEU F 235 -17.80 3.68 -14.36
N TYR F 236 -16.67 3.89 -15.03
CA TYR F 236 -16.66 4.64 -16.28
C TYR F 236 -17.38 3.88 -17.41
N THR F 237 -17.36 2.55 -17.37
CA THR F 237 -17.88 1.75 -18.48
C THR F 237 -19.22 1.09 -18.13
N ALA F 238 -19.80 1.45 -16.98
CA ALA F 238 -21.07 0.90 -16.53
C ALA F 238 -22.24 1.26 -17.47
N ASP F 239 -23.22 0.37 -17.58
CA ASP F 239 -24.51 0.69 -18.25
C ASP F 239 -25.28 1.65 -17.37
N GLU F 240 -25.26 1.45 -16.06
CA GLU F 240 -25.95 2.32 -15.11
C GLU F 240 -25.17 2.30 -13.79
N VAL F 241 -25.29 3.36 -13.01
CA VAL F 241 -24.72 3.48 -11.69
C VAL F 241 -25.78 4.15 -10.86
N PHE F 242 -25.91 3.69 -9.63
CA PHE F 242 -26.76 4.37 -8.66
C PHE F 242 -26.18 4.26 -7.25
N VAL F 243 -26.60 5.19 -6.41
CA VAL F 243 -26.23 5.22 -5.00
C VAL F 243 -27.46 5.07 -4.11
N THR F 244 -27.24 4.57 -2.91
CA THR F 244 -28.29 4.20 -2.00
C THR F 244 -27.99 4.70 -0.61
N GLY F 245 -29.02 5.23 0.05
CA GLY F 245 -28.94 5.63 1.44
C GLY F 245 -30.31 6.02 1.95
N THR F 246 -30.44 6.21 3.26
CA THR F 246 -31.70 6.56 3.88
C THR F 246 -32.33 7.84 3.31
N ALA F 247 -31.55 8.91 3.24
CA ALA F 247 -32.02 10.19 2.73
C ALA F 247 -32.17 10.16 1.22
N ALA F 248 -31.20 9.57 0.52
CA ALA F 248 -31.21 9.56 -0.94
C ALA F 248 -32.21 8.57 -1.54
N GLU F 249 -32.50 7.50 -0.80
CA GLU F 249 -33.18 6.31 -1.33
C GLU F 249 -32.32 5.73 -2.43
N ILE F 250 -32.78 5.75 -3.68
CA ILE F 250 -31.97 5.28 -4.79
C ILE F 250 -31.80 6.42 -5.75
N ALA F 251 -30.57 6.88 -5.89
CA ALA F 251 -30.27 8.02 -6.72
C ALA F 251 -29.43 7.57 -7.92
N PRO F 252 -29.93 7.81 -9.15
CA PRO F 252 -29.16 7.43 -10.35
C PRO F 252 -27.96 8.38 -10.54
N ILE F 253 -26.85 7.83 -11.00
CA ILE F 253 -25.67 8.60 -11.33
C ILE F 253 -25.49 8.46 -12.81
N VAL F 254 -25.54 9.57 -13.53
CA VAL F 254 -25.60 9.54 -15.00
C VAL F 254 -24.34 10.08 -15.66
N VAL F 255 -23.51 10.80 -14.90
CA VAL F 255 -22.19 11.30 -15.39
C VAL F 255 -21.16 11.06 -14.27
N ILE F 256 -20.03 10.46 -14.62
CA ILE F 256 -18.90 10.29 -13.67
C ILE F 256 -17.64 10.81 -14.36
N ASP F 257 -17.02 11.79 -13.71
CA ASP F 257 -15.78 12.41 -14.16
C ASP F 257 -15.89 12.81 -15.64
N GLY F 258 -16.96 13.52 -15.97
CA GLY F 258 -17.19 14.02 -17.31
C GLY F 258 -17.65 12.98 -18.33
N ARG F 259 -17.78 11.71 -17.94
CA ARG F 259 -18.20 10.66 -18.86
C ARG F 259 -19.66 10.32 -18.63
N LYS F 260 -20.44 10.31 -19.72
CA LYS F 260 -21.85 9.91 -19.66
C LYS F 260 -21.89 8.43 -19.31
N ILE F 261 -22.74 8.08 -18.35
CA ILE F 261 -22.92 6.67 -18.01
C ILE F 261 -24.04 6.12 -18.91
N GLY F 262 -23.71 5.12 -19.72
CA GLY F 262 -24.65 4.57 -20.72
C GLY F 262 -25.18 5.70 -21.60
N ASP F 263 -26.49 5.89 -21.58
CA ASP F 263 -27.11 6.94 -22.41
C ASP F 263 -27.20 8.27 -21.68
N GLY F 264 -26.70 8.35 -20.45
CA GLY F 264 -26.75 9.62 -19.72
C GLY F 264 -28.07 9.95 -19.06
N LYS F 265 -28.94 8.96 -18.97
CA LYS F 265 -30.24 9.11 -18.31
C LYS F 265 -30.38 7.99 -17.28
N PRO F 266 -31.25 8.14 -16.27
CA PRO F 266 -31.43 7.02 -15.34
C PRO F 266 -31.79 5.75 -16.07
N GLY F 267 -31.13 4.64 -15.77
CA GLY F 267 -31.31 3.40 -16.51
C GLY F 267 -32.55 2.60 -16.11
N GLU F 268 -32.87 1.61 -16.95
CA GLU F 268 -34.04 0.77 -16.77
CA GLU F 268 -34.04 0.71 -16.81
C GLU F 268 -34.00 -0.03 -15.49
N ILE F 269 -32.86 -0.65 -15.21
CA ILE F 269 -32.71 -1.43 -13.98
C ILE F 269 -32.81 -0.51 -12.75
N THR F 270 -32.19 0.67 -12.82
CA THR F 270 -32.25 1.64 -11.71
C THR F 270 -33.73 2.02 -11.46
N ARG F 271 -34.45 2.36 -12.54
CA ARG F 271 -35.87 2.79 -12.44
C ARG F 271 -36.74 1.68 -11.85
N LYS F 272 -36.50 0.45 -12.28
CA LYS F 272 -37.20 -0.69 -11.73
C LYS F 272 -36.95 -0.82 -10.22
N LEU F 273 -35.68 -0.68 -9.80
CA LEU F 273 -35.35 -0.77 -8.36
C LEU F 273 -35.93 0.38 -7.57
N MET F 274 -35.93 1.60 -8.15
CA MET F 274 -36.57 2.75 -7.52
C MET F 274 -38.05 2.46 -7.22
N GLU F 275 -38.78 1.87 -8.20
CA GLU F 275 -40.20 1.52 -8.03
CA GLU F 275 -40.19 1.54 -8.00
C GLU F 275 -40.36 0.48 -6.93
N GLU F 276 -39.58 -0.58 -7.02
CA GLU F 276 -39.66 -1.64 -6.03
C GLU F 276 -39.32 -1.17 -4.62
N PHE F 277 -38.38 -0.24 -4.52
CA PHE F 277 -38.00 0.28 -3.22
C PHE F 277 -39.13 1.16 -2.64
N SER F 278 -39.72 2.03 -3.48
CA SER F 278 -40.87 2.83 -3.10
C SER F 278 -42.00 1.98 -2.51
N LYS F 279 -42.31 0.87 -3.17
CA LYS F 279 -43.30 -0.08 -2.72
C LYS F 279 -42.96 -0.63 -1.36
N LEU F 280 -41.69 -0.97 -1.17
CA LEU F 280 -41.23 -1.52 0.11
C LEU F 280 -41.42 -0.54 1.27
N THR F 281 -41.14 0.74 1.02
CA THR F 281 -41.24 1.74 2.06
C THR F 281 -42.69 2.07 2.42
N GLU F 282 -43.60 1.83 1.48
CA GLU F 282 -45.03 2.08 1.68
C GLU F 282 -45.73 0.95 2.44
N SER F 283 -45.14 -0.23 2.43
CA SER F 283 -45.74 -1.38 3.06
C SER F 283 -44.98 -2.00 4.25
N GLU F 284 -43.92 -1.39 4.73
CA GLU F 284 -43.17 -2.00 5.82
C GLU F 284 -42.76 -0.99 6.85
N GLY F 285 -42.58 -1.42 8.09
CA GLY F 285 -42.15 -0.50 9.13
C GLY F 285 -42.90 -0.64 10.43
N VAL F 286 -42.27 -0.13 11.48
CA VAL F 286 -42.83 -0.12 12.81
C VAL F 286 -43.84 1.04 12.87
N PRO F 287 -45.11 0.76 13.20
CA PRO F 287 -46.14 1.80 13.27
C PRO F 287 -45.84 2.79 14.39
N ILE F 288 -45.96 4.08 14.09
CA ILE F 288 -45.77 5.13 15.09
C ILE F 288 -46.99 5.28 16.04
N TYR F 289 -48.20 5.22 15.47
CA TYR F 289 -49.46 5.48 16.16
C TYR F 289 -50.25 4.19 16.33
N GLU F 290 -50.25 3.62 17.54
CA GLU F 290 -50.63 2.23 17.81
C GLU F 290 -49.97 1.15 16.93
#